data_6UKB
#
_entry.id   6UKB
#
_cell.length_a   99.227
_cell.length_b   139.393
_cell.length_c   178.131
_cell.angle_alpha   90.000
_cell.angle_beta   90.000
_cell.angle_gamma   90.000
#
_symmetry.space_group_name_H-M   'P 21 21 21'
#
loop_
_entity.id
_entity.type
_entity.pdbx_description
1 polymer 'Glutaminase kidney isoform, mitochondrial'
2 non-polymer N-[5-(4-{[5-(acetylamino)-1,3,4-thiadiazol-2-yl]oxy}piperidin-1-yl)-1,3,4-thiadiazol-2-yl]acetamide
#
_entity_poly.entity_id   1
_entity_poly.type   'polypeptide(L)'
_entity_poly.pdbx_seq_one_letter_code
;LSSSPSEILQELGKGSTHPQPGVSPPAAPAAPGPKDGPGETDAFGNSEGKELVASGENKIKQGLLPSLEDLLFYTIAEGQ
EKIPVHKFITALKSTGLRTSDPRLKECMDMLRLTLQTTSDGVMLDKDLFKKCVQSNIVLLTQAFRRKFVIPDFMSFTSHI
DELYESAKKQSGGKVADYIPQLAKFSPDLWGVSVCTADGQRHSTGDTKVPFCLQSCVKPLKYAIAVNDLGTEYVHRYVGK
EPSGLRFNKLFLNEDDKPHNPMVNAGAIVVTSLIKQGVNNAEKFDYVMQFLNKMAGNEYVGFSNATFQSERESGDRNFAI
GYYLKEKKCFPEGTDMVGILDFYFQLCSIEVTCESASVMAATLANGGFCPITGERVLSPEAVRNTLSLMHSCGMYDFSGQ
FAFHVGLPAKSGVAGGILLVVPNVMGMMCWSPPLDKMGNSVKGIHFCHDLVSLCNFHNYDNLRHFAKKLDPRREGGDQRH
SFGPLDYESLQQELALKETVWKKVSPESNEDISTTVVYRMESLGEKS
;
_entity_poly.pdbx_strand_id   A,B,C,D
#
loop_
_chem_comp.id
_chem_comp.type
_chem_comp.name
_chem_comp.formula
Q9V non-polymer N-[5-(4-{[5-(acetylamino)-1,3,4-thiadiazol-2-yl]oxy}piperidin-1-yl)-1,3,4-thiadiazol-2-yl]acetamide 'C13 H17 N7 O3 S2'
#
# COMPACT_ATOMS: atom_id res chain seq x y z
N PRO A 66 -25.99 -44.23 -17.53
CA PRO A 66 -25.46 -43.07 -16.81
C PRO A 66 -24.09 -43.38 -16.17
N SER A 67 -23.44 -42.38 -15.55
CA SER A 67 -22.13 -42.57 -14.92
C SER A 67 -21.71 -41.34 -14.12
N LEU A 68 -21.33 -41.54 -12.85
CA LEU A 68 -21.09 -40.42 -11.93
C LEU A 68 -19.83 -39.64 -12.31
N GLU A 69 -18.74 -40.33 -12.69
CA GLU A 69 -17.53 -39.67 -13.19
C GLU A 69 -17.77 -38.96 -14.52
N ASP A 70 -18.66 -39.49 -15.37
CA ASP A 70 -18.94 -38.92 -16.69
C ASP A 70 -19.81 -37.67 -16.58
N LEU A 71 -20.81 -37.71 -15.70
CA LEU A 71 -21.71 -36.57 -15.54
C LEU A 71 -20.96 -35.36 -15.01
N LEU A 72 -20.04 -35.58 -14.06
CA LEU A 72 -19.19 -34.49 -13.58
C LEU A 72 -18.28 -33.96 -14.67
N PHE A 73 -17.86 -34.82 -15.62
CA PHE A 73 -17.00 -34.33 -16.70
C PHE A 73 -17.71 -33.27 -17.51
N TYR A 74 -18.97 -33.51 -17.89
CA TYR A 74 -19.69 -32.51 -18.67
C TYR A 74 -20.07 -31.31 -17.82
N THR A 75 -20.28 -31.51 -16.51
CA THR A 75 -20.54 -30.40 -15.61
C THR A 75 -19.43 -29.33 -15.69
N ILE A 76 -18.16 -29.76 -15.58
CA ILE A 76 -17.04 -28.81 -15.65
C ILE A 76 -16.50 -28.59 -17.06
N ALA A 77 -16.70 -29.55 -17.99
CA ALA A 77 -16.24 -29.35 -19.36
C ALA A 77 -17.00 -28.25 -20.06
N GLU A 78 -18.29 -28.08 -19.72
CA GLU A 78 -19.16 -27.06 -20.31
C GLU A 78 -19.40 -27.31 -21.80
N GLY A 79 -19.79 -28.54 -22.13
CA GLY A 79 -20.08 -28.91 -23.50
C GLY A 79 -18.89 -28.95 -24.43
N GLN A 80 -17.73 -28.49 -23.96
CA GLN A 80 -16.51 -28.35 -24.74
C GLN A 80 -15.79 -29.69 -24.83
N GLU A 81 -14.58 -29.67 -25.39
CA GLU A 81 -13.88 -30.85 -25.88
C GLU A 81 -13.09 -31.57 -24.78
N LYS A 82 -12.32 -30.80 -24.02
CA LYS A 82 -11.39 -31.30 -23.02
C LYS A 82 -11.24 -30.24 -21.93
N ILE A 83 -10.88 -30.69 -20.75
CA ILE A 83 -10.70 -29.83 -19.60
C ILE A 83 -9.21 -29.52 -19.45
N PRO A 84 -8.80 -28.27 -19.55
CA PRO A 84 -7.41 -27.93 -19.15
C PRO A 84 -7.19 -28.29 -17.68
N VAL A 85 -5.94 -28.57 -17.33
CA VAL A 85 -5.68 -28.99 -15.95
C VAL A 85 -5.90 -27.82 -14.99
N HIS A 86 -5.40 -26.64 -15.34
CA HIS A 86 -5.62 -25.49 -14.48
C HIS A 86 -7.10 -25.13 -14.34
N LYS A 87 -7.91 -25.33 -15.40
CA LYS A 87 -9.34 -25.01 -15.30
C LYS A 87 -10.05 -25.91 -14.31
N PHE A 88 -9.56 -27.13 -14.11
CA PHE A 88 -10.12 -28.02 -13.09
C PHE A 88 -9.68 -27.62 -11.70
N ILE A 89 -8.42 -27.20 -11.54
CA ILE A 89 -7.91 -26.83 -10.22
C ILE A 89 -8.61 -25.58 -9.68
N THR A 90 -8.74 -24.55 -10.52
CA THR A 90 -9.42 -23.34 -10.03
C THR A 90 -10.90 -23.62 -9.76
N ALA A 91 -11.54 -24.47 -10.57
CA ALA A 91 -12.89 -24.94 -10.26
C ALA A 91 -12.94 -25.66 -8.93
N LEU A 92 -11.89 -26.41 -8.61
CA LEU A 92 -11.89 -27.15 -7.36
C LEU A 92 -11.62 -26.22 -6.19
N LYS A 93 -10.63 -25.35 -6.33
CA LYS A 93 -10.27 -24.44 -5.24
C LYS A 93 -11.44 -23.54 -4.85
N SER A 94 -12.29 -23.18 -5.82
CA SER A 94 -13.42 -22.30 -5.59
C SER A 94 -14.55 -22.93 -4.78
N THR A 95 -14.59 -24.26 -4.65
CA THR A 95 -15.53 -24.91 -3.73
C THR A 95 -15.11 -24.79 -2.29
N GLY A 96 -13.95 -24.18 -2.02
CA GLY A 96 -13.37 -24.11 -0.69
C GLY A 96 -12.43 -25.24 -0.35
N LEU A 97 -12.44 -26.32 -1.12
CA LEU A 97 -11.46 -27.38 -0.92
C LEU A 97 -10.07 -26.86 -1.26
N ARG A 98 -9.09 -27.27 -0.47
CA ARG A 98 -7.72 -26.90 -0.75
C ARG A 98 -7.09 -28.06 -1.51
N THR A 99 -6.25 -27.71 -2.49
CA THR A 99 -5.73 -28.72 -3.41
C THR A 99 -4.83 -29.76 -2.71
N SER A 100 -4.55 -29.60 -1.41
CA SER A 100 -3.77 -30.57 -0.65
C SER A 100 -4.61 -31.36 0.35
N ASP A 101 -5.94 -31.36 0.21
CA ASP A 101 -6.81 -32.13 1.08
C ASP A 101 -6.38 -33.61 1.13
N PRO A 102 -6.24 -34.19 2.32
CA PRO A 102 -5.94 -35.62 2.42
C PRO A 102 -6.99 -36.55 1.80
N ARG A 103 -8.27 -36.15 1.77
CA ARG A 103 -9.27 -37.01 1.13
C ARG A 103 -9.16 -36.98 -0.39
N LEU A 104 -8.32 -36.10 -0.93
CA LEU A 104 -8.12 -35.93 -2.36
C LEU A 104 -6.74 -36.36 -2.81
N LYS A 105 -5.98 -37.03 -1.93
CA LYS A 105 -4.60 -37.35 -2.26
C LYS A 105 -4.52 -38.23 -3.49
N GLU A 106 -5.44 -39.20 -3.59
CA GLU A 106 -5.47 -40.13 -4.72
C GLU A 106 -5.69 -39.40 -6.03
N CYS A 107 -6.69 -38.51 -6.06
CA CYS A 107 -6.92 -37.68 -7.24
C CYS A 107 -5.71 -36.83 -7.58
N MET A 108 -5.05 -36.26 -6.58
CA MET A 108 -3.93 -35.39 -6.87
C MET A 108 -2.70 -36.17 -7.30
N ASP A 109 -2.59 -37.43 -6.84
CA ASP A 109 -1.47 -38.26 -7.27
C ASP A 109 -1.59 -38.61 -8.76
N MET A 110 -2.80 -38.97 -9.21
CA MET A 110 -3.01 -39.26 -10.62
C MET A 110 -2.79 -38.01 -11.49
N LEU A 111 -3.20 -36.85 -11.01
CA LEU A 111 -2.85 -35.61 -11.69
C LEU A 111 -1.33 -35.41 -11.72
N ARG A 112 -0.65 -35.66 -10.58
CA ARG A 112 0.81 -35.51 -10.57
C ARG A 112 1.47 -36.51 -11.52
N LEU A 113 0.84 -37.66 -11.73
CA LEU A 113 1.42 -38.63 -12.67
C LEU A 113 1.21 -38.21 -14.11
N THR A 114 -0.04 -37.92 -14.51
CA THR A 114 -0.34 -37.58 -15.90
C THR A 114 0.20 -36.22 -16.32
N LEU A 115 0.56 -35.33 -15.38
CA LEU A 115 1.20 -34.08 -15.78
C LEU A 115 2.64 -34.28 -16.21
N GLN A 116 3.17 -35.50 -16.07
CA GLN A 116 4.41 -35.94 -16.72
C GLN A 116 4.16 -36.77 -17.99
N THR A 117 3.06 -37.54 -18.03
CA THR A 117 2.80 -38.50 -19.10
C THR A 117 2.83 -37.86 -20.47
N THR A 118 2.23 -36.68 -20.60
CA THR A 118 2.18 -35.93 -21.86
C THR A 118 2.33 -34.45 -21.55
N SER A 119 3.54 -33.90 -21.71
CA SER A 119 3.63 -32.44 -21.76
C SER A 119 2.85 -31.88 -22.95
N ASP A 120 2.53 -32.73 -23.95
CA ASP A 120 1.53 -32.46 -24.98
C ASP A 120 0.13 -32.40 -24.36
N GLY A 121 -0.10 -31.37 -23.56
CA GLY A 121 -1.36 -31.20 -22.85
C GLY A 121 -1.70 -29.75 -22.73
N VAL A 122 -2.19 -29.36 -21.57
CA VAL A 122 -2.35 -30.31 -20.47
C VAL A 122 -3.84 -30.56 -20.35
N MET A 123 -4.36 -31.40 -21.25
CA MET A 123 -5.80 -31.53 -21.46
C MET A 123 -6.22 -32.94 -21.14
N LEU A 124 -7.36 -33.06 -20.47
CA LEU A 124 -7.86 -34.34 -20.00
C LEU A 124 -9.09 -34.69 -20.82
N ASP A 125 -9.11 -35.92 -21.35
CA ASP A 125 -10.26 -36.40 -22.09
C ASP A 125 -11.29 -36.90 -21.09
N LYS A 126 -12.45 -37.37 -21.58
CA LYS A 126 -13.40 -38.00 -20.68
C LYS A 126 -12.76 -39.16 -19.93
N ASP A 127 -11.88 -39.90 -20.60
CA ASP A 127 -11.29 -41.10 -20.01
C ASP A 127 -10.14 -40.74 -19.08
N LEU A 128 -9.37 -39.71 -19.42
CA LEU A 128 -8.25 -39.29 -18.58
C LEU A 128 -8.71 -38.55 -17.32
N PHE A 129 -9.71 -37.68 -17.45
CA PHE A 129 -10.33 -37.09 -16.26
C PHE A 129 -10.89 -38.18 -15.36
N LYS A 130 -11.62 -39.14 -15.96
CA LYS A 130 -12.15 -40.25 -15.17
C LYS A 130 -11.02 -41.08 -14.54
N LYS A 131 -9.85 -41.11 -15.19
CA LYS A 131 -8.70 -41.83 -14.64
C LYS A 131 -8.35 -41.34 -13.24
N CYS A 132 -8.37 -40.02 -13.03
CA CYS A 132 -7.97 -39.42 -11.76
C CYS A 132 -9.09 -39.40 -10.73
N VAL A 133 -10.27 -38.93 -11.14
CA VAL A 133 -11.35 -38.59 -10.21
C VAL A 133 -12.19 -39.77 -9.74
N GLN A 134 -12.02 -40.97 -10.29
CA GLN A 134 -12.87 -42.08 -9.84
C GLN A 134 -12.61 -42.39 -8.37
N SER A 135 -11.35 -42.29 -7.94
CA SER A 135 -10.99 -42.69 -6.59
C SER A 135 -11.72 -41.84 -5.56
N ASN A 136 -11.90 -40.55 -5.84
CA ASN A 136 -12.52 -39.56 -4.98
C ASN A 136 -13.76 -38.91 -5.64
N ILE A 137 -14.61 -39.70 -6.31
CA ILE A 137 -15.66 -39.09 -7.12
C ILE A 137 -16.81 -38.58 -6.27
N VAL A 138 -17.17 -39.29 -5.20
CA VAL A 138 -18.29 -38.85 -4.39
C VAL A 138 -17.98 -37.51 -3.72
N LEU A 139 -16.76 -37.34 -3.23
CA LEU A 139 -16.42 -36.07 -2.58
C LEU A 139 -16.35 -34.94 -3.60
N LEU A 140 -15.85 -35.22 -4.82
CA LEU A 140 -15.79 -34.21 -5.87
C LEU A 140 -17.18 -33.88 -6.40
N THR A 141 -18.08 -34.86 -6.48
CA THR A 141 -19.43 -34.55 -6.95
C THR A 141 -20.15 -33.65 -5.96
N GLN A 142 -20.13 -34.01 -4.68
CA GLN A 142 -20.73 -33.16 -3.66
C GLN A 142 -20.16 -31.75 -3.71
N ALA A 143 -18.85 -31.61 -3.93
CA ALA A 143 -18.25 -30.29 -3.95
C ALA A 143 -18.70 -29.47 -5.15
N PHE A 144 -19.01 -30.12 -6.26
CA PHE A 144 -19.36 -29.40 -7.47
C PHE A 144 -20.87 -29.25 -7.64
N ARG A 145 -21.66 -30.14 -7.07
CA ARG A 145 -23.11 -29.97 -7.03
C ARG A 145 -23.55 -29.15 -5.81
N ARG A 146 -22.60 -28.43 -5.19
CA ARG A 146 -22.86 -27.46 -4.13
C ARG A 146 -23.68 -28.06 -2.98
N LYS A 147 -23.34 -29.30 -2.61
CA LYS A 147 -23.94 -29.98 -1.47
C LYS A 147 -23.19 -29.68 -0.16
N PHE A 148 -22.15 -28.85 -0.21
CA PHE A 148 -21.37 -28.55 0.98
C PHE A 148 -22.13 -27.58 1.89
N VAL A 149 -21.81 -27.64 3.19
CA VAL A 149 -22.63 -27.01 4.23
C VAL A 149 -22.80 -25.52 3.97
N ILE A 150 -21.81 -24.90 3.35
CA ILE A 150 -21.89 -23.54 2.84
C ILE A 150 -21.74 -23.60 1.32
N PRO A 151 -22.85 -23.56 0.57
CA PRO A 151 -22.76 -23.86 -0.88
C PRO A 151 -22.00 -22.81 -1.67
N ASP A 152 -22.22 -21.53 -1.41
CA ASP A 152 -21.49 -20.48 -2.11
C ASP A 152 -20.34 -20.03 -1.20
N PHE A 153 -19.26 -20.82 -1.21
CA PHE A 153 -18.12 -20.53 -0.33
C PHE A 153 -17.36 -19.29 -0.76
N MET A 154 -17.34 -18.99 -2.05
CA MET A 154 -16.59 -17.83 -2.52
C MET A 154 -17.12 -16.55 -1.91
N SER A 155 -18.46 -16.43 -1.81
CA SER A 155 -19.08 -15.23 -1.25
C SER A 155 -18.86 -15.13 0.24
N PHE A 156 -18.96 -16.26 0.94
CA PHE A 156 -18.83 -16.27 2.40
C PHE A 156 -17.44 -15.81 2.84
N THR A 157 -16.39 -16.27 2.14
CA THR A 157 -15.03 -15.83 2.49
C THR A 157 -14.84 -14.33 2.24
N SER A 158 -15.54 -13.76 1.25
CA SER A 158 -15.52 -12.32 1.09
C SER A 158 -16.02 -11.62 2.34
N HIS A 159 -17.09 -12.17 2.96
CA HIS A 159 -17.61 -11.62 4.20
C HIS A 159 -16.63 -11.81 5.35
N ILE A 160 -15.98 -12.99 5.46
CA ILE A 160 -14.97 -13.19 6.50
C ILE A 160 -13.85 -12.15 6.36
N ASP A 161 -13.53 -11.78 5.12
CA ASP A 161 -12.52 -10.76 4.91
C ASP A 161 -13.00 -9.41 5.44
N GLU A 162 -14.26 -9.05 5.17
CA GLU A 162 -14.80 -7.82 5.75
C GLU A 162 -14.72 -7.86 7.27
N LEU A 163 -15.15 -8.97 7.88
CA LEU A 163 -15.14 -9.05 9.33
C LEU A 163 -13.70 -8.99 9.87
N TYR A 164 -12.76 -9.67 9.19
CA TYR A 164 -11.36 -9.58 9.60
C TYR A 164 -10.85 -8.14 9.54
N GLU A 165 -11.08 -7.46 8.41
CA GLU A 165 -10.56 -6.10 8.26
C GLU A 165 -11.20 -5.13 9.23
N SER A 166 -12.49 -5.35 9.55
CA SER A 166 -13.18 -4.49 10.50
C SER A 166 -12.60 -4.67 11.91
N ALA A 167 -12.16 -5.89 12.26
CA ALA A 167 -11.56 -6.11 13.58
C ALA A 167 -10.10 -5.65 13.62
N LYS A 168 -9.41 -5.65 12.48
CA LYS A 168 -8.00 -5.26 12.41
C LYS A 168 -7.77 -3.83 12.87
N LYS A 169 -8.83 -3.02 12.95
CA LYS A 169 -8.72 -1.63 13.37
C LYS A 169 -8.88 -1.44 14.88
N GLN A 170 -9.07 -2.50 15.65
CA GLN A 170 -9.20 -2.39 17.11
C GLN A 170 -7.84 -2.69 17.76
N SER A 171 -7.02 -1.67 17.89
CA SER A 171 -5.66 -1.89 18.34
C SER A 171 -5.53 -1.72 19.83
N GLY A 172 -6.64 -1.61 20.56
CA GLY A 172 -6.57 -1.57 22.00
C GLY A 172 -6.15 -2.92 22.55
N GLY A 173 -5.91 -2.94 23.85
CA GLY A 173 -5.52 -4.15 24.56
C GLY A 173 -4.05 -4.17 24.91
N LYS A 174 -3.69 -5.09 25.82
CA LYS A 174 -2.32 -5.29 26.26
C LYS A 174 -1.90 -6.74 26.07
N VAL A 175 -0.75 -6.94 25.41
CA VAL A 175 -0.18 -8.27 25.26
C VAL A 175 0.13 -8.86 26.62
N ALA A 176 -0.11 -10.16 26.78
CA ALA A 176 0.31 -10.80 28.01
C ALA A 176 1.81 -10.71 28.13
N ASP A 177 2.29 -10.14 29.22
CA ASP A 177 3.71 -9.92 29.44
C ASP A 177 4.20 -10.75 30.61
N TYR A 178 3.31 -11.54 31.23
CA TYR A 178 3.65 -12.26 32.46
C TYR A 178 4.80 -13.21 32.21
N ILE A 179 5.05 -13.55 30.95
CA ILE A 179 6.16 -14.40 30.53
C ILE A 179 6.87 -13.70 29.37
N PRO A 180 8.20 -13.75 29.28
CA PRO A 180 8.89 -13.07 28.16
C PRO A 180 8.56 -13.63 26.79
N GLN A 181 7.97 -14.84 26.72
CA GLN A 181 7.70 -15.50 25.45
C GLN A 181 6.39 -15.05 24.83
N LEU A 182 5.55 -14.36 25.60
CA LEU A 182 4.37 -13.71 25.05
C LEU A 182 4.55 -12.20 24.92
N ALA A 183 5.47 -11.59 25.69
CA ALA A 183 5.84 -10.19 25.49
C ALA A 183 6.58 -9.97 24.16
N LYS A 184 7.29 -10.99 23.66
CA LYS A 184 8.00 -10.85 22.39
C LYS A 184 7.07 -10.87 21.18
N PHE A 185 5.82 -11.31 21.34
CA PHE A 185 4.88 -11.36 20.22
C PHE A 185 4.30 -9.96 20.01
N SER A 186 4.28 -9.52 18.74
CA SER A 186 3.90 -8.18 18.32
C SER A 186 2.39 -7.98 18.41
N PRO A 187 1.95 -6.79 18.85
CA PRO A 187 0.52 -6.43 18.82
C PRO A 187 -0.06 -6.26 17.40
N ASP A 188 0.74 -6.41 16.35
CA ASP A 188 0.28 -6.22 14.99
C ASP A 188 -0.25 -7.49 14.36
N LEU A 189 0.02 -8.65 14.99
CA LEU A 189 -0.45 -9.94 14.51
C LEU A 189 -1.96 -10.10 14.69
N TRP A 190 -2.56 -10.77 13.72
CA TRP A 190 -3.99 -11.00 13.70
C TRP A 190 -4.28 -11.94 12.54
N GLY A 191 -4.76 -13.14 12.84
CA GLY A 191 -5.11 -14.09 11.79
C GLY A 191 -6.43 -14.77 12.14
N VAL A 192 -7.13 -15.22 11.09
CA VAL A 192 -8.40 -15.91 11.20
C VAL A 192 -8.42 -17.05 10.17
N SER A 193 -8.73 -18.27 10.62
CA SER A 193 -8.86 -19.43 9.73
C SER A 193 -10.22 -20.07 9.95
N VAL A 194 -10.85 -20.49 8.85
CA VAL A 194 -12.10 -21.21 8.87
C VAL A 194 -11.86 -22.64 8.37
N CYS A 195 -12.67 -23.57 8.85
CA CYS A 195 -12.70 -24.92 8.31
C CYS A 195 -14.12 -25.42 8.55
N THR A 196 -14.86 -25.70 7.47
CA THR A 196 -16.25 -26.12 7.61
C THR A 196 -16.32 -27.61 7.91
N ALA A 197 -17.51 -28.05 8.34
CA ALA A 197 -17.70 -29.46 8.60
C ALA A 197 -17.46 -30.31 7.36
N ASP A 198 -17.28 -29.69 6.18
CA ASP A 198 -17.03 -30.40 4.92
C ASP A 198 -15.61 -30.26 4.39
N GLY A 199 -14.77 -29.42 4.99
CA GLY A 199 -13.40 -29.28 4.57
C GLY A 199 -13.08 -28.00 3.81
N GLN A 200 -14.07 -27.14 3.58
CA GLN A 200 -13.81 -25.88 2.88
C GLN A 200 -12.97 -24.94 3.75
N ARG A 201 -11.82 -24.48 3.25
CA ARG A 201 -10.89 -23.72 4.06
C ARG A 201 -10.75 -22.30 3.56
N HIS A 202 -10.45 -21.39 4.49
CA HIS A 202 -10.06 -20.05 4.07
C HIS A 202 -9.32 -19.35 5.21
N SER A 203 -8.29 -18.58 4.87
CA SER A 203 -7.51 -17.86 5.88
C SER A 203 -7.36 -16.40 5.46
N THR A 204 -7.12 -15.55 6.45
CA THR A 204 -6.81 -14.15 6.21
C THR A 204 -5.91 -13.70 7.35
N GLY A 205 -4.84 -12.99 7.02
CA GLY A 205 -3.94 -12.48 8.04
C GLY A 205 -2.80 -13.44 8.38
N ASP A 206 -2.28 -13.32 9.60
CA ASP A 206 -1.11 -14.08 10.04
C ASP A 206 -1.54 -15.47 10.55
N THR A 207 -1.88 -16.32 9.56
CA THR A 207 -2.52 -17.59 9.83
C THR A 207 -1.56 -18.77 9.91
N LYS A 208 -0.27 -18.58 9.63
CA LYS A 208 0.71 -19.66 9.72
C LYS A 208 1.81 -19.38 10.75
N VAL A 209 1.59 -18.41 11.66
CA VAL A 209 2.56 -18.08 12.70
C VAL A 209 2.26 -18.96 13.91
N PRO A 210 3.15 -19.85 14.31
CA PRO A 210 2.83 -20.71 15.46
C PRO A 210 2.75 -19.93 16.77
N PHE A 211 1.79 -20.35 17.61
CA PHE A 211 1.60 -19.79 18.95
C PHE A 211 1.06 -20.87 19.89
N CYS A 212 1.21 -20.64 21.19
CA CYS A 212 0.79 -21.62 22.19
C CYS A 212 -0.71 -21.57 22.44
N LEU A 213 -1.29 -22.74 22.74
CA LEU A 213 -2.72 -22.76 23.04
C LEU A 213 -2.99 -22.11 24.38
N GLN A 214 -2.18 -22.42 25.38
CA GLN A 214 -2.43 -22.01 26.76
C GLN A 214 -3.81 -22.56 27.08
N SER A 215 -4.75 -21.75 27.53
CA SER A 215 -6.03 -22.28 28.00
C SER A 215 -6.98 -22.72 26.88
N CYS A 216 -6.68 -22.39 25.61
CA CYS A 216 -7.37 -23.03 24.50
C CYS A 216 -7.20 -24.55 24.51
N VAL A 217 -6.19 -25.07 25.20
CA VAL A 217 -6.00 -26.51 25.23
C VAL A 217 -6.92 -27.20 26.24
N LYS A 218 -7.52 -26.44 27.18
CA LYS A 218 -8.32 -27.08 28.21
C LYS A 218 -9.50 -27.86 27.65
N PRO A 219 -10.30 -27.34 26.70
CA PRO A 219 -11.40 -28.17 26.18
C PRO A 219 -10.91 -29.38 25.43
N LEU A 220 -9.74 -29.29 24.77
CA LEU A 220 -9.21 -30.39 23.98
C LEU A 220 -8.77 -31.56 24.87
N LYS A 221 -8.18 -31.29 26.03
CA LYS A 221 -7.81 -32.40 26.90
C LYS A 221 -9.04 -32.97 27.61
N TYR A 222 -9.99 -32.11 28.01
CA TYR A 222 -11.25 -32.62 28.57
C TYR A 222 -11.91 -33.60 27.60
N ALA A 223 -11.87 -33.26 26.30
CA ALA A 223 -12.46 -34.16 25.31
C ALA A 223 -11.76 -35.51 25.32
N ILE A 224 -10.42 -35.48 25.37
CA ILE A 224 -9.67 -36.73 25.37
C ILE A 224 -10.05 -37.57 26.59
N ALA A 225 -10.11 -36.93 27.76
CA ALA A 225 -10.38 -37.65 28.99
C ALA A 225 -11.76 -38.28 28.96
N VAL A 226 -12.77 -37.53 28.50
CA VAL A 226 -14.13 -38.07 28.38
C VAL A 226 -14.20 -39.08 27.27
N ASN A 227 -13.38 -38.92 26.24
CA ASN A 227 -13.35 -39.90 25.15
C ASN A 227 -12.88 -41.27 25.65
N ASP A 228 -11.88 -41.28 26.54
CA ASP A 228 -11.23 -42.50 27.00
C ASP A 228 -11.81 -43.09 28.27
N LEU A 229 -12.39 -42.27 29.14
CA LEU A 229 -12.79 -42.72 30.47
C LEU A 229 -14.28 -42.59 30.73
N GLY A 230 -15.00 -41.82 29.93
CA GLY A 230 -16.43 -41.68 30.09
C GLY A 230 -16.81 -40.56 31.03
N THR A 231 -18.07 -40.14 30.89
CA THR A 231 -18.55 -38.95 31.59
C THR A 231 -18.64 -39.17 33.09
N GLU A 232 -19.16 -40.32 33.51
CA GLU A 232 -19.42 -40.56 34.92
C GLU A 232 -18.11 -40.55 35.69
N TYR A 233 -17.03 -41.11 35.09
CA TYR A 233 -15.73 -41.12 35.75
C TYR A 233 -15.14 -39.73 35.87
N VAL A 234 -14.93 -39.08 34.73
CA VAL A 234 -14.29 -37.76 34.73
C VAL A 234 -15.03 -36.81 35.65
N HIS A 235 -16.35 -36.89 35.69
CA HIS A 235 -17.10 -35.98 36.52
C HIS A 235 -17.31 -36.49 37.95
N ARG A 236 -16.54 -37.50 38.37
CA ARG A 236 -16.30 -37.66 39.80
C ARG A 236 -15.29 -36.64 40.31
N TYR A 237 -14.45 -36.13 39.41
CA TYR A 237 -13.33 -35.29 39.78
C TYR A 237 -13.48 -33.80 39.44
N VAL A 238 -14.46 -33.40 38.61
CA VAL A 238 -14.66 -32.01 38.21
C VAL A 238 -16.15 -31.77 38.01
N GLY A 239 -16.59 -30.56 38.33
CA GLY A 239 -17.99 -30.20 38.17
C GLY A 239 -18.38 -29.98 36.71
N LYS A 240 -19.62 -29.49 36.53
CA LYS A 240 -20.18 -29.24 35.20
C LYS A 240 -20.76 -27.84 35.02
N GLU A 241 -21.07 -27.12 36.11
CA GLU A 241 -21.62 -25.77 36.14
C GLU A 241 -20.52 -24.73 36.06
N PRO A 242 -20.84 -23.49 35.68
CA PRO A 242 -19.95 -22.37 35.97
C PRO A 242 -20.05 -21.95 37.43
N SER A 243 -19.06 -21.19 37.88
CA SER A 243 -18.92 -20.94 39.31
C SER A 243 -19.74 -19.74 39.79
N GLY A 244 -19.76 -18.63 39.05
CA GLY A 244 -20.41 -17.41 39.51
C GLY A 244 -19.53 -16.19 39.47
N LEU A 245 -20.06 -15.06 38.98
CA LEU A 245 -19.20 -13.99 38.46
C LEU A 245 -18.27 -13.37 39.49
N ARG A 246 -18.45 -13.61 40.78
CA ARG A 246 -17.39 -13.39 41.78
C ARG A 246 -17.29 -14.61 42.68
N PHE A 247 -17.27 -15.79 42.04
CA PHE A 247 -16.67 -17.00 42.60
C PHE A 247 -15.42 -17.44 41.81
N ASN A 248 -14.75 -16.52 41.10
CA ASN A 248 -13.57 -16.83 40.27
C ASN A 248 -12.37 -17.23 41.11
N LYS A 249 -12.31 -16.75 42.34
CA LYS A 249 -11.14 -16.90 43.17
C LYS A 249 -11.14 -18.19 43.98
N LEU A 250 -12.27 -18.90 44.03
CA LEU A 250 -12.32 -20.23 44.64
C LEU A 250 -11.84 -21.31 43.67
N PHE A 251 -11.25 -22.37 44.22
CA PHE A 251 -10.76 -23.52 43.44
C PHE A 251 -11.80 -24.62 43.33
N LEU A 252 -12.52 -24.88 44.42
CA LEU A 252 -13.46 -25.98 44.57
C LEU A 252 -14.86 -25.41 44.77
N ASN A 253 -15.86 -26.18 44.34
CA ASN A 253 -17.28 -25.92 44.62
C ASN A 253 -17.63 -26.56 45.98
N GLU A 254 -18.93 -26.71 46.27
CA GLU A 254 -19.33 -27.24 47.58
C GLU A 254 -19.19 -28.75 47.70
N ASP A 255 -19.05 -29.49 46.60
CA ASP A 255 -18.81 -30.93 46.63
C ASP A 255 -17.33 -31.26 46.64
N ASP A 256 -16.46 -30.25 46.79
CA ASP A 256 -15.00 -30.36 46.84
C ASP A 256 -14.36 -30.83 45.53
N LYS A 257 -15.03 -30.63 44.42
CA LYS A 257 -14.49 -30.74 43.09
C LYS A 257 -14.32 -29.36 42.48
N PRO A 258 -13.30 -29.13 41.64
CA PRO A 258 -13.26 -27.86 40.88
C PRO A 258 -14.54 -27.67 40.09
N HIS A 259 -14.84 -26.41 39.77
CA HIS A 259 -16.17 -26.06 39.26
C HIS A 259 -16.46 -26.70 37.90
N ASN A 260 -15.44 -26.80 37.04
CA ASN A 260 -15.64 -27.23 35.66
C ASN A 260 -14.29 -27.33 34.96
N PRO A 261 -14.19 -28.06 33.85
CA PRO A 261 -12.88 -28.26 33.20
C PRO A 261 -12.29 -27.02 32.57
N MET A 262 -13.03 -25.93 32.43
CA MET A 262 -12.47 -24.76 31.76
C MET A 262 -11.69 -23.85 32.70
N VAL A 263 -11.74 -24.08 34.02
CA VAL A 263 -10.97 -23.27 34.98
C VAL A 263 -9.71 -24.02 35.39
N ASN A 264 -8.72 -23.26 35.91
CA ASN A 264 -7.37 -23.81 36.13
C ASN A 264 -7.38 -24.99 37.10
N ALA A 265 -8.10 -24.88 38.22
CA ALA A 265 -8.12 -26.00 39.16
C ALA A 265 -8.71 -27.26 38.52
N GLY A 266 -9.70 -27.12 37.65
CA GLY A 266 -10.24 -28.29 37.00
C GLY A 266 -9.41 -28.79 35.83
N ALA A 267 -8.77 -27.86 35.10
CA ALA A 267 -7.83 -28.27 34.06
C ALA A 267 -6.69 -29.09 34.66
N ILE A 268 -6.18 -28.66 35.82
CA ILE A 268 -5.15 -29.41 36.53
C ILE A 268 -5.67 -30.79 36.90
N VAL A 269 -6.89 -30.87 37.46
CA VAL A 269 -7.43 -32.20 37.78
C VAL A 269 -7.64 -33.03 36.52
N VAL A 270 -8.19 -32.42 35.45
CA VAL A 270 -8.44 -33.18 34.22
C VAL A 270 -7.16 -33.79 33.67
N THR A 271 -6.06 -33.03 33.74
CA THR A 271 -4.73 -33.50 33.33
C THR A 271 -4.27 -34.73 34.12
N SER A 272 -4.70 -34.89 35.36
CA SER A 272 -4.25 -36.05 36.11
C SER A 272 -5.04 -37.31 35.79
N LEU A 273 -6.01 -37.24 34.86
CA LEU A 273 -6.82 -38.38 34.45
C LEU A 273 -6.38 -39.01 33.14
N ILE A 274 -5.71 -38.23 32.29
CA ILE A 274 -5.33 -38.67 30.96
C ILE A 274 -4.21 -39.68 31.09
N LYS A 275 -4.47 -40.92 30.69
CA LYS A 275 -3.42 -41.91 30.46
C LYS A 275 -2.61 -42.19 31.72
N GLN A 276 -3.30 -42.54 32.81
CA GLN A 276 -2.59 -42.87 34.04
C GLN A 276 -1.77 -44.15 33.90
N GLY A 277 -0.75 -44.25 34.75
CA GLY A 277 0.09 -45.43 34.80
C GLY A 277 1.33 -45.37 33.94
N VAL A 278 1.33 -44.56 32.88
CA VAL A 278 2.52 -44.33 32.10
C VAL A 278 3.16 -43.03 32.59
N ASN A 279 4.44 -42.83 32.24
CA ASN A 279 5.19 -41.67 32.71
C ASN A 279 4.86 -40.42 31.88
N ASN A 280 5.41 -39.28 32.29
CA ASN A 280 4.98 -38.01 31.70
C ASN A 280 5.39 -37.88 30.24
N ALA A 281 6.45 -38.59 29.81
CA ALA A 281 6.85 -38.51 28.40
C ALA A 281 5.87 -39.26 27.50
N GLU A 282 5.40 -40.44 27.94
CA GLU A 282 4.42 -41.16 27.13
C GLU A 282 3.08 -40.45 27.13
N LYS A 283 2.65 -39.91 28.28
CA LYS A 283 1.41 -39.13 28.36
C LYS A 283 1.42 -38.01 27.33
N PHE A 284 2.50 -37.23 27.33
CA PHE A 284 2.61 -36.12 26.39
C PHE A 284 2.51 -36.61 24.95
N ASP A 285 3.17 -37.73 24.62
CA ASP A 285 3.16 -38.25 23.25
C ASP A 285 1.75 -38.66 22.86
N TYR A 286 1.03 -39.31 23.77
CA TYR A 286 -0.36 -39.69 23.54
C TYR A 286 -1.22 -38.46 23.21
N VAL A 287 -1.06 -37.35 23.95
CA VAL A 287 -1.87 -36.16 23.67
C VAL A 287 -1.45 -35.53 22.33
N MET A 288 -0.16 -35.60 21.99
CA MET A 288 0.24 -35.11 20.68
C MET A 288 -0.33 -35.95 19.56
N GLN A 289 -0.24 -37.29 19.67
CA GLN A 289 -0.92 -38.14 18.70
C GLN A 289 -2.40 -37.77 18.57
N PHE A 290 -3.07 -37.54 19.69
CA PHE A 290 -4.49 -37.18 19.66
C PHE A 290 -4.70 -35.81 19.03
N LEU A 291 -3.94 -34.80 19.46
CA LEU A 291 -4.06 -33.51 18.79
C LEU A 291 -3.66 -33.59 17.32
N ASN A 292 -2.88 -34.59 16.91
CA ASN A 292 -2.61 -34.71 15.49
C ASN A 292 -3.82 -35.21 14.71
N LYS A 293 -4.52 -36.24 15.21
CA LYS A 293 -5.72 -36.73 14.53
C LYS A 293 -6.72 -35.59 14.36
N MET A 294 -6.86 -34.76 15.38
CA MET A 294 -7.85 -33.70 15.39
C MET A 294 -7.58 -32.63 14.36
N ALA A 295 -6.32 -32.35 14.07
CA ALA A 295 -6.00 -31.30 13.10
C ALA A 295 -5.71 -31.87 11.71
N GLY A 296 -6.14 -33.10 11.43
CA GLY A 296 -5.88 -33.67 10.12
C GLY A 296 -4.41 -33.59 9.74
N ASN A 297 -3.57 -33.75 10.76
CA ASN A 297 -2.11 -33.80 10.63
C ASN A 297 -1.51 -32.47 10.19
N GLU A 298 -2.21 -31.36 10.44
CA GLU A 298 -1.66 -30.03 10.24
C GLU A 298 -0.76 -29.69 11.44
N TYR A 299 -0.26 -28.45 11.50
CA TYR A 299 0.84 -28.10 12.40
C TYR A 299 0.46 -28.23 13.87
N VAL A 300 1.13 -29.12 14.60
CA VAL A 300 1.09 -29.12 16.06
C VAL A 300 2.52 -29.12 16.59
N GLY A 301 2.86 -28.13 17.43
CA GLY A 301 4.20 -28.09 17.96
C GLY A 301 4.35 -27.89 19.46
N PHE A 302 5.53 -27.44 19.88
CA PHE A 302 5.80 -27.29 21.31
C PHE A 302 6.93 -26.29 21.50
N SER A 303 6.70 -25.33 22.37
CA SER A 303 7.69 -24.31 22.72
C SER A 303 8.36 -24.69 24.02
N ASN A 304 9.66 -25.03 23.98
CA ASN A 304 10.35 -25.27 25.24
C ASN A 304 10.52 -23.98 26.02
N ALA A 305 10.66 -22.86 25.32
CA ALA A 305 10.79 -21.55 25.98
C ALA A 305 9.57 -21.24 26.83
N THR A 306 8.37 -21.27 26.22
CA THR A 306 7.14 -21.01 26.95
C THR A 306 7.02 -21.96 28.13
N PHE A 307 7.38 -23.23 27.90
CA PHE A 307 7.30 -24.21 28.96
C PHE A 307 8.21 -23.85 30.14
N GLN A 308 9.39 -23.29 29.87
CA GLN A 308 10.31 -22.95 30.96
C GLN A 308 9.79 -21.77 31.78
N SER A 309 9.15 -20.79 31.14
CA SER A 309 8.67 -19.63 31.88
C SER A 309 7.41 -19.94 32.69
N GLU A 310 6.47 -20.73 32.12
CA GLU A 310 5.33 -21.19 32.92
C GLU A 310 5.82 -22.03 34.10
N ARG A 311 6.92 -22.76 33.93
CA ARG A 311 7.45 -23.62 34.97
C ARG A 311 8.03 -22.79 36.11
N GLU A 312 8.79 -21.74 35.79
CA GLU A 312 9.47 -20.96 36.81
C GLU A 312 8.65 -19.79 37.34
N SER A 313 7.43 -19.59 36.85
CA SER A 313 6.59 -18.49 37.31
C SER A 313 5.16 -18.96 37.61
N GLY A 314 5.00 -20.20 38.02
CA GLY A 314 3.65 -20.67 38.26
C GLY A 314 3.37 -20.89 39.72
N ASP A 315 3.58 -19.87 40.56
CA ASP A 315 3.30 -20.07 41.98
C ASP A 315 1.82 -20.29 42.22
N ARG A 316 0.95 -19.64 41.42
CA ARG A 316 -0.49 -19.87 41.60
C ARG A 316 -0.86 -21.31 41.30
N ASN A 317 -0.30 -21.88 40.23
CA ASN A 317 -0.64 -23.26 39.89
C ASN A 317 -0.11 -24.22 40.93
N PHE A 318 1.05 -23.91 41.53
CA PHE A 318 1.51 -24.70 42.67
C PHE A 318 0.59 -24.53 43.88
N ALA A 319 0.07 -23.32 44.09
CA ALA A 319 -0.92 -23.11 45.14
C ALA A 319 -2.16 -23.99 44.92
N ILE A 320 -2.70 -23.97 43.69
CA ILE A 320 -3.88 -24.79 43.39
C ILE A 320 -3.54 -26.26 43.61
N GLY A 321 -2.43 -26.71 43.04
CA GLY A 321 -2.09 -28.12 43.12
C GLY A 321 -2.02 -28.61 44.55
N TYR A 322 -1.37 -27.83 45.42
CA TYR A 322 -1.25 -28.25 46.82
C TYR A 322 -2.62 -28.26 47.52
N TYR A 323 -3.47 -27.26 47.22
CA TYR A 323 -4.82 -27.25 47.80
C TYR A 323 -5.62 -28.48 47.37
N LEU A 324 -5.45 -28.90 46.11
CA LEU A 324 -6.17 -30.08 45.63
C LEU A 324 -5.61 -31.35 46.26
N LYS A 325 -4.28 -31.42 46.46
CA LYS A 325 -3.68 -32.57 47.13
C LYS A 325 -4.21 -32.71 48.55
N GLU A 326 -4.32 -31.60 49.28
CA GLU A 326 -4.80 -31.66 50.66
C GLU A 326 -6.27 -32.09 50.72
N LYS A 327 -7.13 -31.56 49.84
CA LYS A 327 -8.54 -31.93 49.89
C LYS A 327 -8.85 -33.19 49.08
N LYS A 328 -7.82 -33.94 48.66
CA LYS A 328 -7.93 -35.29 48.07
C LYS A 328 -8.78 -35.33 46.79
N CYS A 329 -8.47 -34.42 45.87
CA CYS A 329 -9.17 -34.23 44.61
C CYS A 329 -8.62 -35.08 43.45
N PHE A 330 -7.36 -35.51 43.49
CA PHE A 330 -6.75 -36.30 42.42
C PHE A 330 -7.10 -37.77 42.57
N PRO A 331 -6.90 -38.57 41.52
CA PRO A 331 -7.07 -40.02 41.68
C PRO A 331 -5.91 -40.62 42.48
N GLU A 332 -6.19 -41.68 43.22
CA GLU A 332 -5.18 -42.22 44.11
C GLU A 332 -3.98 -42.66 43.28
N GLY A 333 -2.79 -42.39 43.80
CA GLY A 333 -1.57 -42.70 43.08
C GLY A 333 -1.05 -41.58 42.21
N THR A 334 -1.50 -40.35 42.45
CA THR A 334 -1.07 -39.18 41.71
C THR A 334 0.22 -38.61 42.29
N ASP A 335 1.18 -38.29 41.42
CA ASP A 335 2.32 -37.46 41.79
C ASP A 335 1.94 -36.02 41.45
N MET A 336 1.44 -35.28 42.44
CA MET A 336 0.90 -33.96 42.15
C MET A 336 1.94 -33.08 41.45
N VAL A 337 3.17 -33.03 41.98
CA VAL A 337 4.15 -32.14 41.38
C VAL A 337 4.48 -32.49 39.93
N GLY A 338 4.46 -33.77 39.57
CA GLY A 338 4.65 -34.13 38.18
C GLY A 338 3.51 -33.67 37.28
N ILE A 339 2.27 -33.77 37.77
CA ILE A 339 1.11 -33.38 36.98
C ILE A 339 1.15 -31.88 36.66
N LEU A 340 1.74 -31.06 37.53
CA LEU A 340 1.85 -29.65 37.19
C LEU A 340 2.82 -29.46 36.03
N ASP A 341 3.89 -30.26 36.01
CA ASP A 341 4.84 -30.23 34.91
C ASP A 341 4.17 -30.66 33.61
N PHE A 342 3.45 -31.78 33.63
CA PHE A 342 2.65 -32.17 32.46
C PHE A 342 1.64 -31.08 32.08
N TYR A 343 1.03 -30.42 33.08
CA TYR A 343 0.08 -29.36 32.80
C TYR A 343 0.76 -28.17 32.11
N PHE A 344 1.90 -27.71 32.67
CA PHE A 344 2.65 -26.63 32.03
C PHE A 344 3.06 -27.00 30.59
N GLN A 345 3.46 -28.25 30.37
CA GLN A 345 3.80 -28.68 29.02
C GLN A 345 2.62 -28.47 28.09
N LEU A 346 1.46 -29.04 28.45
CA LEU A 346 0.26 -28.95 27.60
C LEU A 346 -0.12 -27.53 27.28
N CYS A 347 0.13 -26.58 28.19
CA CYS A 347 -0.24 -25.20 27.89
C CYS A 347 0.72 -24.57 26.90
N SER A 348 1.85 -25.21 26.64
CA SER A 348 2.87 -24.70 25.73
C SER A 348 2.88 -25.44 24.41
N ILE A 349 1.84 -26.24 24.12
CA ILE A 349 1.67 -26.82 22.79
C ILE A 349 1.49 -25.70 21.79
N GLU A 350 2.07 -25.86 20.60
CA GLU A 350 2.00 -24.84 19.57
C GLU A 350 1.04 -25.28 18.47
N VAL A 351 0.30 -24.30 17.95
CA VAL A 351 -0.60 -24.43 16.79
C VAL A 351 -0.38 -23.20 15.94
N THR A 352 -0.90 -23.25 14.72
CA THR A 352 -1.12 -22.03 13.93
C THR A 352 -2.60 -21.77 13.90
N CYS A 353 -2.99 -20.62 13.36
CA CYS A 353 -4.41 -20.41 13.15
C CYS A 353 -4.96 -21.55 12.30
N GLU A 354 -4.31 -21.85 11.17
CA GLU A 354 -4.89 -22.82 10.25
C GLU A 354 -5.06 -24.17 10.93
N SER A 355 -4.01 -24.67 11.59
CA SER A 355 -4.10 -26.02 12.14
C SER A 355 -5.18 -26.12 13.20
N ALA A 356 -5.32 -25.08 14.02
CA ALA A 356 -6.33 -25.09 15.08
C ALA A 356 -7.75 -25.00 14.53
N SER A 357 -7.95 -24.30 13.42
CA SER A 357 -9.29 -24.20 12.86
C SER A 357 -9.80 -25.57 12.41
N VAL A 358 -8.88 -26.49 12.09
CA VAL A 358 -9.29 -27.87 11.80
C VAL A 358 -9.71 -28.57 13.09
N MET A 359 -8.91 -28.40 14.16
CA MET A 359 -9.29 -28.91 15.48
C MET A 359 -10.71 -28.47 15.84
N ALA A 360 -11.00 -27.17 15.72
CA ALA A 360 -12.34 -26.65 16.04
C ALA A 360 -13.41 -27.30 15.16
N ALA A 361 -13.12 -27.47 13.86
CA ALA A 361 -14.07 -28.15 12.98
C ALA A 361 -14.29 -29.60 13.39
N THR A 362 -13.29 -30.24 14.00
CA THR A 362 -13.49 -31.61 14.47
C THR A 362 -14.56 -31.67 15.56
N LEU A 363 -14.60 -30.66 16.44
CA LEU A 363 -15.67 -30.55 17.43
C LEU A 363 -16.99 -30.16 16.75
N ALA A 364 -16.91 -29.25 15.77
CA ALA A 364 -18.08 -28.87 14.97
C ALA A 364 -18.74 -30.04 14.26
N ASN A 365 -17.99 -31.10 13.99
CA ASN A 365 -18.42 -32.20 13.12
C ASN A 365 -18.70 -33.49 13.90
N GLY A 366 -19.14 -33.37 15.15
CA GLY A 366 -19.51 -34.55 15.93
C GLY A 366 -18.38 -35.51 16.26
N GLY A 367 -17.13 -35.07 16.09
CA GLY A 367 -15.98 -35.89 16.44
C GLY A 367 -15.19 -36.44 15.26
N PHE A 368 -15.67 -36.25 14.03
CA PHE A 368 -14.99 -36.72 12.81
C PHE A 368 -14.18 -35.57 12.22
N CYS A 369 -12.89 -35.77 12.04
CA CYS A 369 -12.06 -34.73 11.44
C CYS A 369 -12.51 -34.48 10.00
N PRO A 370 -12.79 -33.23 9.60
CA PRO A 370 -13.40 -32.99 8.29
C PRO A 370 -12.47 -33.12 7.10
N ILE A 371 -11.15 -33.00 7.27
CA ILE A 371 -10.23 -33.13 6.15
C ILE A 371 -9.61 -34.52 6.06
N THR A 372 -9.99 -35.44 6.96
CA THR A 372 -9.60 -36.84 6.80
C THR A 372 -10.73 -37.86 6.97
N GLY A 373 -11.88 -37.47 7.54
CA GLY A 373 -12.94 -38.42 7.82
C GLY A 373 -12.71 -39.37 8.97
N GLU A 374 -11.58 -39.27 9.68
CA GLU A 374 -11.34 -40.19 10.79
C GLU A 374 -12.20 -39.83 12.00
N ARG A 375 -12.72 -40.86 12.68
CA ARG A 375 -13.45 -40.67 13.94
C ARG A 375 -12.40 -40.51 15.03
N VAL A 376 -12.33 -39.31 15.60
CA VAL A 376 -11.28 -38.92 16.53
C VAL A 376 -11.78 -38.86 17.97
N LEU A 377 -13.04 -38.45 18.18
CA LEU A 377 -13.64 -38.31 19.50
C LEU A 377 -15.06 -38.85 19.49
N SER A 378 -15.45 -39.48 20.60
CA SER A 378 -16.80 -40.00 20.75
C SER A 378 -17.81 -38.86 20.79
N PRO A 379 -19.05 -39.11 20.38
CA PRO A 379 -20.03 -38.01 20.35
C PRO A 379 -20.29 -37.45 21.73
N GLU A 380 -20.15 -38.30 22.76
CA GLU A 380 -20.31 -37.90 24.16
C GLU A 380 -19.21 -36.94 24.61
N ALA A 381 -17.97 -37.20 24.19
CA ALA A 381 -16.90 -36.27 24.53
C ALA A 381 -17.11 -34.92 23.87
N VAL A 382 -17.57 -34.90 22.61
CA VAL A 382 -17.74 -33.63 21.91
C VAL A 382 -18.96 -32.87 22.45
N ARG A 383 -20.07 -33.57 22.73
CA ARG A 383 -21.24 -32.86 23.22
C ARG A 383 -20.93 -32.22 24.56
N ASN A 384 -20.24 -32.96 25.43
CA ASN A 384 -19.86 -32.44 26.73
C ASN A 384 -18.92 -31.25 26.60
N THR A 385 -17.95 -31.31 25.68
CA THR A 385 -17.00 -30.21 25.53
C THR A 385 -17.67 -28.95 25.03
N LEU A 386 -18.52 -29.07 24.02
CA LEU A 386 -19.25 -27.91 23.53
C LEU A 386 -20.18 -27.36 24.62
N SER A 387 -20.78 -28.25 25.43
CA SER A 387 -21.63 -27.79 26.52
C SER A 387 -20.85 -26.93 27.50
N LEU A 388 -19.62 -27.34 27.82
CA LEU A 388 -18.83 -26.66 28.85
C LEU A 388 -18.15 -25.42 28.29
N MET A 389 -17.80 -25.43 26.99
CA MET A 389 -17.30 -24.20 26.36
C MET A 389 -18.39 -23.11 26.30
N HIS A 390 -19.66 -23.50 26.09
CA HIS A 390 -20.74 -22.52 25.99
C HIS A 390 -20.80 -21.60 27.20
N SER A 391 -20.65 -22.17 28.40
CA SER A 391 -20.93 -21.48 29.65
C SER A 391 -19.70 -21.07 30.45
N CYS A 392 -18.52 -21.63 30.15
CA CYS A 392 -17.31 -21.45 30.95
C CYS A 392 -16.10 -21.04 30.11
N GLY A 393 -16.30 -20.69 28.84
CA GLY A 393 -15.17 -20.69 27.94
C GLY A 393 -14.35 -19.42 27.88
N MET A 394 -14.91 -18.32 28.35
CA MET A 394 -14.32 -17.01 28.09
C MET A 394 -14.05 -16.22 29.37
N TYR A 395 -13.61 -16.90 30.43
CA TYR A 395 -13.26 -16.27 31.72
C TYR A 395 -14.47 -15.49 32.26
N ASP A 396 -14.28 -14.30 32.86
CA ASP A 396 -15.41 -13.54 33.40
C ASP A 396 -16.37 -13.05 32.32
N PHE A 397 -15.96 -13.13 31.05
CA PHE A 397 -16.81 -12.79 29.93
C PHE A 397 -17.75 -13.92 29.51
N SER A 398 -17.63 -15.10 30.12
CA SER A 398 -18.41 -16.26 29.68
C SER A 398 -19.91 -15.94 29.64
N GLY A 399 -20.44 -15.32 30.71
CA GLY A 399 -21.86 -15.05 30.77
C GLY A 399 -22.32 -14.06 29.71
N GLN A 400 -21.65 -12.90 29.63
CA GLN A 400 -21.98 -11.93 28.58
C GLN A 400 -21.78 -12.55 27.21
N PHE A 401 -20.70 -13.32 27.05
CA PHE A 401 -20.42 -13.93 25.76
C PHE A 401 -21.48 -14.96 25.36
N ALA A 402 -21.83 -15.88 26.26
CA ALA A 402 -22.86 -16.87 25.92
C ALA A 402 -24.18 -16.21 25.51
N PHE A 403 -24.52 -15.09 26.14
CA PHE A 403 -25.73 -14.36 25.80
C PHE A 403 -25.67 -13.73 24.41
N HIS A 404 -24.61 -12.98 24.11
CA HIS A 404 -24.54 -12.16 22.89
C HIS A 404 -24.08 -12.93 21.66
N VAL A 405 -23.12 -13.83 21.81
CA VAL A 405 -22.59 -14.58 20.68
C VAL A 405 -23.24 -15.96 20.57
N GLY A 406 -23.43 -16.64 21.70
CA GLY A 406 -24.08 -17.93 21.68
C GLY A 406 -23.33 -19.01 20.92
N LEU A 407 -22.01 -19.00 20.97
CA LEU A 407 -21.24 -20.06 20.33
C LEU A 407 -20.26 -20.64 21.34
N PRO A 408 -20.06 -21.96 21.34
CA PRO A 408 -19.01 -22.53 22.21
C PRO A 408 -17.64 -22.00 21.79
N ALA A 409 -16.93 -21.41 22.73
CA ALA A 409 -15.64 -20.85 22.39
C ALA A 409 -14.68 -21.04 23.55
N LYS A 410 -13.39 -20.94 23.27
CA LYS A 410 -12.43 -21.02 24.37
C LYS A 410 -11.28 -20.08 24.09
N SER A 411 -10.88 -19.32 25.11
CA SER A 411 -9.87 -18.31 24.85
C SER A 411 -8.58 -18.62 25.61
N GLY A 412 -7.51 -17.96 25.18
CA GLY A 412 -6.20 -18.19 25.77
C GLY A 412 -5.40 -16.90 25.83
N VAL A 413 -4.37 -16.92 26.67
CA VAL A 413 -3.64 -15.71 27.02
C VAL A 413 -2.61 -15.32 25.94
N ALA A 414 -2.19 -16.26 25.11
CA ALA A 414 -1.42 -15.92 23.92
C ALA A 414 -2.25 -15.14 22.90
N GLY A 415 -3.56 -15.02 23.11
CA GLY A 415 -4.44 -14.32 22.21
C GLY A 415 -5.36 -15.19 21.36
N GLY A 416 -5.40 -16.50 21.62
CA GLY A 416 -6.23 -17.38 20.82
C GLY A 416 -7.67 -17.33 21.25
N ILE A 417 -8.55 -17.56 20.26
CA ILE A 417 -9.96 -17.88 20.51
C ILE A 417 -10.37 -18.99 19.56
N LEU A 418 -10.49 -20.21 20.07
CA LEU A 418 -10.94 -21.36 19.29
C LEU A 418 -12.46 -21.40 19.32
N LEU A 419 -13.09 -21.35 18.16
CA LEU A 419 -14.52 -21.07 18.02
C LEU A 419 -15.22 -22.17 17.24
N VAL A 420 -16.39 -22.57 17.70
CA VAL A 420 -17.11 -23.67 17.07
C VAL A 420 -18.51 -23.20 16.72
N VAL A 421 -18.89 -23.32 15.45
CA VAL A 421 -20.27 -23.17 15.02
C VAL A 421 -20.75 -24.59 14.72
N PRO A 422 -21.47 -25.22 15.65
CA PRO A 422 -21.84 -26.63 15.48
C PRO A 422 -22.59 -26.89 14.18
N ASN A 423 -22.20 -27.97 13.49
CA ASN A 423 -22.78 -28.43 12.22
C ASN A 423 -22.46 -27.53 11.03
N VAL A 424 -21.59 -26.52 11.19
CA VAL A 424 -21.24 -25.58 10.13
C VAL A 424 -19.73 -25.50 9.92
N MET A 425 -19.00 -25.14 10.96
CA MET A 425 -17.58 -24.86 10.79
C MET A 425 -16.91 -24.67 12.15
N GLY A 426 -15.58 -24.74 12.13
CA GLY A 426 -14.75 -24.40 13.28
C GLY A 426 -13.87 -23.24 12.90
N MET A 427 -13.29 -22.52 13.89
CA MET A 427 -12.54 -21.29 13.63
C MET A 427 -11.42 -21.13 14.64
N MET A 428 -10.39 -20.37 14.26
CA MET A 428 -9.38 -19.95 15.22
C MET A 428 -9.01 -18.50 14.93
N CYS A 429 -9.11 -17.64 15.93
CA CYS A 429 -8.68 -16.26 15.83
C CYS A 429 -7.47 -16.07 16.72
N TRP A 430 -6.62 -15.16 16.34
CA TRP A 430 -5.39 -15.00 17.09
C TRP A 430 -4.91 -13.58 16.94
N SER A 431 -4.89 -12.86 18.06
CA SER A 431 -4.30 -11.53 18.17
C SER A 431 -3.84 -11.42 19.61
N PRO A 432 -2.55 -11.20 19.83
CA PRO A 432 -2.00 -11.28 21.18
C PRO A 432 -2.59 -10.28 22.16
N PRO A 433 -2.95 -9.06 21.73
CA PRO A 433 -3.41 -8.07 22.74
C PRO A 433 -4.74 -8.47 23.38
N LEU A 434 -4.72 -8.65 24.71
CA LEU A 434 -5.89 -9.05 25.49
C LEU A 434 -6.56 -7.84 26.13
N ASP A 435 -7.86 -7.96 26.37
CA ASP A 435 -8.59 -6.93 27.09
C ASP A 435 -8.40 -7.17 28.60
N LYS A 436 -9.13 -6.41 29.43
CA LYS A 436 -8.96 -6.50 30.88
C LYS A 436 -9.61 -7.75 31.48
N MET A 437 -10.44 -8.47 30.73
CA MET A 437 -10.84 -9.77 31.25
C MET A 437 -9.98 -10.92 30.75
N GLY A 438 -9.05 -10.69 29.81
CA GLY A 438 -8.10 -11.71 29.39
C GLY A 438 -8.30 -12.31 28.01
N ASN A 439 -9.22 -11.76 27.20
CA ASN A 439 -9.59 -12.29 25.90
C ASN A 439 -9.06 -11.39 24.80
N SER A 440 -8.68 -12.01 23.68
CA SER A 440 -8.14 -11.22 22.58
C SER A 440 -9.16 -10.19 22.16
N VAL A 441 -8.70 -8.93 22.05
CA VAL A 441 -9.60 -7.83 21.70
C VAL A 441 -10.16 -8.02 20.29
N LYS A 442 -9.28 -8.17 19.28
CA LYS A 442 -9.75 -8.38 17.91
C LYS A 442 -10.62 -9.62 17.81
N GLY A 443 -10.21 -10.68 18.51
CA GLY A 443 -10.95 -11.91 18.49
C GLY A 443 -12.36 -11.73 19.01
N ILE A 444 -12.53 -10.98 20.11
CA ILE A 444 -13.89 -10.76 20.65
C ILE A 444 -14.71 -9.92 19.67
N HIS A 445 -14.09 -8.87 19.10
CA HIS A 445 -14.77 -8.02 18.12
C HIS A 445 -15.25 -8.85 16.95
N PHE A 446 -14.38 -9.73 16.45
CA PHE A 446 -14.77 -10.58 15.34
C PHE A 446 -15.99 -11.44 15.68
N CYS A 447 -16.00 -12.05 16.88
CA CYS A 447 -17.08 -12.96 17.25
C CYS A 447 -18.41 -12.23 17.36
N HIS A 448 -18.42 -11.02 17.93
CA HIS A 448 -19.66 -10.24 17.90
C HIS A 448 -20.12 -9.96 16.46
N ASP A 449 -19.21 -9.49 15.59
CA ASP A 449 -19.56 -9.18 14.20
C ASP A 449 -20.07 -10.41 13.47
N LEU A 450 -19.38 -11.55 13.63
CA LEU A 450 -19.80 -12.76 12.92
C LEU A 450 -21.25 -13.08 13.23
N VAL A 451 -21.61 -13.08 14.52
CA VAL A 451 -22.97 -13.45 14.89
C VAL A 451 -23.96 -12.34 14.53
N SER A 452 -23.54 -11.07 14.59
CA SER A 452 -24.40 -9.98 14.12
C SER A 452 -24.76 -10.16 12.65
N LEU A 453 -23.86 -10.75 11.85
CA LEU A 453 -24.09 -10.92 10.42
C LEU A 453 -24.84 -12.20 10.08
N CYS A 454 -24.53 -13.32 10.73
CA CYS A 454 -25.06 -14.62 10.34
C CYS A 454 -25.89 -15.22 11.46
N ASN A 455 -26.92 -15.98 11.07
CA ASN A 455 -27.81 -16.62 12.03
C ASN A 455 -27.12 -17.83 12.65
N PHE A 456 -25.86 -17.64 13.05
CA PHE A 456 -25.08 -18.69 13.69
C PHE A 456 -25.29 -18.74 15.21
N HIS A 457 -25.88 -17.68 15.81
CA HIS A 457 -26.18 -17.70 17.23
C HIS A 457 -26.95 -18.97 17.56
N ASN A 458 -26.56 -19.60 18.67
CA ASN A 458 -27.15 -20.86 19.10
C ASN A 458 -28.67 -20.85 19.13
N TYR A 459 -29.26 -19.72 19.47
CA TYR A 459 -30.69 -19.63 19.59
C TYR A 459 -31.29 -18.61 18.63
N ASP A 460 -30.57 -18.38 17.53
CA ASP A 460 -31.19 -17.88 16.32
C ASP A 460 -32.08 -18.98 15.78
N ASN A 461 -33.12 -18.58 15.09
CA ASN A 461 -34.02 -19.52 14.46
C ASN A 461 -33.55 -19.71 13.01
N LEU A 462 -33.53 -20.96 12.51
CA LEU A 462 -33.05 -21.18 11.14
C LEU A 462 -34.07 -20.82 10.06
N ARG A 463 -35.28 -20.43 10.42
CA ARG A 463 -36.33 -20.17 9.45
C ARG A 463 -36.76 -18.71 9.38
N HIS A 464 -36.90 -18.05 10.53
CA HIS A 464 -37.33 -16.65 10.63
C HIS A 464 -36.23 -15.86 11.31
N PHE A 465 -35.20 -15.46 10.55
CA PHE A 465 -34.00 -14.90 11.16
C PHE A 465 -33.78 -13.41 10.86
N ALA A 466 -34.83 -12.68 10.56
CA ALA A 466 -34.78 -11.20 10.45
C ALA A 466 -33.88 -10.79 9.29
N LYS A 467 -32.96 -9.84 9.47
CA LYS A 467 -32.15 -9.31 8.38
C LYS A 467 -30.73 -9.88 8.36
N LYS A 468 -30.46 -10.92 9.13
CA LYS A 468 -29.19 -11.62 9.08
C LYS A 468 -29.10 -12.51 7.82
N LEU A 469 -27.87 -12.68 7.34
CA LEU A 469 -27.54 -13.61 6.26
C LEU A 469 -27.38 -15.05 6.79
N ASP A 470 -27.70 -16.02 5.94
CA ASP A 470 -27.49 -17.45 6.22
C ASP A 470 -26.59 -18.09 5.16
N PRO A 471 -25.33 -18.37 5.48
CA PRO A 471 -24.43 -18.97 4.48
C PRO A 471 -24.76 -20.41 4.11
N ARG A 472 -25.73 -21.03 4.77
CA ARG A 472 -26.07 -22.41 4.44
C ARG A 472 -27.05 -22.54 3.28
N ARG A 473 -27.64 -21.44 2.82
CA ARG A 473 -28.62 -21.45 1.73
C ARG A 473 -28.06 -20.65 0.55
N GLU A 474 -28.82 -20.67 -0.56
CA GLU A 474 -28.37 -20.09 -1.84
C GLU A 474 -29.23 -18.88 -2.26
N PRO B 66 -7.20 -0.46 -33.39
CA PRO B 66 -6.68 0.73 -32.69
C PRO B 66 -5.45 0.42 -31.83
N SER B 67 -4.80 1.41 -31.22
CA SER B 67 -3.58 1.16 -30.46
C SER B 67 -3.11 2.35 -29.61
N LEU B 68 -2.75 2.08 -28.34
CA LEU B 68 -2.46 3.15 -27.40
C LEU B 68 -1.21 3.94 -27.78
N GLU B 69 -0.15 3.25 -28.19
CA GLU B 69 1.05 3.93 -28.70
C GLU B 69 0.75 4.68 -29.99
N ASP B 70 -0.15 4.14 -30.84
CA ASP B 70 -0.46 4.73 -32.15
C ASP B 70 -1.34 5.96 -32.00
N LEU B 71 -2.37 5.90 -31.14
CA LEU B 71 -3.24 7.05 -30.97
C LEU B 71 -2.48 8.20 -30.33
N LEU B 72 -1.61 7.89 -29.37
CA LEU B 72 -0.75 8.92 -28.80
C LEU B 72 0.18 9.51 -29.86
N PHE B 73 0.64 8.69 -30.82
CA PHE B 73 1.53 9.20 -31.87
C PHE B 73 0.85 10.30 -32.67
N TYR B 74 -0.39 10.09 -33.09
CA TYR B 74 -1.11 11.10 -33.88
C TYR B 74 -1.47 12.31 -33.02
N THR B 75 -1.70 12.10 -31.72
CA THR B 75 -2.00 13.22 -30.84
C THR B 75 -0.92 14.30 -30.99
N ILE B 76 0.35 13.91 -30.87
CA ILE B 76 1.48 14.83 -30.98
C ILE B 76 2.02 14.98 -32.42
N ALA B 77 1.73 14.03 -33.32
CA ALA B 77 2.19 14.12 -34.71
C ALA B 77 1.53 15.30 -35.44
N GLU B 78 0.27 15.58 -35.13
CA GLU B 78 -0.50 16.67 -35.75
C GLU B 78 -0.65 16.46 -37.26
N GLY B 79 -1.07 15.24 -37.64
CA GLY B 79 -1.32 14.92 -39.03
C GLY B 79 -0.08 14.85 -39.89
N GLN B 80 1.08 15.22 -39.36
CA GLN B 80 2.31 15.35 -40.11
C GLN B 80 2.95 13.98 -40.30
N GLU B 81 4.13 13.97 -40.91
CA GLU B 81 4.77 12.75 -41.40
C GLU B 81 5.60 12.06 -40.32
N LYS B 82 6.32 12.86 -39.54
CA LYS B 82 7.32 12.42 -38.60
C LYS B 82 7.38 13.45 -37.47
N ILE B 83 7.76 12.99 -36.28
CA ILE B 83 7.91 13.86 -35.12
C ILE B 83 9.40 14.14 -34.93
N PRO B 84 9.84 15.39 -34.98
CA PRO B 84 11.20 15.70 -34.52
C PRO B 84 11.38 15.31 -33.05
N VAL B 85 12.63 15.06 -32.65
CA VAL B 85 12.87 14.67 -31.27
C VAL B 85 12.65 15.85 -30.32
N HIS B 86 13.11 17.05 -30.69
CA HIS B 86 12.88 18.21 -29.82
C HIS B 86 11.39 18.51 -29.67
N LYS B 87 10.58 18.28 -30.73
CA LYS B 87 9.15 18.57 -30.66
C LYS B 87 8.45 17.69 -29.64
N PHE B 88 8.96 16.47 -29.45
CA PHE B 88 8.41 15.59 -28.42
C PHE B 88 8.89 15.96 -27.03
N ILE B 89 10.18 16.30 -26.89
CA ILE B 89 10.71 16.65 -25.57
C ILE B 89 10.04 17.90 -25.06
N THR B 90 9.84 18.90 -25.93
CA THR B 90 9.17 20.12 -25.52
C THR B 90 7.68 19.87 -25.21
N ALA B 91 7.03 18.99 -25.97
CA ALA B 91 5.65 18.60 -25.66
C ALA B 91 5.55 17.94 -24.29
N LEU B 92 6.55 17.16 -23.92
CA LEU B 92 6.52 16.42 -22.66
C LEU B 92 6.77 17.34 -21.48
N LYS B 93 7.74 18.26 -21.60
CA LYS B 93 8.02 19.17 -20.50
C LYS B 93 6.81 20.08 -20.20
N SER B 94 6.05 20.47 -21.23
CA SER B 94 4.91 21.33 -20.98
C SER B 94 3.81 20.61 -20.19
N THR B 95 3.83 19.29 -20.14
CA THR B 95 2.93 18.62 -19.21
C THR B 95 3.46 18.68 -17.79
N GLY B 96 4.65 19.26 -17.57
CA GLY B 96 5.27 19.33 -16.26
C GLY B 96 6.16 18.17 -15.87
N LEU B 97 6.08 17.04 -16.57
CA LEU B 97 7.02 15.97 -16.26
C LEU B 97 8.42 16.44 -16.59
N ARG B 98 9.39 16.01 -15.79
CA ARG B 98 10.76 16.37 -16.06
C ARG B 98 11.39 15.29 -16.90
N THR B 99 12.23 15.69 -17.84
CA THR B 99 12.75 14.72 -18.79
C THR B 99 13.61 13.67 -18.05
N SER B 100 13.83 13.85 -16.75
CA SER B 100 14.57 12.90 -15.92
C SER B 100 13.72 12.12 -14.92
N ASP B 101 12.39 12.14 -15.05
CA ASP B 101 11.53 11.34 -14.18
C ASP B 101 11.98 9.87 -14.18
N PRO B 102 12.10 9.23 -13.00
CA PRO B 102 12.43 7.80 -12.96
C PRO B 102 11.41 6.90 -13.66
N ARG B 103 10.12 7.26 -13.67
CA ARG B 103 9.06 6.51 -14.36
C ARG B 103 9.17 6.59 -15.89
N LEU B 104 10.11 7.38 -16.40
CA LEU B 104 10.32 7.56 -17.82
C LEU B 104 11.69 7.07 -18.25
N LYS B 105 12.39 6.31 -17.40
CA LYS B 105 13.79 5.98 -17.69
C LYS B 105 13.91 5.14 -18.96
N GLU B 106 13.06 4.12 -19.12
CA GLU B 106 13.15 3.29 -20.32
C GLU B 106 12.91 4.11 -21.57
N CYS B 107 11.86 4.94 -21.57
CA CYS B 107 11.60 5.82 -22.70
C CYS B 107 12.78 6.76 -23.00
N MET B 108 13.40 7.32 -21.96
CA MET B 108 14.51 8.23 -22.24
C MET B 108 15.77 7.45 -22.66
N ASP B 109 15.95 6.23 -22.16
CA ASP B 109 17.08 5.40 -22.56
C ASP B 109 16.97 5.03 -24.03
N MET B 110 15.76 4.64 -24.45
CA MET B 110 15.54 4.27 -25.84
C MET B 110 15.71 5.48 -26.75
N LEU B 111 15.32 6.67 -26.28
CA LEU B 111 15.60 7.89 -27.03
C LEU B 111 17.09 8.15 -27.15
N ARG B 112 17.84 8.03 -26.04
CA ARG B 112 19.28 8.22 -26.11
C ARG B 112 19.94 7.14 -26.97
N LEU B 113 19.33 5.96 -27.03
CA LEU B 113 19.87 4.89 -27.85
C LEU B 113 19.62 5.20 -29.34
N THR B 114 18.39 5.64 -29.69
CA THR B 114 18.04 5.96 -31.07
C THR B 114 18.74 7.22 -31.58
N LEU B 115 19.11 8.15 -30.69
CA LEU B 115 19.76 9.38 -31.15
C LEU B 115 21.19 9.19 -31.62
N GLN B 116 21.76 7.98 -31.52
CA GLN B 116 23.05 7.67 -32.12
C GLN B 116 22.98 6.97 -33.48
N THR B 117 22.06 5.99 -33.63
CA THR B 117 21.99 5.17 -34.84
C THR B 117 21.62 5.97 -36.08
N THR B 118 20.71 6.92 -35.95
CA THR B 118 20.26 7.70 -37.09
C THR B 118 20.50 9.16 -36.72
N SER B 119 21.75 9.58 -36.91
CA SER B 119 22.06 11.00 -36.93
C SER B 119 21.47 11.67 -38.17
N ASP B 120 21.18 10.87 -39.22
CA ASP B 120 20.28 11.22 -40.31
C ASP B 120 18.86 11.23 -39.76
N GLY B 121 18.58 12.22 -38.91
CA GLY B 121 17.33 12.35 -38.22
C GLY B 121 16.96 13.81 -38.10
N VAL B 122 16.54 14.20 -36.90
CA VAL B 122 16.48 13.27 -35.78
C VAL B 122 15.00 13.01 -35.49
N MET B 123 14.35 12.25 -36.39
CA MET B 123 12.89 12.18 -36.44
C MET B 123 12.43 10.74 -36.42
N LEU B 124 11.29 10.51 -35.74
CA LEU B 124 10.78 9.20 -35.39
C LEU B 124 9.55 8.81 -36.23
N ASP B 125 9.52 7.57 -36.70
CA ASP B 125 8.36 7.04 -37.42
C ASP B 125 7.27 6.64 -36.43
N LYS B 126 6.11 6.23 -36.96
CA LYS B 126 5.05 5.68 -36.11
C LYS B 126 5.59 4.52 -35.28
N ASP B 127 6.47 3.74 -35.90
CA ASP B 127 7.04 2.54 -35.32
C ASP B 127 8.24 2.84 -34.42
N LEU B 128 9.07 3.83 -34.79
CA LEU B 128 10.22 4.19 -33.97
C LEU B 128 9.80 4.96 -32.71
N PHE B 129 8.78 5.84 -32.83
CA PHE B 129 8.18 6.40 -31.63
C PHE B 129 7.63 5.30 -30.75
N LYS B 130 6.90 4.34 -31.35
CA LYS B 130 6.35 3.23 -30.59
C LYS B 130 7.46 2.41 -29.94
N LYS B 131 8.63 2.38 -30.58
CA LYS B 131 9.81 1.69 -30.04
C LYS B 131 10.14 2.15 -28.63
N CYS B 132 10.12 3.46 -28.40
CA CYS B 132 10.54 4.03 -27.12
C CYS B 132 9.40 4.07 -26.11
N VAL B 133 8.25 4.59 -26.52
CA VAL B 133 7.20 4.97 -25.58
C VAL B 133 6.35 3.83 -25.09
N GLN B 134 6.47 2.63 -25.66
CA GLN B 134 5.58 1.55 -25.22
C GLN B 134 5.83 1.22 -23.75
N SER B 135 7.09 1.28 -23.31
CA SER B 135 7.40 0.87 -21.95
C SER B 135 6.69 1.73 -20.93
N ASN B 136 6.55 3.02 -21.21
CA ASN B 136 5.96 4.01 -20.31
C ASN B 136 4.72 4.66 -20.91
N ILE B 137 3.89 3.87 -21.61
CA ILE B 137 2.83 4.47 -22.43
C ILE B 137 1.67 4.95 -21.59
N VAL B 138 1.33 4.24 -20.51
CA VAL B 138 0.20 4.67 -19.68
C VAL B 138 0.49 6.01 -19.01
N LEU B 139 1.72 6.20 -18.52
CA LEU B 139 2.08 7.47 -17.91
C LEU B 139 2.14 8.60 -18.94
N LEU B 140 2.66 8.32 -20.14
CA LEU B 140 2.75 9.36 -21.15
C LEU B 140 1.38 9.77 -21.67
N THR B 141 0.47 8.81 -21.83
CA THR B 141 -0.86 9.14 -22.34
C THR B 141 -1.59 10.01 -21.33
N GLN B 142 -1.57 9.62 -20.06
CA GLN B 142 -2.21 10.46 -19.03
C GLN B 142 -1.69 11.90 -19.09
N ALA B 143 -0.38 12.08 -19.28
CA ALA B 143 0.19 13.41 -19.30
C ALA B 143 -0.27 14.22 -20.51
N PHE B 144 -0.55 13.56 -21.64
CA PHE B 144 -0.86 14.24 -22.89
C PHE B 144 -2.36 14.43 -23.15
N ARG B 145 -3.22 13.57 -22.59
CA ARG B 145 -4.66 13.81 -22.55
C ARG B 145 -5.10 14.56 -21.28
N ARG B 146 -4.17 15.30 -20.65
CA ARG B 146 -4.50 16.22 -19.56
C ARG B 146 -5.28 15.53 -18.44
N LYS B 147 -4.88 14.31 -18.13
CA LYS B 147 -5.44 13.58 -17.01
C LYS B 147 -4.73 13.89 -15.71
N PHE B 148 -3.72 14.77 -15.73
CA PHE B 148 -2.97 15.05 -14.52
C PHE B 148 -3.73 15.99 -13.59
N VAL B 149 -3.41 15.91 -12.30
CA VAL B 149 -4.23 16.52 -11.26
C VAL B 149 -4.36 18.01 -11.51
N ILE B 150 -3.37 18.60 -12.15
CA ILE B 150 -3.43 19.96 -12.67
C ILE B 150 -3.28 19.90 -14.19
N PRO B 151 -4.39 19.95 -14.93
CA PRO B 151 -4.29 19.71 -16.40
C PRO B 151 -3.51 20.79 -17.12
N ASP B 152 -3.73 22.06 -16.76
CA ASP B 152 -3.02 23.18 -17.38
C ASP B 152 -1.89 23.63 -16.42
N PHE B 153 -0.80 22.87 -16.44
CA PHE B 153 0.36 23.14 -15.58
C PHE B 153 1.12 24.39 -16.02
N MET B 154 1.19 24.63 -17.33
CA MET B 154 1.93 25.80 -17.81
C MET B 154 1.31 27.09 -17.30
N SER B 155 -0.02 27.16 -17.22
CA SER B 155 -0.63 28.37 -16.70
C SER B 155 -0.42 28.48 -15.19
N PHE B 156 -0.51 27.35 -14.49
CA PHE B 156 -0.35 27.33 -13.03
C PHE B 156 1.03 27.80 -12.60
N THR B 157 2.10 27.36 -13.30
CA THR B 157 3.43 27.81 -12.92
C THR B 157 3.62 29.30 -13.18
N SER B 158 2.94 29.86 -14.17
CA SER B 158 2.98 31.31 -14.32
C SER B 158 2.49 32.00 -13.05
N HIS B 159 1.43 31.46 -12.43
CA HIS B 159 0.89 32.02 -11.18
C HIS B 159 1.85 31.85 -10.01
N ILE B 160 2.48 30.66 -9.86
CA ILE B 160 3.50 30.51 -8.82
C ILE B 160 4.63 31.50 -9.04
N ASP B 161 4.95 31.81 -10.30
CA ASP B 161 5.97 32.82 -10.56
C ASP B 161 5.53 34.20 -10.05
N GLU B 162 4.26 34.56 -10.25
CA GLU B 162 3.76 35.80 -9.66
C GLU B 162 3.85 35.75 -8.14
N LEU B 163 3.42 34.64 -7.51
CA LEU B 163 3.45 34.55 -6.05
C LEU B 163 4.86 34.62 -5.52
N TYR B 164 5.80 33.96 -6.19
CA TYR B 164 7.21 34.05 -5.80
C TYR B 164 7.69 35.49 -5.85
N GLU B 165 7.36 36.20 -6.94
CA GLU B 165 7.83 37.58 -7.10
C GLU B 165 7.19 38.54 -6.10
N SER B 166 5.93 38.30 -5.71
CA SER B 166 5.29 39.15 -4.71
C SER B 166 5.94 38.99 -3.34
N ALA B 167 6.36 37.77 -3.00
CA ALA B 167 7.00 37.55 -1.71
C ALA B 167 8.46 37.99 -1.71
N LYS B 168 9.11 37.98 -2.88
CA LYS B 168 10.50 38.42 -2.94
C LYS B 168 10.64 39.88 -2.51
N LYS B 169 9.54 40.62 -2.50
CA LYS B 169 9.55 42.03 -2.11
C LYS B 169 9.35 42.21 -0.60
N GLN B 170 9.18 41.13 0.16
CA GLN B 170 9.04 41.19 1.63
C GLN B 170 10.38 40.80 2.26
N SER B 171 11.23 41.81 2.46
CA SER B 171 12.61 41.58 2.89
C SER B 171 12.84 41.74 4.39
N GLY B 172 11.77 41.81 5.18
CA GLY B 172 11.90 41.82 6.63
C GLY B 172 12.34 40.48 7.20
N GLY B 173 12.53 40.47 8.53
CA GLY B 173 12.92 39.29 9.26
C GLY B 173 14.40 39.28 9.64
N LYS B 174 14.74 38.38 10.56
CA LYS B 174 16.11 38.18 11.03
C LYS B 174 16.52 36.73 10.83
N VAL B 175 17.65 36.54 10.14
CA VAL B 175 18.25 35.23 9.96
C VAL B 175 18.66 34.65 11.31
N ALA B 176 18.47 33.34 11.47
CA ALA B 176 18.85 32.66 12.72
C ALA B 176 20.33 32.84 13.03
N ASP B 177 20.62 33.28 14.26
CA ASP B 177 21.96 33.67 14.69
C ASP B 177 22.57 32.79 15.77
N TYR B 178 21.80 31.91 16.43
CA TYR B 178 22.35 31.21 17.58
C TYR B 178 23.45 30.22 17.21
N ILE B 179 23.58 29.85 15.94
CA ILE B 179 24.70 29.06 15.41
C ILE B 179 25.33 29.75 14.20
N PRO B 180 26.66 29.70 14.08
CA PRO B 180 27.36 30.35 12.95
C PRO B 180 27.01 29.77 11.59
N GLN B 181 26.41 28.58 11.53
CA GLN B 181 26.09 27.91 10.27
C GLN B 181 24.76 28.35 9.68
N LEU B 182 23.91 29.03 10.46
CA LEU B 182 22.70 29.64 9.93
C LEU B 182 22.82 31.14 9.75
N ALA B 183 23.74 31.79 10.45
CA ALA B 183 24.08 33.17 10.16
C ALA B 183 24.79 33.33 8.82
N LYS B 184 25.45 32.28 8.32
CA LYS B 184 26.21 32.38 7.07
C LYS B 184 25.32 32.52 5.83
N PHE B 185 24.04 32.17 5.93
CA PHE B 185 23.17 32.20 4.76
C PHE B 185 22.67 33.62 4.50
N SER B 186 22.64 33.98 3.22
CA SER B 186 22.29 35.34 2.83
C SER B 186 20.82 35.60 3.15
N PRO B 187 20.47 36.83 3.56
CA PRO B 187 19.05 37.14 3.79
C PRO B 187 18.20 37.17 2.52
N ASP B 188 18.80 37.19 1.33
CA ASP B 188 18.05 37.30 0.09
C ASP B 188 17.88 35.99 -0.68
N LEU B 189 18.42 34.88 -0.20
CA LEU B 189 18.07 33.59 -0.80
C LEU B 189 16.59 33.31 -0.59
N TRP B 190 15.97 32.67 -1.58
CA TRP B 190 14.53 32.47 -1.61
C TRP B 190 14.18 31.49 -2.73
N GLY B 191 13.55 30.37 -2.42
CA GLY B 191 13.14 29.42 -3.44
C GLY B 191 11.78 28.81 -3.17
N VAL B 192 11.13 28.36 -4.24
CA VAL B 192 9.85 27.66 -4.15
C VAL B 192 9.88 26.50 -5.13
N SER B 193 9.51 25.30 -4.68
CA SER B 193 9.41 24.15 -5.56
C SER B 193 8.08 23.44 -5.36
N VAL B 194 7.46 23.05 -6.47
CA VAL B 194 6.23 22.28 -6.45
C VAL B 194 6.50 20.88 -6.99
N CYS B 195 5.72 19.92 -6.49
CA CYS B 195 5.72 18.58 -7.08
C CYS B 195 4.34 17.99 -6.78
N THR B 196 3.57 17.72 -7.84
CA THR B 196 2.19 17.27 -7.69
C THR B 196 2.10 15.76 -7.47
N ALA B 197 0.91 15.30 -7.08
CA ALA B 197 0.72 13.87 -6.86
C ALA B 197 1.00 13.04 -8.13
N ASP B 198 1.19 13.70 -9.28
CA ASP B 198 1.43 13.04 -10.55
C ASP B 198 2.86 13.18 -11.05
N GLY B 199 3.68 14.03 -10.42
CA GLY B 199 5.05 14.18 -10.80
C GLY B 199 5.38 15.44 -11.56
N GLN B 200 4.40 16.32 -11.78
CA GLN B 200 4.66 17.57 -12.47
C GLN B 200 5.48 18.51 -11.58
N ARG B 201 6.61 19.02 -12.10
CA ARG B 201 7.57 19.79 -11.31
C ARG B 201 7.71 21.24 -11.78
N HIS B 202 8.01 22.12 -10.83
CA HIS B 202 8.38 23.48 -11.18
C HIS B 202 9.07 24.19 -10.04
N SER B 203 10.13 24.94 -10.35
CA SER B 203 10.89 25.69 -9.35
C SER B 203 11.10 27.13 -9.81
N THR B 204 11.28 28.02 -8.83
CA THR B 204 11.59 29.42 -9.09
C THR B 204 12.53 29.82 -7.98
N GLY B 205 13.63 30.50 -8.33
CA GLY B 205 14.57 30.91 -7.29
C GLY B 205 15.68 29.93 -6.96
N ASP B 206 16.19 30.01 -5.72
CA ASP B 206 17.34 29.22 -5.26
C ASP B 206 16.88 27.84 -4.78
N THR B 207 16.52 26.99 -5.74
CA THR B 207 15.90 25.74 -5.36
C THR B 207 16.86 24.57 -5.32
N LYS B 208 18.14 24.77 -5.65
CA LYS B 208 19.14 23.71 -5.59
C LYS B 208 20.24 24.00 -4.56
N VAL B 209 20.03 24.95 -3.66
CA VAL B 209 20.97 25.30 -2.61
C VAL B 209 20.65 24.43 -1.40
N PRO B 210 21.55 23.55 -0.96
CA PRO B 210 21.24 22.70 0.19
C PRO B 210 21.19 23.49 1.49
N PHE B 211 20.23 23.13 2.35
CA PHE B 211 20.05 23.72 3.67
C PHE B 211 19.48 22.66 4.61
N CYS B 212 19.57 22.91 5.91
CA CYS B 212 19.14 21.94 6.91
C CYS B 212 17.62 21.97 7.12
N LEU B 213 17.05 20.80 7.41
CA LEU B 213 15.63 20.74 7.71
C LEU B 213 15.34 21.36 9.06
N GLN B 214 16.12 21.01 10.06
CA GLN B 214 15.86 21.40 11.46
C GLN B 214 14.48 20.85 11.79
N SER B 215 13.54 21.67 12.27
CA SER B 215 12.30 21.15 12.81
C SER B 215 11.37 20.65 11.72
N CYS B 216 11.68 20.93 10.44
CA CYS B 216 10.95 20.29 9.35
C CYS B 216 11.12 18.77 9.35
N VAL B 217 12.15 18.24 10.01
CA VAL B 217 12.33 16.79 10.03
C VAL B 217 11.38 16.11 11.00
N LYS B 218 10.79 16.87 11.93
CA LYS B 218 9.92 16.28 12.96
C LYS B 218 8.74 15.53 12.35
N PRO B 219 8.03 16.05 11.35
CA PRO B 219 6.93 15.25 10.78
C PRO B 219 7.42 14.03 10.05
N LEU B 220 8.61 14.08 9.43
CA LEU B 220 9.10 12.93 8.67
C LEU B 220 9.50 11.79 9.59
N LYS B 221 10.08 12.09 10.75
CA LYS B 221 10.44 11.00 11.66
C LYS B 221 9.22 10.45 12.38
N TYR B 222 8.28 11.32 12.78
CA TYR B 222 7.02 10.81 13.32
C TYR B 222 6.37 9.86 12.33
N ALA B 223 6.41 10.20 11.02
CA ALA B 223 5.83 9.31 10.03
C ALA B 223 6.53 7.96 10.03
N ILE B 224 7.87 7.96 10.09
CA ILE B 224 8.62 6.72 10.11
C ILE B 224 8.22 5.89 11.34
N ALA B 225 8.11 6.57 12.49
CA ALA B 225 7.78 5.86 13.72
C ALA B 225 6.40 5.22 13.66
N VAL B 226 5.38 5.94 13.16
CA VAL B 226 4.04 5.36 13.06
C VAL B 226 3.97 4.35 11.93
N ASN B 227 4.80 4.53 10.90
CA ASN B 227 4.85 3.56 9.80
C ASN B 227 5.37 2.19 10.26
N ASP B 228 6.35 2.20 11.17
CA ASP B 228 7.01 0.98 11.63
C ASP B 228 6.35 0.34 12.85
N LEU B 229 5.65 1.10 13.68
CA LEU B 229 5.09 0.58 14.92
C LEU B 229 3.60 0.78 15.08
N GLY B 230 2.98 1.68 14.32
CA GLY B 230 1.55 1.93 14.42
C GLY B 230 1.19 3.01 15.42
N THR B 231 -0.04 3.51 15.28
CA THR B 231 -0.46 4.68 16.05
C THR B 231 -0.54 4.41 17.54
N GLU B 232 -1.16 3.30 17.94
CA GLU B 232 -1.39 3.07 19.36
C GLU B 232 -0.08 3.01 20.13
N TYR B 233 0.94 2.36 19.55
CA TYR B 233 2.21 2.25 20.25
C TYR B 233 2.85 3.62 20.41
N VAL B 234 3.00 4.34 19.31
CA VAL B 234 3.68 5.63 19.32
C VAL B 234 3.01 6.60 20.28
N HIS B 235 1.69 6.62 20.31
CA HIS B 235 1.02 7.61 21.13
C HIS B 235 0.82 7.15 22.58
N ARG B 236 1.55 6.10 23.00
CA ARG B 236 1.81 5.87 24.40
C ARG B 236 2.86 6.82 24.94
N TYR B 237 3.73 7.32 24.07
CA TYR B 237 4.87 8.13 24.48
C TYR B 237 4.73 9.60 24.16
N VAL B 238 3.73 10.00 23.37
CA VAL B 238 3.57 11.38 22.93
C VAL B 238 2.09 11.64 22.65
N GLY B 239 1.62 12.82 23.04
CA GLY B 239 0.22 13.18 22.86
C GLY B 239 -0.12 13.53 21.42
N LYS B 240 -1.37 13.97 21.20
CA LYS B 240 -1.84 14.25 19.84
C LYS B 240 -2.53 15.60 19.65
N GLU B 241 -2.47 16.51 20.62
CA GLU B 241 -3.09 17.82 20.54
C GLU B 241 -2.05 18.93 20.55
N PRO B 242 -2.41 20.14 20.11
CA PRO B 242 -1.60 21.31 20.46
C PRO B 242 -1.81 21.65 21.93
N SER B 243 -0.88 22.43 22.48
CA SER B 243 -0.79 22.61 23.93
C SER B 243 -1.62 23.76 24.46
N GLY B 244 -1.67 24.89 23.75
CA GLY B 244 -2.27 26.10 24.30
C GLY B 244 -1.33 27.27 24.13
N LEU B 245 -1.88 28.40 23.69
CA LEU B 245 -1.04 29.38 23.01
C LEU B 245 0.06 29.98 23.88
N ARG B 246 -0.03 29.88 25.20
CA ARG B 246 1.14 30.03 26.05
C ARG B 246 1.14 28.98 27.16
N PHE B 247 1.01 27.73 26.72
CA PHE B 247 1.55 26.55 27.39
C PHE B 247 2.79 26.03 26.63
N ASN B 248 3.47 26.94 25.89
CA ASN B 248 4.63 26.62 25.03
C ASN B 248 5.88 26.26 25.82
N LYS B 249 5.98 26.76 27.05
CA LYS B 249 7.18 26.67 27.83
C LYS B 249 7.25 25.34 28.58
N LEU B 250 6.14 24.62 28.65
CA LEU B 250 6.04 23.32 29.29
C LEU B 250 6.50 22.17 28.38
N PHE B 251 7.02 21.12 28.99
CA PHE B 251 7.49 19.96 28.25
C PHE B 251 6.43 18.87 28.10
N LEU B 252 5.69 18.60 29.18
CA LEU B 252 4.74 17.50 29.26
C LEU B 252 3.33 18.02 29.49
N ASN B 253 2.34 17.28 28.99
CA ASN B 253 0.93 17.52 29.28
C ASN B 253 0.59 16.87 30.64
N GLU B 254 -0.71 16.77 30.95
CA GLU B 254 -1.08 16.25 32.26
C GLU B 254 -0.93 14.74 32.37
N ASP B 255 -0.80 14.05 31.24
CA ASP B 255 -0.59 12.60 31.22
C ASP B 255 0.88 12.24 31.24
N ASP B 256 1.76 13.22 31.47
CA ASP B 256 3.21 13.05 31.57
C ASP B 256 3.83 12.53 30.27
N LYS B 257 3.14 12.75 29.12
CA LYS B 257 3.60 12.60 27.75
C LYS B 257 3.87 13.98 27.14
N PRO B 258 4.87 14.14 26.27
CA PRO B 258 4.97 15.40 25.53
C PRO B 258 3.72 15.64 24.70
N HIS B 259 3.41 16.92 24.46
CA HIS B 259 2.07 17.27 23.99
C HIS B 259 1.76 16.66 22.63
N ASN B 260 2.77 16.56 21.77
CA ASN B 260 2.61 16.14 20.38
C ASN B 260 3.98 16.10 19.71
N PRO B 261 4.10 15.41 18.56
CA PRO B 261 5.42 15.20 17.93
C PRO B 261 6.06 16.43 17.31
N MET B 262 5.31 17.52 17.11
CA MET B 262 5.89 18.68 16.45
C MET B 262 6.67 19.57 17.40
N VAL B 263 6.64 19.25 18.67
CA VAL B 263 7.26 19.96 19.78
C VAL B 263 8.64 19.37 20.06
N ASN B 264 9.54 20.17 20.64
CA ASN B 264 10.91 19.69 20.87
C ASN B 264 10.91 18.51 21.82
N ALA B 265 10.13 18.61 22.91
CA ALA B 265 10.04 17.52 23.86
C ALA B 265 9.46 16.25 23.24
N GLY B 266 8.52 16.39 22.31
CA GLY B 266 7.94 15.22 21.66
C GLY B 266 8.73 14.68 20.49
N ALA B 267 9.37 15.57 19.71
CA ALA B 267 10.30 15.11 18.69
C ALA B 267 11.42 14.31 19.31
N ILE B 268 11.94 14.77 20.46
CA ILE B 268 12.97 14.03 21.17
C ILE B 268 12.48 12.63 21.55
N VAL B 269 11.24 12.53 22.07
CA VAL B 269 10.73 11.22 22.44
C VAL B 269 10.55 10.34 21.20
N VAL B 270 9.97 10.88 20.12
CA VAL B 270 9.78 10.09 18.90
C VAL B 270 11.10 9.54 18.40
N THR B 271 12.16 10.36 18.47
CA THR B 271 13.49 9.89 18.09
C THR B 271 13.87 8.62 18.85
N SER B 272 13.37 8.46 20.08
CA SER B 272 13.73 7.29 20.87
C SER B 272 12.91 6.05 20.54
N LEU B 273 11.97 6.12 19.59
CA LEU B 273 11.21 4.93 19.22
C LEU B 273 11.67 4.29 17.90
N ILE B 274 12.37 5.04 17.05
CA ILE B 274 12.76 4.57 15.72
C ILE B 274 13.91 3.56 15.85
N LYS B 275 13.64 2.29 15.51
CA LYS B 275 14.68 1.27 15.33
C LYS B 275 15.42 1.02 16.65
N GLN B 276 14.66 0.72 17.72
CA GLN B 276 15.27 0.53 19.04
C GLN B 276 16.17 -0.69 19.04
N GLY B 277 17.18 -0.68 19.91
CA GLY B 277 18.05 -1.84 20.03
C GLY B 277 19.26 -1.83 19.11
N VAL B 278 19.19 -1.07 18.03
CA VAL B 278 20.30 -0.89 17.11
C VAL B 278 21.08 0.37 17.49
N ASN B 279 22.34 0.46 17.05
CA ASN B 279 23.19 1.58 17.48
C ASN B 279 22.94 2.81 16.61
N ASN B 280 23.57 3.93 17.02
CA ASN B 280 23.23 5.22 16.43
C ASN B 280 23.63 5.35 14.97
N ALA B 281 24.64 4.59 14.51
CA ALA B 281 25.01 4.70 13.11
C ALA B 281 24.00 3.98 12.22
N GLU B 282 23.59 2.78 12.61
CA GLU B 282 22.63 2.08 11.77
C GLU B 282 21.29 2.78 11.81
N LYS B 283 20.88 3.27 13.00
CA LYS B 283 19.65 4.05 13.13
C LYS B 283 19.62 5.19 12.11
N PHE B 284 20.69 6.00 12.10
CA PHE B 284 20.81 7.08 11.13
C PHE B 284 20.76 6.57 9.68
N ASP B 285 21.40 5.42 9.38
CA ASP B 285 21.35 4.89 8.01
C ASP B 285 19.92 4.51 7.64
N TYR B 286 19.21 3.86 8.56
CA TYR B 286 17.81 3.51 8.30
C TYR B 286 17.01 4.76 7.94
N VAL B 287 17.20 5.85 8.69
CA VAL B 287 16.42 7.06 8.43
C VAL B 287 16.83 7.68 7.11
N MET B 288 18.12 7.67 6.78
CA MET B 288 18.51 8.17 5.46
C MET B 288 17.94 7.33 4.33
N GLN B 289 18.08 5.99 4.42
CA GLN B 289 17.42 5.15 3.43
C GLN B 289 15.94 5.50 3.33
N PHE B 290 15.29 5.77 4.46
CA PHE B 290 13.86 6.08 4.44
C PHE B 290 13.61 7.41 3.75
N LEU B 291 14.41 8.44 4.08
CA LEU B 291 14.26 9.74 3.42
C LEU B 291 14.58 9.64 1.92
N ASN B 292 15.41 8.67 1.52
CA ASN B 292 15.69 8.55 0.10
C ASN B 292 14.48 8.07 -0.68
N LYS B 293 13.79 7.05 -0.17
CA LYS B 293 12.59 6.59 -0.87
C LYS B 293 11.60 7.76 -1.04
N MET B 294 11.49 8.61 -0.01
CA MET B 294 10.52 9.70 0.01
C MET B 294 10.83 10.78 -1.00
N ALA B 295 12.09 11.06 -1.27
CA ALA B 295 12.41 12.11 -2.22
C ALA B 295 12.68 11.57 -3.63
N GLY B 296 12.31 10.31 -3.90
CA GLY B 296 12.60 9.71 -5.20
C GLY B 296 14.06 9.81 -5.56
N ASN B 297 14.92 9.69 -4.55
CA ASN B 297 16.37 9.69 -4.71
C ASN B 297 16.91 11.05 -5.16
N GLU B 298 16.18 12.13 -4.92
CA GLU B 298 16.73 13.45 -5.13
C GLU B 298 17.63 13.80 -3.93
N TYR B 299 18.14 15.04 -3.89
CA TYR B 299 19.28 15.35 -3.01
C TYR B 299 18.93 15.26 -1.54
N VAL B 300 19.60 14.35 -0.83
CA VAL B 300 19.61 14.34 0.63
C VAL B 300 21.05 14.26 1.14
N GLY B 301 21.42 15.21 1.99
CA GLY B 301 22.75 15.27 2.55
C GLY B 301 22.79 15.40 4.07
N PHE B 302 23.88 15.95 4.60
CA PHE B 302 24.10 16.05 6.04
C PHE B 302 25.14 17.14 6.25
N SER B 303 24.88 18.07 7.16
CA SER B 303 25.86 19.10 7.48
C SER B 303 26.55 18.70 8.78
N ASN B 304 27.83 18.35 8.72
CA ASN B 304 28.55 18.04 9.95
C ASN B 304 28.80 19.30 10.76
N ALA B 305 28.97 20.45 10.09
CA ALA B 305 29.13 21.70 10.81
C ALA B 305 27.92 22.00 11.70
N THR B 306 26.72 21.95 11.11
CA THR B 306 25.50 22.20 11.88
C THR B 306 25.37 21.22 13.05
N PHE B 307 25.67 19.94 12.80
CA PHE B 307 25.55 18.94 13.86
C PHE B 307 26.51 19.25 15.02
N GLN B 308 27.73 19.72 14.73
CA GLN B 308 28.65 20.00 15.82
C GLN B 308 28.18 21.20 16.65
N SER B 309 27.61 22.22 15.99
CA SER B 309 27.15 23.41 16.70
C SER B 309 25.82 23.17 17.41
N GLU B 310 24.91 22.39 16.83
CA GLU B 310 23.66 22.07 17.51
C GLU B 310 23.88 21.34 18.84
N ARG B 311 24.85 20.43 18.89
CA ARG B 311 25.10 19.69 20.13
C ARG B 311 25.81 20.55 21.17
N GLU B 312 26.74 21.41 20.74
CA GLU B 312 27.54 22.17 21.67
C GLU B 312 26.84 23.45 22.17
N SER B 313 25.62 23.72 21.71
CA SER B 313 24.87 24.85 22.23
C SER B 313 23.42 24.47 22.50
N GLY B 314 23.16 23.19 22.77
CA GLY B 314 21.78 22.77 22.92
C GLY B 314 21.43 22.47 24.35
N ASP B 315 21.71 23.45 25.21
CA ASP B 315 21.48 23.26 26.64
C ASP B 315 20.00 23.05 26.94
N ARG B 316 19.12 23.71 26.18
CA ARG B 316 17.70 23.50 26.42
C ARG B 316 17.30 22.08 26.09
N ASN B 317 17.92 21.51 25.05
CA ASN B 317 17.60 20.14 24.66
C ASN B 317 18.07 19.13 25.71
N PHE B 318 19.22 19.36 26.33
CA PHE B 318 19.62 18.52 27.45
C PHE B 318 18.68 18.70 28.65
N ALA B 319 18.24 19.94 28.89
CA ALA B 319 17.22 20.17 29.89
C ALA B 319 15.98 19.32 29.61
N ILE B 320 15.52 19.32 28.35
CA ILE B 320 14.37 18.49 28.03
C ILE B 320 14.69 17.01 28.26
N GLY B 321 15.85 16.56 27.80
CA GLY B 321 16.20 15.15 27.93
C GLY B 321 16.25 14.68 29.36
N TYR B 322 16.88 15.48 30.23
CA TYR B 322 16.95 15.08 31.61
C TYR B 322 15.57 15.08 32.26
N TYR B 323 14.73 16.08 31.96
CA TYR B 323 13.37 16.09 32.49
C TYR B 323 12.55 14.91 32.00
N LEU B 324 12.75 14.51 30.73
CA LEU B 324 12.01 13.38 30.17
C LEU B 324 12.49 12.05 30.75
N LYS B 325 13.81 11.96 31.04
CA LYS B 325 14.37 10.79 31.73
C LYS B 325 13.81 10.65 33.14
N GLU B 326 13.74 11.76 33.89
CA GLU B 326 13.26 11.68 35.26
C GLU B 326 11.81 11.24 35.32
N LYS B 327 10.97 11.71 34.39
CA LYS B 327 9.54 11.36 34.42
C LYS B 327 9.25 10.09 33.66
N LYS B 328 10.30 9.32 33.30
CA LYS B 328 10.17 7.98 32.72
C LYS B 328 9.35 8.03 31.43
N CYS B 329 9.69 8.97 30.53
CA CYS B 329 8.94 9.19 29.29
C CYS B 329 9.35 8.30 28.15
N PHE B 330 10.59 7.83 28.18
CA PHE B 330 11.16 7.00 27.16
C PHE B 330 10.77 5.52 27.31
N PRO B 331 10.93 4.72 26.26
CA PRO B 331 10.73 3.28 26.40
C PRO B 331 11.92 2.64 27.12
N GLU B 332 11.66 1.47 27.71
CA GLU B 332 12.64 0.83 28.56
C GLU B 332 13.95 0.61 27.81
N GLY B 333 15.06 0.92 28.46
CA GLY B 333 16.37 0.68 27.91
C GLY B 333 16.95 1.72 26.99
N THR B 334 16.44 2.93 26.98
CA THR B 334 17.01 3.96 26.13
C THR B 334 18.15 4.67 26.86
N ASP B 335 19.21 4.96 26.12
CA ASP B 335 20.32 5.81 26.57
C ASP B 335 19.98 7.24 26.17
N MET B 336 19.46 8.00 27.12
CA MET B 336 18.95 9.32 26.81
C MET B 336 20.01 10.18 26.11
N VAL B 337 21.24 10.18 26.62
CA VAL B 337 22.29 11.01 26.02
C VAL B 337 22.60 10.64 24.58
N GLY B 338 22.48 9.36 24.22
CA GLY B 338 22.63 8.98 22.82
C GLY B 338 21.50 9.48 21.94
N ILE B 339 20.26 9.43 22.43
CA ILE B 339 19.13 9.87 21.64
C ILE B 339 19.18 11.38 21.38
N LEU B 340 19.79 12.16 22.26
CA LEU B 340 19.98 13.57 21.93
C LEU B 340 20.98 13.74 20.79
N ASP B 341 22.04 12.91 20.76
CA ASP B 341 22.97 12.94 19.62
C ASP B 341 22.27 12.55 18.32
N PHE B 342 21.55 11.41 18.33
CA PHE B 342 20.76 11.01 17.17
C PHE B 342 19.78 12.10 16.74
N TYR B 343 19.14 12.78 17.72
CA TYR B 343 18.20 13.87 17.40
C TYR B 343 18.93 15.05 16.77
N PHE B 344 20.05 15.48 17.37
CA PHE B 344 20.82 16.55 16.76
C PHE B 344 21.25 16.19 15.33
N GLN B 345 21.66 14.94 15.11
CA GLN B 345 21.99 14.54 13.74
C GLN B 345 20.80 14.76 12.82
N LEU B 346 19.63 14.18 13.16
CA LEU B 346 18.45 14.29 12.31
C LEU B 346 18.11 15.73 11.98
N CYS B 347 18.38 16.68 12.89
CA CYS B 347 18.11 18.09 12.63
C CYS B 347 19.10 18.70 11.66
N SER B 348 20.19 18.01 11.37
CA SER B 348 21.22 18.49 10.47
C SER B 348 21.20 17.81 9.10
N ILE B 349 20.13 17.05 8.80
CA ILE B 349 19.94 16.51 7.46
C ILE B 349 19.77 17.66 6.47
N GLU B 350 20.37 17.54 5.29
CA GLU B 350 20.30 18.60 4.29
C GLU B 350 19.39 18.19 3.14
N VAL B 351 18.68 19.20 2.61
CA VAL B 351 17.82 19.07 1.44
C VAL B 351 18.00 20.31 0.58
N THR B 352 17.52 20.25 -0.66
CA THR B 352 17.23 21.44 -1.44
C THR B 352 15.74 21.65 -1.52
N CYS B 353 15.36 22.80 -2.10
CA CYS B 353 13.95 23.05 -2.35
C CYS B 353 13.36 21.94 -3.19
N GLU B 354 14.03 21.57 -4.29
CA GLU B 354 13.45 20.56 -5.18
C GLU B 354 13.31 19.21 -4.48
N SER B 355 14.37 18.73 -3.83
CA SER B 355 14.33 17.40 -3.24
C SER B 355 13.28 17.32 -2.15
N ALA B 356 13.19 18.36 -1.31
CA ALA B 356 12.29 18.33 -0.17
C ALA B 356 10.83 18.41 -0.59
N SER B 357 10.52 19.13 -1.67
CA SER B 357 9.14 19.22 -2.13
C SER B 357 8.62 17.87 -2.64
N VAL B 358 9.51 16.97 -3.05
CA VAL B 358 9.11 15.61 -3.40
C VAL B 358 8.71 14.84 -2.15
N MET B 359 9.48 15.00 -1.07
CA MET B 359 9.07 14.46 0.23
C MET B 359 7.66 14.90 0.56
N ALA B 360 7.38 16.22 0.41
CA ALA B 360 6.06 16.76 0.67
C ALA B 360 5.01 16.13 -0.24
N ALA B 361 5.35 15.90 -1.52
CA ALA B 361 4.40 15.27 -2.42
C ALA B 361 4.08 13.83 -2.01
N THR B 362 5.04 13.13 -1.40
CA THR B 362 4.72 11.79 -0.89
C THR B 362 3.66 11.84 0.18
N LEU B 363 3.69 12.86 1.06
CA LEU B 363 2.63 13.01 2.04
C LEU B 363 1.32 13.42 1.38
N ALA B 364 1.38 14.31 0.38
CA ALA B 364 0.21 14.69 -0.39
C ALA B 364 -0.46 13.49 -1.06
N ASN B 365 0.30 12.42 -1.31
CA ASN B 365 -0.11 11.34 -2.19
C ASN B 365 -0.39 10.00 -1.47
N GLY B 366 -0.84 10.06 -0.20
CA GLY B 366 -1.23 8.87 0.56
C GLY B 366 -0.12 7.90 0.89
N GLY B 367 1.15 8.30 0.72
CA GLY B 367 2.31 7.49 1.06
C GLY B 367 3.12 6.95 -0.13
N PHE B 368 2.64 7.16 -1.34
CA PHE B 368 3.34 6.70 -2.55
C PHE B 368 4.11 7.88 -3.13
N CYS B 369 5.43 7.74 -3.30
CA CYS B 369 6.24 8.80 -3.94
C CYS B 369 5.75 9.05 -5.37
N PRO B 370 5.41 10.30 -5.75
CA PRO B 370 4.81 10.50 -7.06
C PRO B 370 5.79 10.35 -8.22
N ILE B 371 7.12 10.43 -8.02
CA ILE B 371 8.06 10.27 -9.14
C ILE B 371 8.74 8.91 -9.18
N THR B 372 8.42 7.99 -8.27
CA THR B 372 8.86 6.61 -8.46
C THR B 372 7.73 5.59 -8.37
N GLY B 373 6.57 5.96 -7.83
CA GLY B 373 5.44 5.08 -7.61
C GLY B 373 5.60 4.09 -6.47
N GLU B 374 6.72 4.10 -5.76
CA GLU B 374 6.92 3.19 -4.65
C GLU B 374 6.10 3.64 -3.44
N ARG B 375 5.54 2.67 -2.71
CA ARG B 375 4.86 2.93 -1.45
C ARG B 375 5.92 3.09 -0.36
N VAL B 376 5.96 4.28 0.26
CA VAL B 376 6.98 4.62 1.25
C VAL B 376 6.44 4.66 2.68
N LEU B 377 5.20 5.09 2.89
CA LEU B 377 4.59 5.21 4.20
C LEU B 377 3.18 4.65 4.13
N SER B 378 2.75 4.00 5.22
CA SER B 378 1.37 3.52 5.30
C SER B 378 0.39 4.67 5.35
N PRO B 379 -0.83 4.47 4.85
CA PRO B 379 -1.82 5.56 4.91
C PRO B 379 -2.17 6.01 6.33
N GLU B 380 -1.99 5.12 7.32
CA GLU B 380 -2.19 5.49 8.72
C GLU B 380 -1.13 6.51 9.17
N ALA B 381 0.12 6.31 8.73
CA ALA B 381 1.20 7.22 9.08
C ALA B 381 1.01 8.60 8.44
N VAL B 382 0.57 8.64 7.18
CA VAL B 382 0.45 9.89 6.46
C VAL B 382 -0.71 10.69 6.99
N ARG B 383 -1.82 10.03 7.31
CA ARG B 383 -2.95 10.76 7.85
C ARG B 383 -2.57 11.40 9.17
N ASN B 384 -1.91 10.63 10.04
CA ASN B 384 -1.56 11.17 11.35
C ASN B 384 -0.60 12.35 11.24
N THR B 385 0.41 12.25 10.37
CA THR B 385 1.35 13.36 10.25
C THR B 385 0.66 14.60 9.67
N LEU B 386 -0.19 14.41 8.65
CA LEU B 386 -0.93 15.55 8.12
C LEU B 386 -1.86 16.13 9.18
N SER B 387 -2.40 15.27 10.06
CA SER B 387 -3.23 15.76 11.17
C SER B 387 -2.42 16.65 12.11
N LEU B 388 -1.21 16.21 12.47
CA LEU B 388 -0.46 16.92 13.48
C LEU B 388 0.24 18.12 12.88
N MET B 389 0.62 18.06 11.61
CA MET B 389 1.14 19.25 10.93
C MET B 389 0.08 20.33 10.81
N HIS B 390 -1.19 19.95 10.65
CA HIS B 390 -2.25 20.95 10.55
C HIS B 390 -2.29 21.88 11.76
N SER B 391 -2.16 21.32 12.97
CA SER B 391 -2.41 22.08 14.19
C SER B 391 -1.17 22.47 14.98
N CYS B 392 0.01 21.90 14.67
CA CYS B 392 1.18 22.10 15.51
C CYS B 392 2.40 22.52 14.72
N GLY B 393 2.25 22.80 13.44
CA GLY B 393 3.42 22.85 12.59
C GLY B 393 4.17 24.15 12.57
N MET B 394 3.58 25.24 13.06
CA MET B 394 4.17 26.55 12.82
C MET B 394 4.42 27.29 14.14
N TYR B 395 4.75 26.54 15.19
CA TYR B 395 5.06 27.12 16.51
C TYR B 395 3.87 27.95 16.99
N ASP B 396 4.09 29.11 17.62
CA ASP B 396 3.00 29.92 18.15
C ASP B 396 2.08 30.45 17.06
N PHE B 397 2.47 30.34 15.79
CA PHE B 397 1.62 30.71 14.67
C PHE B 397 0.69 29.58 14.22
N SER B 398 0.74 28.39 14.86
CA SER B 398 -0.03 27.24 14.39
C SER B 398 -1.53 27.52 14.28
N GLY B 399 -2.14 28.06 15.33
CA GLY B 399 -3.57 28.29 15.28
C GLY B 399 -3.95 29.32 14.23
N GLN B 400 -3.20 30.41 14.15
CA GLN B 400 -3.47 31.42 13.14
C GLN B 400 -3.33 30.84 11.76
N PHE B 401 -2.27 30.05 11.55
CA PHE B 401 -2.00 29.47 10.24
C PHE B 401 -3.08 28.47 9.84
N ALA B 402 -3.47 27.57 10.75
CA ALA B 402 -4.55 26.64 10.44
C ALA B 402 -5.81 27.37 10.03
N PHE B 403 -6.13 28.47 10.72
CA PHE B 403 -7.33 29.23 10.40
C PHE B 403 -7.24 29.89 9.01
N HIS B 404 -6.13 30.57 8.72
CA HIS B 404 -6.05 31.34 7.48
C HIS B 404 -5.54 30.54 6.27
N VAL B 405 -4.59 29.64 6.43
CA VAL B 405 -4.10 28.93 5.26
C VAL B 405 -4.81 27.61 5.07
N GLY B 406 -5.06 26.91 6.19
CA GLY B 406 -5.72 25.62 6.13
C GLY B 406 -4.92 24.53 5.45
N LEU B 407 -3.60 24.55 5.56
CA LEU B 407 -2.83 23.49 4.95
C LEU B 407 -1.85 22.93 5.98
N PRO B 408 -1.67 21.61 6.01
CA PRO B 408 -0.63 21.04 6.89
C PRO B 408 0.73 21.52 6.46
N ALA B 409 1.44 22.14 7.37
CA ALA B 409 2.73 22.66 6.99
C ALA B 409 3.68 22.49 8.17
N LYS B 410 4.97 22.56 7.91
CA LYS B 410 5.92 22.45 9.00
C LYS B 410 7.09 23.38 8.75
N SER B 411 7.48 24.12 9.76
CA SER B 411 8.50 25.12 9.55
C SER B 411 9.77 24.76 10.32
N GLY B 412 10.88 25.39 9.92
CA GLY B 412 12.17 25.12 10.53
C GLY B 412 13.00 26.39 10.59
N VAL B 413 14.02 26.35 11.44
CA VAL B 413 14.75 27.57 11.78
C VAL B 413 15.72 28.01 10.67
N ALA B 414 16.12 27.10 9.78
CA ALA B 414 16.88 27.46 8.60
C ALA B 414 16.07 28.29 7.61
N GLY B 415 14.75 28.38 7.81
CA GLY B 415 13.89 29.13 6.94
C GLY B 415 13.01 28.30 6.02
N GLY B 416 12.99 26.98 6.16
CA GLY B 416 12.15 26.17 5.32
C GLY B 416 10.71 26.13 5.80
N ILE B 417 9.80 25.98 4.86
CA ILE B 417 8.42 25.63 5.17
C ILE B 417 8.02 24.53 4.21
N LEU B 418 7.92 23.32 4.71
CA LEU B 418 7.46 22.17 3.93
C LEU B 418 5.92 22.11 4.01
N LEU B 419 5.27 22.25 2.85
CA LEU B 419 3.85 22.52 2.76
C LEU B 419 3.15 21.47 1.91
N VAL B 420 1.99 21.00 2.35
CA VAL B 420 1.29 19.93 1.68
C VAL B 420 -0.13 20.41 1.36
N VAL B 421 -0.50 20.33 0.09
CA VAL B 421 -1.89 20.51 -0.33
C VAL B 421 -2.38 19.11 -0.64
N PRO B 422 -3.07 18.47 0.29
CA PRO B 422 -3.43 17.05 0.13
C PRO B 422 -4.19 16.79 -1.16
N ASN B 423 -3.83 15.69 -1.83
CA ASN B 423 -4.41 15.21 -3.08
C ASN B 423 -4.08 16.08 -4.30
N VAL B 424 -3.22 17.10 -4.19
CA VAL B 424 -2.91 17.83 -5.42
C VAL B 424 -1.39 17.94 -5.55
N MET B 425 -0.70 18.43 -4.51
CA MET B 425 0.72 18.75 -4.64
C MET B 425 1.37 18.93 -3.29
N GLY B 426 2.69 18.87 -3.30
CA GLY B 426 3.54 19.20 -2.18
C GLY B 426 4.45 20.34 -2.55
N MET B 427 5.05 20.99 -1.55
CA MET B 427 5.79 22.22 -1.80
C MET B 427 6.91 22.35 -0.78
N MET B 428 7.95 23.11 -1.14
CA MET B 428 8.95 23.54 -0.18
C MET B 428 9.38 24.97 -0.50
N CYS B 429 9.25 25.86 0.48
CA CYS B 429 9.72 27.24 0.38
C CYS B 429 10.93 27.39 1.27
N TRP B 430 11.81 28.31 0.90
CA TRP B 430 13.03 28.50 1.67
C TRP B 430 13.51 29.93 1.50
N SER B 431 13.54 30.67 2.60
CA SER B 431 14.10 32.01 2.72
C SER B 431 14.54 32.14 4.17
N PRO B 432 15.84 32.34 4.45
CA PRO B 432 16.35 32.24 5.82
C PRO B 432 15.76 33.26 6.78
N PRO B 433 15.40 34.48 6.37
CA PRO B 433 14.94 35.46 7.38
C PRO B 433 13.60 35.05 7.99
N LEU B 434 13.60 34.88 9.32
CA LEU B 434 12.47 34.42 10.12
C LEU B 434 11.65 35.53 10.75
N ASP B 435 10.46 35.15 11.23
CA ASP B 435 9.52 35.97 11.99
C ASP B 435 10.00 36.08 13.44
N LYS B 436 9.24 36.83 14.24
CA LYS B 436 9.47 36.74 15.67
C LYS B 436 8.78 35.54 16.29
N MET B 437 7.91 34.84 15.56
CA MET B 437 7.44 33.55 16.03
C MET B 437 8.27 32.38 15.48
N GLY B 438 9.21 32.64 14.57
CA GLY B 438 10.17 31.63 14.12
C GLY B 438 10.03 31.09 12.68
N ASN B 439 9.14 31.67 11.86
CA ASN B 439 8.78 31.18 10.54
C ASN B 439 9.34 32.08 9.44
N SER B 440 9.67 31.49 8.28
CA SER B 440 10.20 32.29 7.18
C SER B 440 9.19 33.35 6.76
N VAL B 441 9.65 34.60 6.65
CA VAL B 441 8.74 35.68 6.28
C VAL B 441 8.23 35.47 4.85
N LYS B 442 9.16 35.37 3.89
CA LYS B 442 8.74 35.17 2.50
C LYS B 442 7.91 33.91 2.35
N GLY B 443 8.30 32.84 3.06
CA GLY B 443 7.55 31.60 3.02
C GLY B 443 6.13 31.74 3.56
N ILE B 444 5.98 32.44 4.70
CA ILE B 444 4.64 32.66 5.27
C ILE B 444 3.80 33.54 4.33
N HIS B 445 4.41 34.58 3.76
CA HIS B 445 3.68 35.45 2.82
C HIS B 445 3.18 34.65 1.63
N PHE B 446 4.05 33.83 1.05
CA PHE B 446 3.68 33.01 -0.10
C PHE B 446 2.50 32.09 0.20
N CYS B 447 2.49 31.47 1.40
CA CYS B 447 1.39 30.57 1.72
C CYS B 447 0.06 31.31 1.80
N HIS B 448 0.04 32.48 2.43
CA HIS B 448 -1.19 33.26 2.43
C HIS B 448 -1.64 33.58 1.01
N ASP B 449 -0.72 34.11 0.19
CA ASP B 449 -1.06 34.47 -1.19
C ASP B 449 -1.55 33.25 -1.95
N LEU B 450 -0.87 32.11 -1.80
CA LEU B 450 -1.28 30.93 -2.55
C LEU B 450 -2.74 30.60 -2.31
N VAL B 451 -3.15 30.60 -1.03
CA VAL B 451 -4.54 30.22 -0.72
C VAL B 451 -5.55 31.34 -1.03
N SER B 452 -5.16 32.62 -1.00
CA SER B 452 -6.07 33.64 -1.49
C SER B 452 -6.42 33.41 -2.96
N LEU B 453 -5.50 32.82 -3.72
CA LEU B 453 -5.65 32.62 -5.15
C LEU B 453 -6.40 31.35 -5.51
N CYS B 454 -6.12 30.24 -4.82
CA CYS B 454 -6.61 28.92 -5.22
C CYS B 454 -7.46 28.31 -4.11
N ASN B 455 -8.49 27.56 -4.49
CA ASN B 455 -9.39 26.97 -3.50
C ASN B 455 -8.77 25.76 -2.79
N PHE B 456 -7.52 25.93 -2.34
CA PHE B 456 -6.77 24.88 -1.67
C PHE B 456 -6.99 24.82 -0.17
N HIS B 457 -7.51 25.89 0.43
CA HIS B 457 -7.79 25.87 1.87
C HIS B 457 -8.58 24.62 2.21
N ASN B 458 -8.21 24.00 3.32
CA ASN B 458 -8.78 22.71 3.71
C ASN B 458 -10.31 22.69 3.70
N TYR B 459 -10.94 23.80 4.04
CA TYR B 459 -12.39 23.85 4.16
C TYR B 459 -12.98 24.82 3.16
N ASP B 460 -12.25 25.02 2.06
CA ASP B 460 -12.83 25.54 0.84
C ASP B 460 -13.76 24.51 0.22
N ASN B 461 -14.72 24.98 -0.57
CA ASN B 461 -15.62 24.10 -1.28
C ASN B 461 -15.08 23.80 -2.65
N LEU B 462 -15.15 22.54 -3.06
CA LEU B 462 -14.66 22.20 -4.38
C LEU B 462 -15.63 22.58 -5.50
N ARG B 463 -16.82 23.03 -5.14
CA ARG B 463 -17.87 23.34 -6.09
C ARG B 463 -18.30 24.81 -6.07
N HIS B 464 -18.47 25.43 -4.90
CA HIS B 464 -18.92 26.81 -4.81
C HIS B 464 -17.85 27.64 -4.11
N PHE B 465 -16.79 28.01 -4.84
CA PHE B 465 -15.60 28.62 -4.24
C PHE B 465 -15.39 30.08 -4.63
N ALA B 466 -16.44 30.79 -5.03
CA ALA B 466 -16.41 32.25 -5.21
C ALA B 466 -15.46 32.63 -6.33
N LYS B 467 -14.56 33.60 -6.14
CA LYS B 467 -13.71 34.11 -7.20
C LYS B 467 -12.30 33.56 -7.15
N LYS B 468 -12.05 32.55 -6.32
CA LYS B 468 -10.75 31.90 -6.34
C LYS B 468 -10.58 31.01 -7.58
N LEU B 469 -9.33 30.90 -8.04
CA LEU B 469 -8.97 29.99 -9.13
C LEU B 469 -8.81 28.55 -8.62
N ASP B 470 -9.12 27.59 -9.49
CA ASP B 470 -8.97 26.15 -9.20
C ASP B 470 -8.07 25.49 -10.25
N PRO B 471 -6.82 25.12 -9.92
CA PRO B 471 -5.94 24.49 -10.91
C PRO B 471 -6.31 23.06 -11.29
N ARG B 472 -7.32 22.46 -10.66
CA ARG B 472 -7.72 21.10 -10.99
C ARG B 472 -8.71 21.01 -12.16
N ARG B 473 -9.26 22.12 -12.65
CA ARG B 473 -10.23 22.15 -13.74
C ARG B 473 -9.63 22.87 -14.95
N GLU B 474 -10.39 22.90 -16.05
CA GLU B 474 -9.90 23.50 -17.31
C GLU B 474 -10.68 24.77 -17.69
N PRO C 66 43.09 -12.49 12.12
CA PRO C 66 43.15 -11.81 10.82
C PRO C 66 41.75 -11.53 10.26
N SER C 67 41.66 -10.86 9.11
CA SER C 67 40.37 -10.50 8.52
C SER C 67 40.54 -9.98 7.09
N LEU C 68 39.72 -10.50 6.17
CA LEU C 68 39.90 -10.23 4.74
C LEU C 68 39.66 -8.77 4.40
N GLU C 69 38.61 -8.18 5.00
CA GLU C 69 38.34 -6.76 4.82
C GLU C 69 39.50 -5.90 5.30
N ASP C 70 40.19 -6.35 6.34
CA ASP C 70 41.27 -5.57 6.94
C ASP C 70 42.55 -5.66 6.12
N LEU C 71 42.88 -6.86 5.63
CA LEU C 71 44.11 -7.02 4.86
C LEU C 71 44.01 -6.30 3.52
N LEU C 72 42.83 -6.36 2.90
CA LEU C 72 42.59 -5.55 1.71
C LEU C 72 42.73 -4.07 2.02
N PHE C 73 42.38 -3.66 3.25
CA PHE C 73 42.49 -2.25 3.63
C PHE C 73 43.92 -1.76 3.56
N TYR C 74 44.88 -2.57 4.05
CA TYR C 74 46.27 -2.11 4.08
C TYR C 74 46.88 -2.07 2.68
N THR C 75 46.45 -2.96 1.78
CA THR C 75 46.92 -2.96 0.40
C THR C 75 46.65 -1.61 -0.29
N ILE C 76 45.42 -1.10 -0.17
CA ILE C 76 45.07 0.17 -0.81
C ILE C 76 45.43 1.38 0.05
N ALA C 77 45.59 1.18 1.37
CA ALA C 77 45.94 2.28 2.27
C ALA C 77 47.35 2.82 1.99
N GLU C 78 48.27 1.96 1.52
CA GLU C 78 49.67 2.34 1.27
C GLU C 78 50.30 2.84 2.56
N GLY C 79 50.11 2.06 3.63
CA GLY C 79 50.63 2.44 4.93
C GLY C 79 49.96 3.63 5.57
N GLN C 80 49.11 4.35 4.84
CA GLN C 80 48.48 5.56 5.35
C GLN C 80 47.24 5.20 6.19
N GLU C 81 46.55 6.25 6.65
CA GLU C 81 45.55 6.20 7.71
C GLU C 81 44.14 5.85 7.20
N LYS C 82 43.74 6.44 6.07
CA LYS C 82 42.39 6.35 5.52
C LYS C 82 42.49 6.43 4.00
N ILE C 83 41.53 5.82 3.31
CA ILE C 83 41.48 5.77 1.86
C ILE C 83 40.45 6.78 1.36
N PRO C 84 40.84 7.76 0.54
CA PRO C 84 39.82 8.56 -0.17
C PRO C 84 38.92 7.67 -1.04
N VAL C 85 37.69 8.12 -1.26
CA VAL C 85 36.76 7.29 -2.04
C VAL C 85 37.22 7.18 -3.49
N HIS C 86 37.58 8.31 -4.10
CA HIS C 86 38.03 8.27 -5.48
C HIS C 86 39.28 7.39 -5.64
N LYS C 87 40.13 7.38 -4.63
CA LYS C 87 41.31 6.52 -4.67
C LYS C 87 40.92 5.05 -4.59
N PHE C 88 39.82 4.74 -3.91
CA PHE C 88 39.33 3.39 -3.94
C PHE C 88 38.61 3.11 -5.25
N ILE C 89 37.87 4.11 -5.75
CA ILE C 89 37.09 3.97 -6.99
C ILE C 89 38.01 3.72 -8.19
N THR C 90 39.06 4.54 -8.34
CA THR C 90 39.96 4.34 -9.48
C THR C 90 40.79 3.06 -9.33
N ALA C 91 41.17 2.69 -8.09
CA ALA C 91 41.85 1.41 -7.89
C ALA C 91 40.98 0.23 -8.33
N LEU C 92 39.67 0.33 -8.08
CA LEU C 92 38.73 -0.74 -8.42
C LEU C 92 38.45 -0.78 -9.92
N LYS C 93 38.22 0.39 -10.53
CA LYS C 93 38.00 0.46 -11.96
C LYS C 93 39.22 0.00 -12.77
N SER C 94 40.42 0.22 -12.24
CA SER C 94 41.61 -0.19 -12.99
C SER C 94 41.71 -1.71 -13.09
N THR C 95 40.99 -2.43 -12.24
CA THR C 95 40.90 -3.88 -12.43
C THR C 95 40.01 -4.24 -13.61
N GLY C 96 39.37 -3.26 -14.25
CA GLY C 96 38.41 -3.53 -15.30
C GLY C 96 36.98 -3.72 -14.84
N LEU C 97 36.75 -3.89 -13.54
CA LEU C 97 35.37 -3.95 -13.08
C LEU C 97 34.70 -2.62 -13.37
N ARG C 98 33.41 -2.68 -13.68
CA ARG C 98 32.66 -1.46 -13.89
C ARG C 98 31.98 -1.11 -12.58
N THR C 99 31.99 0.17 -12.24
CA THR C 99 31.47 0.55 -10.93
C THR C 99 29.98 0.27 -10.78
N SER C 100 29.30 -0.17 -11.86
CA SER C 100 27.90 -0.55 -11.87
C SER C 100 27.71 -2.07 -11.96
N ASP C 101 28.78 -2.85 -11.71
CA ASP C 101 28.68 -4.31 -11.71
C ASP C 101 27.55 -4.75 -10.76
N PRO C 102 26.64 -5.60 -11.21
CA PRO C 102 25.60 -6.13 -10.30
C PRO C 102 26.15 -6.94 -9.13
N ARG C 103 27.31 -7.59 -9.27
CA ARG C 103 27.96 -8.30 -8.17
C ARG C 103 28.51 -7.36 -7.13
N LEU C 104 28.51 -6.05 -7.41
CA LEU C 104 29.06 -5.04 -6.52
C LEU C 104 27.99 -4.08 -6.02
N LYS C 105 26.70 -4.40 -6.21
CA LYS C 105 25.65 -3.42 -5.91
C LYS C 105 25.63 -3.05 -4.44
N GLU C 106 25.75 -4.04 -3.54
CA GLU C 106 25.72 -3.75 -2.09
C GLU C 106 26.88 -2.86 -1.68
N CYS C 107 28.09 -3.16 -2.14
CA CYS C 107 29.22 -2.31 -1.83
C CYS C 107 29.00 -0.87 -2.29
N MET C 108 28.46 -0.68 -3.51
CA MET C 108 28.30 0.67 -4.04
C MET C 108 27.15 1.41 -3.39
N ASP C 109 26.10 0.67 -2.99
CA ASP C 109 24.99 1.28 -2.28
C ASP C 109 25.43 1.78 -0.90
N MET C 110 26.25 0.99 -0.19
CA MET C 110 26.77 1.39 1.10
C MET C 110 27.71 2.59 0.98
N LEU C 111 28.55 2.62 -0.07
CA LEU C 111 29.42 3.77 -0.32
C LEU C 111 28.61 5.04 -0.58
N ARG C 112 27.56 4.94 -1.41
CA ARG C 112 26.75 6.12 -1.68
C ARG C 112 26.07 6.62 -0.41
N LEU C 113 25.74 5.70 0.51
CA LEU C 113 25.08 6.08 1.76
C LEU C 113 26.02 6.82 2.69
N THR C 114 27.21 6.29 2.91
CA THR C 114 28.12 6.97 3.81
C THR C 114 28.62 8.28 3.20
N LEU C 115 28.61 8.42 1.86
CA LEU C 115 28.97 9.70 1.28
C LEU C 115 27.87 10.74 1.45
N GLN C 116 26.67 10.31 1.90
CA GLN C 116 25.60 11.22 2.34
C GLN C 116 25.66 11.45 3.84
N THR C 117 25.82 10.35 4.60
CA THR C 117 25.81 10.36 6.06
C THR C 117 26.88 11.29 6.59
N THR C 118 28.00 11.40 5.89
CA THR C 118 29.10 12.28 6.27
C THR C 118 29.51 13.11 5.06
N SER C 119 28.93 14.31 4.90
CA SER C 119 29.57 15.31 4.04
C SER C 119 30.93 15.66 4.62
N ASP C 120 31.07 15.34 5.91
CA ASP C 120 32.29 15.18 6.68
C ASP C 120 33.18 14.12 6.04
N GLY C 121 33.76 14.38 4.87
CA GLY C 121 34.62 13.40 4.23
C GLY C 121 35.77 13.99 3.43
N VAL C 122 36.13 13.31 2.36
CA VAL C 122 35.48 12.05 2.00
C VAL C 122 36.42 10.83 2.22
N MET C 123 36.65 10.46 3.49
CA MET C 123 37.70 9.51 3.86
C MET C 123 37.17 8.38 4.73
N LEU C 124 37.63 7.17 4.43
CA LEU C 124 37.18 5.96 5.11
C LEU C 124 38.32 5.39 5.95
N ASP C 125 38.07 5.14 7.24
CA ASP C 125 39.03 4.45 8.07
C ASP C 125 38.86 2.93 7.92
N LYS C 126 39.69 2.16 8.61
CA LYS C 126 39.61 0.69 8.52
C LYS C 126 38.21 0.17 8.82
N ASP C 127 37.50 0.81 9.75
CA ASP C 127 36.19 0.33 10.17
C ASP C 127 35.10 0.74 9.18
N LEU C 128 35.21 1.93 8.58
CA LEU C 128 34.21 2.40 7.62
C LEU C 128 34.32 1.65 6.28
N PHE C 129 35.55 1.42 5.82
CA PHE C 129 35.79 0.55 4.69
C PHE C 129 35.24 -0.84 4.95
N LYS C 130 35.42 -1.35 6.18
CA LYS C 130 34.88 -2.67 6.54
C LYS C 130 33.37 -2.75 6.37
N LYS C 131 32.66 -1.64 6.64
CA LYS C 131 31.20 -1.63 6.52
C LYS C 131 30.76 -1.83 5.06
N CYS C 132 31.46 -1.20 4.10
CA CYS C 132 30.99 -1.22 2.71
C CYS C 132 31.37 -2.51 1.98
N VAL C 133 32.63 -2.94 2.10
CA VAL C 133 33.14 -4.04 1.31
C VAL C 133 32.82 -5.41 1.91
N GLN C 134 32.20 -5.47 3.09
CA GLN C 134 31.95 -6.78 3.71
C GLN C 134 31.08 -7.67 2.83
N SER C 135 30.07 -7.07 2.18
CA SER C 135 29.08 -7.83 1.42
C SER C 135 29.67 -8.48 0.17
N ASN C 136 30.61 -7.80 -0.50
CA ASN C 136 31.21 -8.27 -1.75
C ASN C 136 32.73 -8.46 -1.60
N ILE C 137 33.16 -8.98 -0.45
CA ILE C 137 34.59 -8.98 -0.15
C ILE C 137 35.31 -10.03 -0.99
N VAL C 138 34.65 -11.14 -1.29
CA VAL C 138 35.32 -12.22 -2.02
C VAL C 138 35.71 -11.74 -3.42
N LEU C 139 34.77 -11.10 -4.12
CA LEU C 139 35.04 -10.60 -5.47
C LEU C 139 36.03 -9.43 -5.47
N LEU C 140 35.93 -8.54 -4.48
CA LEU C 140 36.82 -7.39 -4.42
C LEU C 140 38.25 -7.81 -4.11
N THR C 141 38.43 -8.84 -3.29
CA THR C 141 39.79 -9.28 -2.98
C THR C 141 40.47 -9.90 -4.21
N GLN C 142 39.77 -10.81 -4.90
CA GLN C 142 40.31 -11.35 -6.15
C GLN C 142 40.69 -10.23 -7.13
N ALA C 143 39.86 -9.18 -7.20
CA ALA C 143 40.09 -8.06 -8.11
C ALA C 143 41.33 -7.26 -7.73
N PHE C 144 41.65 -7.18 -6.43
CA PHE C 144 42.76 -6.35 -6.03
C PHE C 144 44.05 -7.11 -5.86
N ARG C 145 43.98 -8.39 -5.54
CA ARG C 145 45.16 -9.26 -5.48
C ARG C 145 45.46 -9.96 -6.82
N ARG C 146 45.03 -9.36 -7.93
CA ARG C 146 45.35 -9.77 -9.31
C ARG C 146 45.01 -11.23 -9.62
N LYS C 147 43.88 -11.71 -9.10
CA LYS C 147 43.45 -13.06 -9.42
C LYS C 147 42.54 -13.17 -10.65
N PHE C 148 42.27 -12.06 -11.36
CA PHE C 148 41.40 -12.14 -12.53
C PHE C 148 42.13 -12.74 -13.74
N VAL C 149 41.34 -13.32 -14.67
CA VAL C 149 41.91 -14.13 -15.74
C VAL C 149 42.88 -13.32 -16.58
N ILE C 150 42.65 -12.01 -16.67
CA ILE C 150 43.62 -11.09 -17.26
C ILE C 150 44.10 -10.17 -16.13
N PRO C 151 45.28 -10.42 -15.54
CA PRO C 151 45.66 -9.68 -14.32
C PRO C 151 45.94 -8.21 -14.56
N ASP C 152 46.65 -7.89 -15.64
CA ASP C 152 46.96 -6.50 -16.02
C ASP C 152 46.00 -6.05 -17.12
N PHE C 153 44.80 -5.66 -16.69
CA PHE C 153 43.78 -5.28 -17.66
C PHE C 153 44.12 -3.97 -18.35
N MET C 154 44.77 -3.04 -17.65
CA MET C 154 45.07 -1.75 -18.26
C MET C 154 45.98 -1.93 -19.48
N SER C 155 46.97 -2.83 -19.42
CA SER C 155 47.84 -3.02 -20.57
C SER C 155 47.10 -3.73 -21.70
N PHE C 156 46.26 -4.70 -21.35
CA PHE C 156 45.50 -5.42 -22.36
C PHE C 156 44.56 -4.50 -23.13
N THR C 157 43.85 -3.61 -22.44
CA THR C 157 42.95 -2.71 -23.16
C THR C 157 43.73 -1.76 -24.03
N SER C 158 44.95 -1.39 -23.63
CA SER C 158 45.82 -0.63 -24.52
C SER C 158 46.03 -1.38 -25.83
N HIS C 159 46.22 -2.70 -25.74
CA HIS C 159 46.37 -3.51 -26.95
C HIS C 159 45.08 -3.59 -27.76
N ILE C 160 43.93 -3.73 -27.09
CA ILE C 160 42.65 -3.75 -27.80
C ILE C 160 42.45 -2.46 -28.58
N ASP C 161 42.84 -1.33 -27.98
CA ASP C 161 42.71 -0.04 -28.65
C ASP C 161 43.56 0.01 -29.91
N GLU C 162 44.81 -0.47 -29.82
CA GLU C 162 45.66 -0.49 -31.01
C GLU C 162 45.08 -1.38 -32.09
N LEU C 163 44.58 -2.58 -31.72
CA LEU C 163 44.02 -3.48 -32.74
C LEU C 163 42.78 -2.87 -33.38
N TYR C 164 41.98 -2.19 -32.57
CA TYR C 164 40.83 -1.47 -33.09
C TYR C 164 41.25 -0.43 -34.12
N GLU C 165 42.25 0.40 -33.77
CA GLU C 165 42.68 1.45 -34.69
C GLU C 165 43.29 0.87 -35.95
N SER C 166 43.94 -0.29 -35.84
CA SER C 166 44.47 -0.97 -37.02
C SER C 166 43.34 -1.44 -37.93
N ALA C 167 42.21 -1.87 -37.35
CA ALA C 167 41.11 -2.30 -38.21
C ALA C 167 40.32 -1.13 -38.76
N LYS C 168 40.31 -0.01 -38.05
CA LYS C 168 39.56 1.20 -38.44
C LYS C 168 40.01 1.75 -39.78
N LYS C 169 41.17 1.32 -40.28
CA LYS C 169 41.68 1.75 -41.58
C LYS C 169 41.29 0.82 -42.73
N GLN C 170 40.52 -0.24 -42.47
CA GLN C 170 40.07 -1.16 -43.54
C GLN C 170 38.67 -0.74 -43.96
N SER C 171 38.59 0.18 -44.91
CA SER C 171 37.34 0.81 -45.27
C SER C 171 36.69 0.16 -46.50
N GLY C 172 37.16 -1.02 -46.90
CA GLY C 172 36.48 -1.78 -47.94
C GLY C 172 35.15 -2.38 -47.46
N GLY C 173 34.49 -3.05 -48.39
CA GLY C 173 33.24 -3.71 -48.07
C GLY C 173 32.02 -2.93 -48.55
N LYS C 174 30.87 -3.63 -48.54
CA LYS C 174 29.57 -3.07 -48.91
C LYS C 174 28.55 -3.38 -47.83
N VAL C 175 27.88 -2.33 -47.35
CA VAL C 175 26.80 -2.52 -46.39
C VAL C 175 25.71 -3.38 -47.01
N ALA C 176 25.13 -4.27 -46.21
CA ALA C 176 24.01 -5.06 -46.70
C ALA C 176 22.88 -4.11 -47.08
N ASP C 177 22.45 -4.18 -48.34
CA ASP C 177 21.49 -3.21 -48.85
C ASP C 177 20.15 -3.82 -49.17
N TYR C 178 20.01 -5.15 -49.06
CA TYR C 178 18.81 -5.81 -49.54
C TYR C 178 17.57 -5.40 -48.77
N ILE C 179 17.74 -4.78 -47.60
CA ILE C 179 16.60 -4.20 -46.88
C ILE C 179 16.97 -2.77 -46.50
N PRO C 180 16.02 -1.83 -46.57
CA PRO C 180 16.35 -0.43 -46.28
C PRO C 180 16.81 -0.16 -44.85
N GLN C 181 16.62 -1.09 -43.91
CA GLN C 181 16.93 -0.84 -42.50
C GLN C 181 18.38 -1.12 -42.12
N LEU C 182 19.13 -1.84 -42.96
CA LEU C 182 20.57 -1.96 -42.78
C LEU C 182 21.34 -1.12 -43.79
N ALA C 183 20.72 -0.74 -44.90
CA ALA C 183 21.25 0.29 -45.78
C ALA C 183 21.30 1.64 -45.08
N LYS C 184 20.48 1.83 -44.05
CA LYS C 184 20.44 3.07 -43.25
C LYS C 184 21.69 3.23 -42.37
N PHE C 185 22.41 2.14 -42.10
CA PHE C 185 23.57 2.17 -41.21
C PHE C 185 24.82 2.62 -41.95
N SER C 186 25.57 3.54 -41.32
CA SER C 186 26.74 4.15 -41.94
C SER C 186 27.91 3.15 -41.99
N PRO C 187 28.73 3.17 -43.06
CA PRO C 187 29.96 2.35 -43.08
C PRO C 187 31.07 2.80 -42.13
N ASP C 188 30.93 3.95 -41.46
CA ASP C 188 32.00 4.44 -40.60
C ASP C 188 31.84 3.98 -39.17
N LEU C 189 30.71 3.37 -38.83
CA LEU C 189 30.52 2.78 -37.52
C LEU C 189 31.43 1.57 -37.35
N TRP C 190 31.97 1.42 -36.15
CA TRP C 190 32.95 0.38 -35.83
C TRP C 190 33.20 0.36 -34.34
N GLY C 191 32.83 -0.73 -33.66
CA GLY C 191 33.01 -0.84 -32.22
C GLY C 191 33.41 -2.24 -31.82
N VAL C 192 34.09 -2.35 -30.67
CA VAL C 192 34.52 -3.61 -30.08
C VAL C 192 34.34 -3.54 -28.58
N SER C 193 33.67 -4.53 -28.00
CA SER C 193 33.47 -4.57 -26.55
C SER C 193 34.01 -5.89 -26.04
N VAL C 194 34.77 -5.83 -24.98
CA VAL C 194 35.35 -7.02 -24.38
C VAL C 194 34.64 -7.26 -23.06
N CYS C 195 34.50 -8.53 -22.72
CA CYS C 195 33.98 -8.89 -21.40
C CYS C 195 34.60 -10.22 -21.02
N THR C 196 35.41 -10.22 -19.96
CA THR C 196 36.12 -11.45 -19.60
C THR C 196 35.23 -12.40 -18.82
N ALA C 197 35.69 -13.64 -18.67
CA ALA C 197 34.95 -14.56 -17.84
C ALA C 197 34.86 -14.07 -16.39
N ASP C 198 35.56 -12.98 -16.02
CA ASP C 198 35.50 -12.42 -14.65
C ASP C 198 34.73 -11.12 -14.53
N GLY C 199 34.32 -10.50 -15.64
CA GLY C 199 33.53 -9.28 -15.64
C GLY C 199 34.26 -8.01 -16.03
N GLN C 200 35.56 -8.08 -16.33
CA GLN C 200 36.32 -6.89 -16.71
C GLN C 200 35.87 -6.39 -18.07
N ARG C 201 35.50 -5.12 -18.15
CA ARG C 201 34.93 -4.58 -19.37
C ARG C 201 35.90 -3.59 -20.02
N HIS C 202 35.80 -3.52 -21.35
CA HIS C 202 36.43 -2.43 -22.09
C HIS C 202 35.77 -2.27 -23.44
N SER C 203 35.55 -1.02 -23.85
CA SER C 203 34.95 -0.72 -25.15
C SER C 203 35.78 0.34 -25.86
N THR C 204 35.68 0.35 -27.18
CA THR C 204 36.28 1.39 -28.01
C THR C 204 35.40 1.57 -29.23
N GLY C 205 35.10 2.81 -29.59
CA GLY C 205 34.30 3.07 -30.78
C GLY C 205 32.79 3.11 -30.53
N ASP C 206 32.01 2.79 -31.58
CA ASP C 206 30.57 2.91 -31.55
C ASP C 206 29.92 1.68 -30.91
N THR C 207 30.06 1.61 -29.58
CA THR C 207 29.69 0.42 -28.83
C THR C 207 28.34 0.52 -28.12
N LYS C 208 27.64 1.65 -28.18
CA LYS C 208 26.31 1.73 -27.62
C LYS C 208 25.25 1.96 -28.71
N VAL C 209 25.58 1.66 -29.95
CA VAL C 209 24.68 1.78 -31.08
C VAL C 209 23.91 0.47 -31.23
N PRO C 210 22.57 0.48 -31.17
CA PRO C 210 21.81 -0.76 -31.35
C PRO C 210 21.84 -1.25 -32.79
N PHE C 211 21.94 -2.58 -32.94
CA PHE C 211 21.90 -3.21 -34.25
C PHE C 211 21.32 -4.60 -34.10
N CYS C 212 20.84 -5.17 -35.20
CA CYS C 212 20.20 -6.48 -35.14
C CYS C 212 21.23 -7.60 -35.10
N LEU C 213 20.89 -8.67 -34.40
CA LEU C 213 21.80 -9.80 -34.39
C LEU C 213 21.85 -10.46 -35.76
N GLN C 214 20.68 -10.64 -36.40
CA GLN C 214 20.51 -11.38 -37.66
C GLN C 214 21.06 -12.78 -37.37
N SER C 215 22.03 -13.27 -38.14
CA SER C 215 22.50 -14.65 -38.00
C SER C 215 23.36 -14.86 -36.75
N CYS C 216 23.79 -13.79 -36.07
CA CYS C 216 24.44 -13.94 -34.76
C CYS C 216 23.52 -14.62 -33.75
N VAL C 217 22.21 -14.60 -33.98
CA VAL C 217 21.28 -15.23 -33.04
C VAL C 217 21.21 -16.74 -33.19
N LYS C 218 21.72 -17.32 -34.29
CA LYS C 218 21.61 -18.75 -34.50
C LYS C 218 22.32 -19.56 -33.41
N PRO C 219 23.56 -19.27 -33.00
CA PRO C 219 24.12 -20.05 -31.88
C PRO C 219 23.38 -19.84 -30.57
N LEU C 220 22.82 -18.65 -30.32
CA LEU C 220 22.07 -18.42 -29.08
C LEU C 220 20.78 -19.22 -29.06
N LYS C 221 20.13 -19.41 -30.22
CA LYS C 221 18.91 -20.23 -30.24
C LYS C 221 19.26 -21.69 -30.02
N TYR C 222 20.31 -22.16 -30.69
CA TYR C 222 20.74 -23.55 -30.51
C TYR C 222 21.04 -23.82 -29.04
N ALA C 223 21.73 -22.90 -28.39
CA ALA C 223 22.08 -23.12 -27.00
C ALA C 223 20.81 -23.28 -26.15
N ILE C 224 19.82 -22.44 -26.40
CA ILE C 224 18.55 -22.52 -25.67
C ILE C 224 17.86 -23.86 -25.94
N ALA C 225 17.87 -24.30 -27.22
CA ALA C 225 17.22 -25.57 -27.56
C ALA C 225 17.92 -26.76 -26.90
N VAL C 226 19.26 -26.81 -26.93
CA VAL C 226 19.96 -27.92 -26.29
C VAL C 226 19.84 -27.82 -24.79
N ASN C 227 19.81 -26.60 -24.25
CA ASN C 227 19.68 -26.43 -22.81
C ASN C 227 18.37 -26.99 -22.31
N ASP C 228 17.29 -26.82 -23.07
CA ASP C 228 15.95 -27.27 -22.69
C ASP C 228 15.63 -28.69 -23.15
N LEU C 229 16.28 -29.20 -24.20
CA LEU C 229 15.88 -30.45 -24.84
C LEU C 229 16.96 -31.51 -24.90
N GLY C 230 18.22 -31.16 -24.71
CA GLY C 230 19.30 -32.13 -24.74
C GLY C 230 19.85 -32.34 -26.14
N THR C 231 21.04 -32.94 -26.19
CA THR C 231 21.74 -33.05 -27.47
C THR C 231 21.04 -34.04 -28.40
N GLU C 232 20.64 -35.20 -27.85
CA GLU C 232 20.09 -36.29 -28.65
C GLU C 232 18.78 -35.89 -29.30
N TYR C 233 17.93 -35.13 -28.59
CA TYR C 233 16.68 -34.69 -29.21
C TYR C 233 16.95 -33.74 -30.35
N VAL C 234 17.67 -32.65 -30.07
CA VAL C 234 17.87 -31.62 -31.10
C VAL C 234 18.50 -32.22 -32.33
N HIS C 235 19.45 -33.15 -32.15
CA HIS C 235 20.15 -33.67 -33.31
C HIS C 235 19.45 -34.84 -33.99
N ARG C 236 18.17 -35.05 -33.69
CA ARG C 236 17.29 -35.76 -34.60
C ARG C 236 16.88 -34.89 -35.78
N TYR C 237 16.85 -33.58 -35.58
CA TYR C 237 16.25 -32.69 -36.55
C TYR C 237 17.24 -31.86 -37.33
N VAL C 238 18.49 -31.79 -36.88
CA VAL C 238 19.55 -30.99 -37.49
C VAL C 238 20.88 -31.69 -37.23
N GLY C 239 21.77 -31.66 -38.22
CA GLY C 239 23.09 -32.27 -38.13
C GLY C 239 24.09 -31.47 -37.30
N LYS C 240 25.35 -31.94 -37.32
CA LYS C 240 26.42 -31.33 -36.54
C LYS C 240 27.73 -31.09 -37.32
N GLU C 241 27.74 -31.26 -38.63
CA GLU C 241 28.95 -31.07 -39.41
C GLU C 241 28.82 -29.88 -40.35
N PRO C 242 29.94 -29.29 -40.79
CA PRO C 242 29.88 -28.35 -41.92
C PRO C 242 29.59 -29.08 -43.23
N SER C 243 29.17 -28.33 -44.24
CA SER C 243 28.63 -28.99 -45.43
C SER C 243 29.69 -29.29 -46.48
N GLY C 244 30.58 -28.34 -46.75
CA GLY C 244 31.50 -28.46 -47.86
C GLY C 244 31.40 -27.25 -48.76
N LEU C 245 32.54 -26.73 -49.22
CA LEU C 245 32.64 -25.36 -49.76
C LEU C 245 31.81 -25.12 -51.03
N ARG C 246 31.30 -26.15 -51.69
CA ARG C 246 30.17 -25.92 -52.60
C ARG C 246 29.13 -27.02 -52.38
N PHE C 247 28.77 -27.23 -51.12
CA PHE C 247 27.45 -27.73 -50.78
C PHE C 247 26.68 -26.66 -50.01
N ASN C 248 27.07 -25.39 -50.23
CA ASN C 248 26.44 -24.24 -49.58
C ASN C 248 25.00 -24.07 -50.04
N LYS C 249 24.69 -24.54 -51.24
CA LYS C 249 23.40 -24.30 -51.82
C LYS C 249 22.35 -25.36 -51.45
N LEU C 250 22.75 -26.48 -50.86
CA LEU C 250 21.79 -27.50 -50.39
C LEU C 250 21.20 -27.14 -49.02
N PHE C 251 19.95 -27.56 -48.80
CA PHE C 251 19.28 -27.37 -47.51
C PHE C 251 19.50 -28.56 -46.59
N LEU C 252 19.47 -29.76 -47.17
CA LEU C 252 19.55 -31.01 -46.43
C LEU C 252 20.86 -31.71 -46.76
N ASN C 253 21.38 -32.41 -45.76
CA ASN C 253 22.50 -33.34 -45.94
C ASN C 253 21.90 -34.66 -46.40
N GLU C 254 22.67 -35.74 -46.34
CA GLU C 254 22.21 -37.00 -46.92
C GLU C 254 21.19 -37.72 -46.04
N ASP C 255 21.05 -37.36 -44.77
CA ASP C 255 20.02 -37.96 -43.92
C ASP C 255 18.73 -37.17 -43.89
N ASP C 256 18.57 -36.19 -44.79
CA ASP C 256 17.36 -35.38 -44.94
C ASP C 256 17.08 -34.53 -43.69
N LYS C 257 18.17 -34.20 -42.95
CA LYS C 257 18.31 -33.18 -41.93
C LYS C 257 19.14 -32.03 -42.51
N PRO C 258 18.86 -30.77 -42.14
CA PRO C 258 19.78 -29.68 -42.49
C PRO C 258 21.17 -29.97 -41.95
N HIS C 259 22.19 -29.37 -42.56
CA HIS C 259 23.57 -29.77 -42.23
C HIS C 259 23.95 -29.44 -40.79
N ASN C 260 23.47 -28.30 -40.23
CA ASN C 260 23.91 -27.85 -38.91
C ASN C 260 23.16 -26.57 -38.46
N PRO C 261 23.20 -26.22 -37.18
CA PRO C 261 22.43 -25.06 -36.68
C PRO C 261 22.90 -23.68 -37.17
N MET C 262 24.08 -23.54 -37.73
CA MET C 262 24.52 -22.21 -38.14
C MET C 262 24.03 -21.83 -39.52
N VAL C 263 23.39 -22.78 -40.24
CA VAL C 263 22.87 -22.64 -41.60
C VAL C 263 21.42 -22.20 -41.52
N ASN C 264 20.94 -21.50 -42.57
CA ASN C 264 19.60 -20.95 -42.52
C ASN C 264 18.57 -22.07 -42.36
N ALA C 265 18.71 -23.16 -43.14
CA ALA C 265 17.74 -24.25 -43.05
C ALA C 265 17.76 -24.89 -41.66
N GLY C 266 18.92 -25.02 -41.05
CA GLY C 266 18.98 -25.61 -39.72
C GLY C 266 18.62 -24.65 -38.61
N ALA C 267 18.87 -23.34 -38.83
CA ALA C 267 18.40 -22.32 -37.89
C ALA C 267 16.89 -22.34 -37.77
N ILE C 268 16.19 -22.43 -38.92
CA ILE C 268 14.73 -22.51 -38.96
C ILE C 268 14.22 -23.77 -38.27
N VAL C 269 14.84 -24.93 -38.56
CA VAL C 269 14.43 -26.15 -37.89
C VAL C 269 14.65 -26.04 -36.38
N VAL C 270 15.81 -25.50 -35.95
CA VAL C 270 16.05 -25.35 -34.52
C VAL C 270 14.99 -24.44 -33.89
N THR C 271 14.62 -23.36 -34.60
CA THR C 271 13.57 -22.45 -34.16
C THR C 271 12.24 -23.17 -33.92
N SER C 272 11.97 -24.24 -34.65
CA SER C 272 10.71 -24.97 -34.51
C SER C 272 10.71 -25.97 -33.36
N LEU C 273 11.78 -26.02 -32.55
CA LEU C 273 11.89 -26.87 -31.37
C LEU C 273 11.69 -26.12 -30.05
N ILE C 274 11.93 -24.80 -30.03
CA ILE C 274 11.93 -23.97 -28.82
C ILE C 274 10.51 -23.72 -28.35
N LYS C 275 10.16 -24.24 -27.18
CA LYS C 275 8.92 -23.86 -26.48
C LYS C 275 7.70 -24.19 -27.33
N GLN C 276 7.61 -25.46 -27.74
CA GLN C 276 6.47 -25.89 -28.55
C GLN C 276 5.17 -25.88 -27.75
N GLY C 277 4.06 -25.72 -28.46
CA GLY C 277 2.73 -25.76 -27.85
C GLY C 277 2.22 -24.41 -27.39
N VAL C 278 3.13 -23.47 -27.15
CA VAL C 278 2.78 -22.09 -26.82
C VAL C 278 2.76 -21.29 -28.11
N ASN C 279 2.12 -20.13 -28.10
CA ASN C 279 2.01 -19.33 -29.31
C ASN C 279 3.22 -18.40 -29.49
N ASN C 280 3.26 -17.70 -30.63
CA ASN C 280 4.45 -16.94 -31.03
C ASN C 280 4.79 -15.77 -30.10
N ALA C 281 3.84 -15.22 -29.35
CA ALA C 281 4.18 -14.14 -28.44
C ALA C 281 4.94 -14.67 -27.22
N GLU C 282 4.49 -15.79 -26.64
CA GLU C 282 5.18 -16.32 -25.47
C GLU C 282 6.53 -16.92 -25.82
N LYS C 283 6.66 -17.59 -26.97
CA LYS C 283 8.00 -18.01 -27.41
C LYS C 283 8.94 -16.81 -27.45
N PHE C 284 8.53 -15.75 -28.15
CA PHE C 284 9.39 -14.56 -28.21
C PHE C 284 9.72 -14.05 -26.81
N ASP C 285 8.76 -14.06 -25.90
CA ASP C 285 9.09 -13.67 -24.54
C ASP C 285 10.06 -14.67 -23.91
N TYR C 286 9.81 -15.97 -24.11
CA TYR C 286 10.69 -16.98 -23.53
C TYR C 286 12.14 -16.80 -23.98
N VAL C 287 12.37 -16.52 -25.27
CA VAL C 287 13.76 -16.37 -25.75
C VAL C 287 14.36 -15.06 -25.27
N MET C 288 13.57 -13.98 -25.23
CA MET C 288 14.16 -12.71 -24.78
C MET C 288 14.46 -12.71 -23.30
N GLN C 289 13.57 -13.21 -22.46
CA GLN C 289 13.95 -13.40 -21.06
C GLN C 289 15.27 -14.17 -20.97
N PHE C 290 15.44 -15.17 -21.82
CA PHE C 290 16.67 -15.98 -21.84
C PHE C 290 17.88 -15.14 -22.23
N LEU C 291 17.76 -14.38 -23.32
CA LEU C 291 18.83 -13.51 -23.80
C LEU C 291 19.19 -12.41 -22.80
N ASN C 292 18.25 -12.02 -21.93
CA ASN C 292 18.55 -11.04 -20.89
C ASN C 292 19.45 -11.63 -19.82
N LYS C 293 19.16 -12.85 -19.39
CA LYS C 293 20.01 -13.52 -18.42
C LYS C 293 21.44 -13.64 -18.95
N MET C 294 21.59 -13.90 -20.25
CA MET C 294 22.92 -14.06 -20.83
C MET C 294 23.71 -12.76 -20.81
N ALA C 295 23.02 -11.64 -21.00
CA ALA C 295 23.65 -10.33 -21.09
C ALA C 295 23.65 -9.58 -19.75
N GLY C 296 23.49 -10.28 -18.64
CA GLY C 296 23.50 -9.60 -17.35
C GLY C 296 22.55 -8.42 -17.30
N ASN C 297 21.42 -8.53 -17.98
CA ASN C 297 20.33 -7.54 -18.05
C ASN C 297 20.75 -6.25 -18.75
N GLU C 298 21.79 -6.30 -19.59
CA GLU C 298 22.13 -5.15 -20.43
C GLU C 298 21.16 -5.13 -21.63
N TYR C 299 21.40 -4.21 -22.58
CA TYR C 299 20.36 -3.92 -23.56
C TYR C 299 20.10 -5.12 -24.47
N VAL C 300 18.88 -5.63 -24.42
CA VAL C 300 18.38 -6.53 -25.46
C VAL C 300 17.05 -5.95 -25.95
N GLY C 301 16.97 -5.67 -27.24
CA GLY C 301 15.75 -5.09 -27.77
C GLY C 301 15.19 -5.76 -29.01
N PHE C 302 14.35 -5.05 -29.75
CA PHE C 302 13.68 -5.64 -30.89
C PHE C 302 13.26 -4.56 -31.88
N SER C 303 13.68 -4.73 -33.13
CA SER C 303 13.38 -3.81 -34.21
C SER C 303 12.19 -4.33 -35.01
N ASN C 304 11.05 -3.63 -34.90
CA ASN C 304 9.94 -3.99 -35.76
C ASN C 304 10.19 -3.57 -37.21
N ALA C 305 10.92 -2.46 -37.41
CA ALA C 305 11.25 -2.02 -38.77
C ALA C 305 11.98 -3.11 -39.55
N THR C 306 13.07 -3.62 -38.97
CA THR C 306 13.83 -4.70 -39.60
C THR C 306 12.95 -5.93 -39.80
N PHE C 307 12.11 -6.25 -38.82
CA PHE C 307 11.28 -7.43 -38.95
C PHE C 307 10.26 -7.33 -40.07
N GLN C 308 9.61 -6.16 -40.22
CA GLN C 308 8.59 -6.06 -41.27
C GLN C 308 9.21 -6.17 -42.65
N SER C 309 10.45 -5.68 -42.79
CA SER C 309 11.13 -5.81 -44.06
C SER C 309 11.64 -7.24 -44.31
N GLU C 310 12.20 -7.87 -43.27
CA GLU C 310 12.61 -9.26 -43.35
C GLU C 310 11.44 -10.16 -43.72
N ARG C 311 10.24 -9.79 -43.29
CA ARG C 311 9.04 -10.55 -43.61
C ARG C 311 8.68 -10.41 -45.08
N GLU C 312 8.82 -9.21 -45.63
CA GLU C 312 8.38 -8.92 -46.99
C GLU C 312 9.44 -9.23 -48.06
N SER C 313 10.64 -9.67 -47.67
CA SER C 313 11.72 -9.94 -48.59
C SER C 313 12.39 -11.28 -48.32
N GLY C 314 11.64 -12.23 -47.78
CA GLY C 314 12.27 -13.49 -47.46
C GLY C 314 11.79 -14.63 -48.33
N ASP C 315 11.81 -14.44 -49.64
CA ASP C 315 11.38 -15.52 -50.52
C ASP C 315 12.31 -16.72 -50.41
N ARG C 316 13.60 -16.48 -50.14
CA ARG C 316 14.52 -17.61 -50.01
C ARG C 316 14.15 -18.51 -48.84
N ASN C 317 13.81 -17.90 -47.68
CA ASN C 317 13.41 -18.67 -46.49
C ASN C 317 12.06 -19.33 -46.65
N PHE C 318 11.14 -18.67 -47.36
CA PHE C 318 9.87 -19.33 -47.64
C PHE C 318 10.09 -20.55 -48.52
N ALA C 319 11.05 -20.49 -49.43
CA ALA C 319 11.46 -21.68 -50.17
C ALA C 319 11.97 -22.78 -49.23
N ILE C 320 12.81 -22.42 -48.25
CA ILE C 320 13.34 -23.40 -47.29
C ILE C 320 12.22 -24.02 -46.48
N GLY C 321 11.30 -23.19 -46.00
CA GLY C 321 10.24 -23.69 -45.14
C GLY C 321 9.40 -24.75 -45.81
N TYR C 322 9.01 -24.52 -47.06
CA TYR C 322 8.18 -25.49 -47.76
C TYR C 322 8.98 -26.77 -48.07
N TYR C 323 10.24 -26.64 -48.51
CA TYR C 323 11.06 -27.82 -48.78
C TYR C 323 11.22 -28.64 -47.52
N LEU C 324 11.36 -27.95 -46.38
CA LEU C 324 11.43 -28.64 -45.10
C LEU C 324 10.10 -29.27 -44.72
N LYS C 325 8.97 -28.62 -45.03
CA LYS C 325 7.68 -29.27 -44.76
C LYS C 325 7.51 -30.53 -45.59
N GLU C 326 7.89 -30.50 -46.87
CA GLU C 326 7.66 -31.67 -47.72
C GLU C 326 8.46 -32.87 -47.24
N LYS C 327 9.68 -32.64 -46.78
CA LYS C 327 10.54 -33.73 -46.37
C LYS C 327 10.42 -34.08 -44.90
N LYS C 328 9.39 -33.58 -44.21
CA LYS C 328 9.06 -33.96 -42.83
C LYS C 328 10.25 -33.76 -41.86
N CYS C 329 10.83 -32.55 -41.93
CA CYS C 329 11.96 -32.12 -41.12
C CYS C 329 11.54 -31.48 -39.80
N PHE C 330 10.34 -30.89 -39.73
CA PHE C 330 9.87 -30.23 -38.52
C PHE C 330 9.30 -31.24 -37.53
N PRO C 331 9.10 -30.85 -36.29
CA PRO C 331 8.42 -31.74 -35.34
C PRO C 331 6.93 -31.80 -35.66
N GLU C 332 6.31 -32.93 -35.31
CA GLU C 332 4.92 -33.16 -35.67
C GLU C 332 4.05 -32.06 -35.07
N GLY C 333 3.11 -31.56 -35.86
CA GLY C 333 2.25 -30.51 -35.37
C GLY C 333 2.80 -29.11 -35.51
N THR C 334 3.80 -28.93 -36.37
CA THR C 334 4.44 -27.64 -36.58
C THR C 334 3.65 -26.78 -37.54
N ASP C 335 3.47 -25.49 -37.20
CA ASP C 335 2.90 -24.50 -38.13
C ASP C 335 4.06 -23.84 -38.86
N MET C 336 4.41 -24.38 -40.03
CA MET C 336 5.61 -23.97 -40.78
C MET C 336 5.60 -22.47 -41.10
N VAL C 337 4.48 -21.95 -41.62
CA VAL C 337 4.48 -20.53 -41.91
C VAL C 337 4.60 -19.70 -40.63
N GLY C 338 3.99 -20.17 -39.53
CA GLY C 338 4.14 -19.48 -38.26
C GLY C 338 5.56 -19.53 -37.72
N ILE C 339 6.24 -20.65 -37.91
CA ILE C 339 7.63 -20.76 -37.47
C ILE C 339 8.48 -19.76 -38.24
N LEU C 340 8.11 -19.45 -39.49
CA LEU C 340 8.87 -18.48 -40.27
C LEU C 340 8.76 -17.07 -39.69
N ASP C 341 7.58 -16.72 -39.17
CA ASP C 341 7.46 -15.44 -38.47
C ASP C 341 8.31 -15.39 -37.21
N PHE C 342 8.17 -16.40 -36.33
CA PHE C 342 9.04 -16.46 -35.16
C PHE C 342 10.52 -16.39 -35.57
N TYR C 343 10.88 -17.04 -36.69
CA TYR C 343 12.26 -16.98 -37.16
C TYR C 343 12.65 -15.55 -37.58
N PHE C 344 11.86 -14.91 -38.45
CA PHE C 344 12.14 -13.52 -38.83
C PHE C 344 12.23 -12.60 -37.61
N GLN C 345 11.38 -12.83 -36.60
CA GLN C 345 11.43 -12.06 -35.38
C GLN C 345 12.78 -12.18 -34.70
N LEU C 346 13.22 -13.42 -34.40
CA LEU C 346 14.49 -13.64 -33.70
C LEU C 346 15.67 -12.97 -34.40
N CYS C 347 15.61 -12.84 -35.72
CA CYS C 347 16.68 -12.18 -36.45
C CYS C 347 16.63 -10.66 -36.31
N SER C 348 15.54 -10.12 -35.78
CA SER C 348 15.37 -8.68 -35.65
C SER C 348 15.56 -8.20 -34.21
N ILE C 349 16.04 -9.06 -33.32
CA ILE C 349 16.41 -8.67 -31.98
C ILE C 349 17.61 -7.73 -31.99
N GLU C 350 17.61 -6.74 -31.13
CA GLU C 350 18.68 -5.76 -31.12
C GLU C 350 19.58 -5.92 -29.91
N VAL C 351 20.87 -5.63 -30.15
CA VAL C 351 21.91 -5.56 -29.13
C VAL C 351 22.79 -4.34 -29.42
N THR C 352 23.58 -3.96 -28.42
CA THR C 352 24.74 -3.11 -28.66
C THR C 352 25.97 -3.98 -28.58
N CYS C 353 27.12 -3.42 -28.94
CA CYS C 353 28.37 -4.14 -28.74
C CYS C 353 28.55 -4.55 -27.28
N GLU C 354 28.25 -3.62 -26.36
CA GLU C 354 28.46 -3.92 -24.95
C GLU C 354 27.61 -5.09 -24.50
N SER C 355 26.28 -5.03 -24.77
CA SER C 355 25.40 -6.07 -24.28
C SER C 355 25.74 -7.43 -24.90
N ALA C 356 26.12 -7.45 -26.18
CA ALA C 356 26.48 -8.72 -26.80
C ALA C 356 27.79 -9.26 -26.25
N SER C 357 28.72 -8.39 -25.85
CA SER C 357 29.99 -8.90 -25.31
C SER C 357 29.76 -9.63 -24.00
N VAL C 358 28.67 -9.33 -23.28
CA VAL C 358 28.31 -10.10 -22.11
C VAL C 358 27.73 -11.46 -22.50
N MET C 359 26.89 -11.50 -23.55
CA MET C 359 26.38 -12.77 -24.08
C MET C 359 27.53 -13.72 -24.44
N ALA C 360 28.46 -13.24 -25.29
CA ALA C 360 29.58 -14.06 -25.73
C ALA C 360 30.41 -14.55 -24.54
N ALA C 361 30.66 -13.67 -23.58
CA ALA C 361 31.40 -14.06 -22.38
C ALA C 361 30.66 -15.15 -21.59
N THR C 362 29.33 -15.17 -21.64
CA THR C 362 28.58 -16.22 -20.94
C THR C 362 28.91 -17.62 -21.51
N LEU C 363 29.04 -17.72 -22.84
CA LEU C 363 29.48 -18.97 -23.46
C LEU C 363 30.96 -19.23 -23.15
N ALA C 364 31.78 -18.18 -23.16
CA ALA C 364 33.17 -18.27 -22.74
C ALA C 364 33.31 -18.78 -21.29
N ASN C 365 32.28 -18.63 -20.47
CA ASN C 365 32.37 -18.88 -19.04
C ASN C 365 31.61 -20.14 -18.64
N GLY C 366 31.54 -21.12 -19.53
CA GLY C 366 30.90 -22.38 -19.20
C GLY C 366 29.41 -22.28 -18.89
N GLY C 367 28.78 -21.15 -19.22
CA GLY C 367 27.35 -20.99 -19.08
C GLY C 367 26.90 -20.04 -17.99
N PHE C 368 27.81 -19.52 -17.16
CA PHE C 368 27.48 -18.56 -16.10
C PHE C 368 27.72 -17.13 -16.60
N CYS C 369 26.68 -16.28 -16.51
CA CYS C 369 26.88 -14.89 -16.87
C CYS C 369 27.93 -14.25 -15.97
N PRO C 370 29.01 -13.67 -16.52
CA PRO C 370 30.13 -13.26 -15.67
C PRO C 370 29.86 -12.02 -14.85
N ILE C 371 28.86 -11.21 -15.20
CA ILE C 371 28.56 -10.03 -14.40
C ILE C 371 27.39 -10.24 -13.45
N THR C 372 26.82 -11.44 -13.39
CA THR C 372 25.85 -11.71 -12.33
C THR C 372 26.11 -13.00 -11.55
N GLY C 373 26.99 -13.89 -12.00
CA GLY C 373 27.12 -15.19 -11.35
C GLY C 373 25.96 -16.14 -11.60
N GLU C 374 24.97 -15.73 -12.39
CA GLU C 374 23.79 -16.53 -12.69
C GLU C 374 24.10 -17.64 -13.70
N ARG C 375 23.57 -18.84 -13.45
CA ARG C 375 23.71 -19.93 -14.42
C ARG C 375 22.64 -19.82 -15.49
N VAL C 376 23.03 -19.62 -16.75
CA VAL C 376 22.09 -19.35 -17.82
C VAL C 376 21.93 -20.55 -18.76
N LEU C 377 23.00 -21.30 -19.01
CA LEU C 377 22.97 -22.43 -19.93
C LEU C 377 23.75 -23.61 -19.35
N SER C 378 23.26 -24.81 -19.67
CA SER C 378 23.93 -26.04 -19.25
C SER C 378 25.30 -26.17 -19.94
N PRO C 379 26.27 -26.82 -19.28
CA PRO C 379 27.58 -26.98 -19.93
C PRO C 379 27.53 -27.74 -21.23
N GLU C 380 26.54 -28.64 -21.38
CA GLU C 380 26.30 -29.39 -22.62
C GLU C 380 25.83 -28.47 -23.74
N ALA C 381 24.95 -27.51 -23.44
CA ALA C 381 24.52 -26.56 -24.46
C ALA C 381 25.66 -25.64 -24.89
N VAL C 382 26.48 -25.17 -23.95
CA VAL C 382 27.52 -24.23 -24.33
C VAL C 382 28.62 -24.95 -25.10
N ARG C 383 28.97 -26.17 -24.68
CA ARG C 383 30.03 -26.88 -25.39
C ARG C 383 29.61 -27.15 -26.83
N ASN C 384 28.37 -27.57 -27.03
CA ASN C 384 27.92 -27.86 -28.38
C ASN C 384 27.89 -26.59 -29.24
N THR C 385 27.47 -25.46 -28.66
CA THR C 385 27.42 -24.22 -29.43
C THR C 385 28.80 -23.78 -29.85
N LEU C 386 29.76 -23.82 -28.93
CA LEU C 386 31.11 -23.45 -29.33
C LEU C 386 31.65 -24.43 -30.39
N SER C 387 31.36 -25.73 -30.25
CA SER C 387 31.86 -26.69 -31.24
C SER C 387 31.37 -26.34 -32.65
N LEU C 388 30.11 -25.90 -32.77
CA LEU C 388 29.51 -25.65 -34.09
C LEU C 388 29.88 -24.29 -34.62
N MET C 389 30.09 -23.29 -33.74
CA MET C 389 30.62 -22.00 -34.17
C MET C 389 32.04 -22.12 -34.73
N HIS C 390 32.87 -23.03 -34.19
CA HIS C 390 34.23 -23.22 -34.71
C HIS C 390 34.21 -23.47 -36.22
N SER C 391 33.38 -24.40 -36.66
CA SER C 391 33.48 -25.00 -37.98
C SER C 391 32.40 -24.56 -38.97
N CYS C 392 31.31 -23.96 -38.49
CA CYS C 392 30.18 -23.61 -39.34
C CYS C 392 29.82 -22.14 -39.15
N GLY C 393 30.67 -21.35 -38.48
CA GLY C 393 30.26 -20.06 -37.97
C GLY C 393 30.34 -18.84 -38.87
N MET C 394 31.08 -18.90 -39.96
CA MET C 394 31.38 -17.69 -40.72
C MET C 394 31.04 -17.86 -42.22
N TYR C 395 29.96 -18.56 -42.52
CA TYR C 395 29.53 -18.74 -43.91
C TYR C 395 30.67 -19.46 -44.65
N ASP C 396 30.94 -19.13 -45.92
CA ASP C 396 31.99 -19.86 -46.63
C ASP C 396 33.41 -19.62 -46.07
N PHE C 397 33.59 -18.65 -45.18
CA PHE C 397 34.90 -18.43 -44.59
C PHE C 397 35.20 -19.35 -43.41
N SER C 398 34.23 -20.19 -43.00
CA SER C 398 34.37 -20.98 -41.78
C SER C 398 35.66 -21.80 -41.77
N GLY C 399 35.94 -22.48 -42.87
CA GLY C 399 37.11 -23.34 -42.90
C GLY C 399 38.40 -22.55 -42.78
N GLN C 400 38.52 -21.46 -43.55
CA GLN C 400 39.70 -20.59 -43.48
C GLN C 400 39.79 -19.93 -42.11
N PHE C 401 38.67 -19.46 -41.59
CA PHE C 401 38.67 -18.83 -40.28
C PHE C 401 39.08 -19.81 -39.19
N ALA C 402 38.54 -21.03 -39.22
CA ALA C 402 38.91 -22.00 -38.20
C ALA C 402 40.41 -22.25 -38.19
N PHE C 403 41.01 -22.31 -39.38
CA PHE C 403 42.44 -22.56 -39.53
C PHE C 403 43.27 -21.39 -39.02
N HIS C 404 43.00 -20.17 -39.50
CA HIS C 404 43.85 -19.01 -39.20
C HIS C 404 43.54 -18.36 -37.85
N VAL C 405 42.26 -18.28 -37.47
CA VAL C 405 41.89 -17.64 -36.21
C VAL C 405 41.69 -18.67 -35.09
N GLY C 406 41.08 -19.81 -35.37
CA GLY C 406 40.91 -20.79 -34.33
C GLY C 406 40.05 -20.37 -33.16
N LEU C 407 39.02 -19.55 -33.39
CA LEU C 407 38.12 -19.18 -32.29
C LEU C 407 36.69 -19.46 -32.68
N PRO C 408 35.87 -19.90 -31.74
CA PRO C 408 34.42 -19.97 -32.01
C PRO C 408 33.91 -18.58 -32.31
N ALA C 409 33.34 -18.40 -33.51
CA ALA C 409 32.84 -17.09 -33.86
C ALA C 409 31.58 -17.23 -34.70
N LYS C 410 30.79 -16.16 -34.76
CA LYS C 410 29.58 -16.12 -35.59
C LYS C 410 29.37 -14.74 -36.19
N SER C 411 29.03 -14.68 -37.47
CA SER C 411 28.90 -13.38 -38.12
C SER C 411 27.45 -13.13 -38.50
N GLY C 412 27.16 -11.86 -38.83
CA GLY C 412 25.82 -11.43 -39.17
C GLY C 412 25.86 -10.39 -40.27
N VAL C 413 24.69 -10.15 -40.87
CA VAL C 413 24.60 -9.29 -42.05
C VAL C 413 24.57 -7.80 -41.67
N ALA C 414 24.16 -7.48 -40.45
CA ALA C 414 24.26 -6.12 -39.95
C ALA C 414 25.69 -5.69 -39.68
N GLY C 415 26.64 -6.62 -39.70
CA GLY C 415 28.02 -6.32 -39.38
C GLY C 415 28.53 -6.89 -38.06
N GLY C 416 27.75 -7.73 -37.37
CA GLY C 416 28.20 -8.29 -36.13
C GLY C 416 29.13 -9.48 -36.33
N ILE C 417 30.05 -9.64 -35.39
CA ILE C 417 30.85 -10.86 -35.24
C ILE C 417 30.90 -11.21 -33.77
N LEU C 418 30.22 -12.27 -33.39
CA LEU C 418 30.23 -12.71 -32.00
C LEU C 418 31.43 -13.63 -31.78
N LEU C 419 32.35 -13.26 -30.89
CA LEU C 419 33.64 -13.94 -30.77
C LEU C 419 33.85 -14.43 -29.35
N VAL C 420 34.24 -15.68 -29.20
CA VAL C 420 34.38 -16.27 -27.88
C VAL C 420 35.78 -16.83 -27.75
N VAL C 421 36.51 -16.37 -26.75
CA VAL C 421 37.79 -16.96 -26.40
C VAL C 421 37.54 -17.82 -25.18
N PRO C 422 37.35 -19.13 -25.33
CA PRO C 422 36.96 -19.96 -24.18
C PRO C 422 37.94 -19.81 -23.03
N ASN C 423 37.38 -19.65 -21.82
CA ASN C 423 38.04 -19.50 -20.53
C ASN C 423 38.71 -18.14 -20.32
N VAL C 424 38.52 -17.18 -21.24
CA VAL C 424 39.13 -15.86 -21.12
C VAL C 424 38.11 -14.74 -21.22
N MET C 425 37.41 -14.64 -22.34
CA MET C 425 36.53 -13.49 -22.62
C MET C 425 35.65 -13.77 -23.82
N GLY C 426 34.59 -12.96 -23.94
CA GLY C 426 33.76 -12.90 -25.12
C GLY C 426 33.82 -11.48 -25.68
N MET C 427 33.46 -11.32 -26.95
CA MET C 427 33.62 -10.02 -27.63
C MET C 427 32.52 -9.87 -28.66
N MET C 428 32.26 -8.62 -29.02
CA MET C 428 31.39 -8.34 -30.15
C MET C 428 32.04 -7.23 -30.95
N CYS C 429 32.26 -7.47 -32.24
CA CYS C 429 32.77 -6.45 -33.15
C CYS C 429 31.64 -6.10 -34.09
N TRP C 430 31.63 -4.86 -34.54
CA TRP C 430 30.51 -4.43 -35.37
C TRP C 430 30.94 -3.33 -36.31
N SER C 431 30.82 -3.58 -37.60
CA SER C 431 31.02 -2.62 -38.68
C SER C 431 30.12 -3.13 -39.78
N PRO C 432 29.18 -2.33 -40.26
CA PRO C 432 28.18 -2.85 -41.21
C PRO C 432 28.77 -3.35 -42.52
N PRO C 433 29.78 -2.70 -43.11
CA PRO C 433 30.16 -3.10 -44.48
C PRO C 433 30.73 -4.51 -44.54
N LEU C 434 30.10 -5.37 -45.36
CA LEU C 434 30.49 -6.76 -45.49
C LEU C 434 31.40 -6.96 -46.69
N ASP C 435 32.25 -7.98 -46.61
CA ASP C 435 33.04 -8.36 -47.76
C ASP C 435 32.15 -9.28 -48.60
N LYS C 436 32.72 -9.90 -49.66
CA LYS C 436 31.90 -10.65 -50.60
C LYS C 436 31.38 -11.99 -50.05
N MET C 437 31.93 -12.51 -48.96
CA MET C 437 31.34 -13.71 -48.37
C MET C 437 30.32 -13.43 -47.28
N GLY C 438 30.15 -12.17 -46.86
CA GLY C 438 29.10 -11.79 -45.91
C GLY C 438 29.53 -11.38 -44.51
N ASN C 439 30.83 -11.22 -44.26
CA ASN C 439 31.38 -10.93 -42.94
C ASN C 439 31.89 -9.50 -42.87
N SER C 440 31.74 -8.86 -41.71
CA SER C 440 32.20 -7.49 -41.56
C SER C 440 33.68 -7.41 -41.93
N VAL C 441 34.02 -6.46 -42.79
CA VAL C 441 35.42 -6.36 -43.22
C VAL C 441 36.31 -6.05 -42.02
N LYS C 442 35.99 -4.99 -41.28
CA LYS C 442 36.79 -4.64 -40.12
C LYS C 442 36.81 -5.77 -39.09
N GLY C 443 35.67 -6.43 -38.90
CA GLY C 443 35.61 -7.46 -37.88
C GLY C 443 36.57 -8.59 -38.15
N ILE C 444 36.62 -9.04 -39.41
CA ILE C 444 37.52 -10.12 -39.81
C ILE C 444 38.97 -9.67 -39.65
N HIS C 445 39.26 -8.42 -40.04
CA HIS C 445 40.60 -7.87 -39.85
C HIS C 445 40.99 -7.87 -38.38
N PHE C 446 40.09 -7.42 -37.51
CA PHE C 446 40.36 -7.41 -36.09
C PHE C 446 40.64 -8.83 -35.57
N CYS C 447 39.85 -9.82 -35.98
CA CYS C 447 40.02 -11.18 -35.46
C CYS C 447 41.36 -11.80 -35.86
N HIS C 448 41.79 -11.61 -37.12
CA HIS C 448 43.16 -12.01 -37.49
C HIS C 448 44.22 -11.29 -36.66
N ASP C 449 44.08 -9.96 -36.50
CA ASP C 449 45.07 -9.21 -35.73
C ASP C 449 45.13 -9.69 -34.29
N LEU C 450 43.96 -9.93 -33.67
CA LEU C 450 43.92 -10.35 -32.27
C LEU C 450 44.72 -11.64 -32.07
N VAL C 451 44.52 -12.63 -32.93
CA VAL C 451 45.16 -13.92 -32.72
C VAL C 451 46.64 -13.86 -33.12
N SER C 452 47.01 -13.00 -34.06
CA SER C 452 48.43 -12.78 -34.34
C SER C 452 49.15 -12.23 -33.11
N LEU C 453 48.45 -11.45 -32.29
CA LEU C 453 49.06 -10.84 -31.11
C LEU C 453 49.05 -11.75 -29.90
N CYS C 454 47.97 -12.49 -29.67
CA CYS C 454 47.77 -13.25 -28.44
C CYS C 454 47.66 -14.73 -28.72
N ASN C 455 48.13 -15.54 -27.78
CA ASN C 455 48.07 -16.99 -27.91
C ASN C 455 46.68 -17.55 -27.61
N PHE C 456 45.63 -16.93 -28.15
CA PHE C 456 44.26 -17.38 -27.92
C PHE C 456 43.77 -18.40 -28.94
N HIS C 457 44.50 -18.56 -30.06
CA HIS C 457 44.12 -19.58 -31.05
C HIS C 457 43.89 -20.88 -30.31
N ASN C 458 42.85 -21.58 -30.72
CA ASN C 458 42.46 -22.84 -30.11
C ASN C 458 43.65 -23.78 -29.93
N TYR C 459 44.59 -23.78 -30.88
CA TYR C 459 45.71 -24.72 -30.87
C TYR C 459 47.06 -24.00 -30.78
N ASP C 460 47.06 -22.78 -30.24
CA ASP C 460 48.28 -22.23 -29.69
C ASP C 460 48.60 -23.01 -28.42
N ASN C 461 49.87 -23.02 -28.04
CA ASN C 461 50.31 -23.65 -26.80
C ASN C 461 50.31 -22.62 -25.68
N LEU C 462 49.89 -23.03 -24.47
CA LEU C 462 49.88 -22.13 -23.33
C LEU C 462 51.25 -21.95 -22.67
N ARG C 463 52.26 -22.69 -23.10
CA ARG C 463 53.60 -22.64 -22.52
C ARG C 463 54.67 -22.18 -23.50
N HIS C 464 54.67 -22.70 -24.75
CA HIS C 464 55.68 -22.34 -25.76
C HIS C 464 54.98 -21.67 -26.95
N PHE C 465 54.75 -20.36 -26.82
CA PHE C 465 53.96 -19.62 -27.81
C PHE C 465 54.78 -18.61 -28.60
N ALA C 466 56.10 -18.80 -28.69
CA ALA C 466 56.92 -18.03 -29.64
C ALA C 466 56.88 -16.55 -29.28
N LYS C 467 56.53 -15.66 -30.21
CA LYS C 467 56.63 -14.22 -30.05
C LYS C 467 55.30 -13.59 -29.65
N LYS C 468 54.27 -14.39 -29.42
CA LYS C 468 52.99 -13.85 -29.01
C LYS C 468 53.02 -13.45 -27.54
N LEU C 469 52.23 -12.44 -27.21
CA LEU C 469 51.97 -12.03 -25.84
C LEU C 469 50.92 -12.95 -25.24
N ASP C 470 50.98 -13.16 -23.91
CA ASP C 470 49.95 -13.94 -23.22
C ASP C 470 49.34 -13.10 -22.11
N PRO C 471 48.14 -12.55 -22.30
CA PRO C 471 47.56 -11.69 -21.26
C PRO C 471 47.14 -12.41 -20.00
N ARG C 472 47.20 -13.75 -19.98
CA ARG C 472 46.84 -14.48 -18.77
C ARG C 472 47.97 -14.54 -17.76
N ARG C 473 49.16 -14.09 -18.15
CA ARG C 473 50.37 -14.04 -17.32
C ARG C 473 50.73 -12.59 -17.03
N GLU C 474 51.74 -12.41 -16.17
CA GLU C 474 52.13 -11.07 -15.69
C GLU C 474 53.54 -10.68 -16.12
N GLY C 475 54.58 -11.39 -15.68
CA GLY C 475 55.94 -10.97 -15.96
C GLY C 475 56.86 -12.07 -16.47
N PRO D 66 -31.98 15.40 -31.26
CA PRO D 66 -31.90 14.76 -29.94
C PRO D 66 -32.67 15.53 -28.86
N SER D 67 -32.79 15.01 -27.64
CA SER D 67 -33.57 15.67 -26.58
C SER D 67 -33.40 15.02 -25.21
N LEU D 68 -33.14 15.82 -24.16
CA LEU D 68 -32.83 15.24 -22.84
C LEU D 68 -34.02 14.52 -22.25
N GLU D 69 -35.22 15.11 -22.40
CA GLU D 69 -36.42 14.43 -21.96
C GLU D 69 -36.56 13.08 -22.67
N ASP D 70 -36.16 13.03 -23.94
CA ASP D 70 -36.30 11.81 -24.74
C ASP D 70 -35.26 10.76 -24.36
N LEU D 71 -34.00 11.15 -24.13
CA LEU D 71 -32.99 10.15 -23.80
C LEU D 71 -33.16 9.61 -22.37
N LEU D 72 -33.49 10.49 -21.41
CA LEU D 72 -33.84 10.00 -20.08
C LEU D 72 -35.07 9.09 -20.16
N PHE D 73 -35.94 9.33 -21.14
CA PHE D 73 -37.12 8.50 -21.36
C PHE D 73 -36.70 7.06 -21.63
N TYR D 74 -35.73 6.84 -22.54
CA TYR D 74 -35.30 5.49 -22.88
C TYR D 74 -34.47 4.86 -21.75
N THR D 75 -33.77 5.69 -20.96
CA THR D 75 -33.04 5.20 -19.79
C THR D 75 -33.96 4.40 -18.85
N ILE D 76 -35.12 4.98 -18.50
CA ILE D 76 -36.07 4.27 -17.63
C ILE D 76 -37.05 3.43 -18.44
N ALA D 77 -37.21 3.71 -19.75
CA ALA D 77 -38.19 2.96 -20.53
C ALA D 77 -37.86 1.48 -20.57
N GLU D 78 -36.58 1.12 -20.54
CA GLU D 78 -36.16 -0.27 -20.56
C GLU D 78 -36.70 -0.95 -21.82
N GLY D 79 -36.57 -0.24 -22.94
CA GLY D 79 -37.01 -0.70 -24.25
C GLY D 79 -38.50 -0.80 -24.47
N GLN D 80 -39.34 -0.73 -23.43
CA GLN D 80 -40.77 -0.82 -23.69
C GLN D 80 -41.34 0.56 -24.05
N GLU D 81 -42.65 0.57 -24.30
CA GLU D 81 -43.31 1.73 -24.90
C GLU D 81 -43.77 2.76 -23.87
N LYS D 82 -44.17 2.32 -22.68
CA LYS D 82 -44.70 3.22 -21.66
C LYS D 82 -44.15 2.84 -20.29
N ILE D 83 -43.99 3.85 -19.45
CA ILE D 83 -43.41 3.73 -18.11
C ILE D 83 -44.54 3.78 -17.10
N PRO D 84 -44.71 2.77 -16.25
CA PRO D 84 -45.60 2.95 -15.09
C PRO D 84 -45.15 4.12 -14.23
N VAL D 85 -46.11 4.74 -13.54
CA VAL D 85 -45.75 5.87 -12.68
C VAL D 85 -44.96 5.39 -11.46
N HIS D 86 -45.39 4.28 -10.84
CA HIS D 86 -44.65 3.75 -9.71
C HIS D 86 -43.24 3.32 -10.11
N LYS D 87 -43.06 2.84 -11.35
CA LYS D 87 -41.72 2.47 -11.78
C LYS D 87 -40.82 3.69 -11.90
N PHE D 88 -41.39 4.83 -12.26
CA PHE D 88 -40.58 6.03 -12.35
C PHE D 88 -40.27 6.56 -10.96
N ILE D 89 -41.26 6.50 -10.06
CA ILE D 89 -41.09 7.02 -8.70
C ILE D 89 -40.04 6.19 -7.96
N THR D 90 -40.08 4.86 -8.07
CA THR D 90 -39.10 4.04 -7.36
C THR D 90 -37.69 4.23 -7.92
N ALA D 91 -37.57 4.41 -9.24
CA ALA D 91 -36.28 4.75 -9.82
C ALA D 91 -35.75 6.07 -9.26
N LEU D 92 -36.64 7.01 -9.00
CA LEU D 92 -36.29 8.33 -8.52
C LEU D 92 -35.91 8.32 -7.04
N LYS D 93 -36.69 7.61 -6.21
CA LYS D 93 -36.38 7.51 -4.79
C LYS D 93 -35.03 6.84 -4.56
N SER D 94 -34.70 5.84 -5.39
CA SER D 94 -33.47 5.10 -5.20
C SER D 94 -32.23 5.94 -5.48
N THR D 95 -32.36 7.07 -6.16
CA THR D 95 -31.24 8.00 -6.20
C THR D 95 -31.06 8.71 -4.88
N GLY D 96 -31.94 8.47 -3.91
CA GLY D 96 -31.92 9.20 -2.67
C GLY D 96 -32.72 10.48 -2.66
N LEU D 97 -33.17 10.95 -3.83
CA LEU D 97 -34.03 12.12 -3.83
C LEU D 97 -35.33 11.78 -3.11
N ARG D 98 -35.86 12.75 -2.38
CA ARG D 98 -37.13 12.56 -1.72
C ARG D 98 -38.20 13.09 -2.65
N THR D 99 -39.32 12.38 -2.72
CA THR D 99 -40.34 12.77 -3.68
C THR D 99 -40.93 14.14 -3.36
N SER D 100 -40.58 14.73 -2.23
CA SER D 100 -41.02 16.07 -1.82
C SER D 100 -39.91 17.12 -1.91
N ASP D 101 -38.81 16.82 -2.57
CA ASP D 101 -37.75 17.80 -2.80
C ASP D 101 -38.34 19.06 -3.44
N PRO D 102 -38.07 20.26 -2.91
CA PRO D 102 -38.52 21.49 -3.58
C PRO D 102 -37.99 21.69 -5.00
N ARG D 103 -36.81 21.17 -5.34
CA ARG D 103 -36.33 21.29 -6.72
C ARG D 103 -37.11 20.42 -7.67
N LEU D 104 -38.03 19.60 -7.16
CA LEU D 104 -38.83 18.69 -7.97
C LEU D 104 -40.32 19.01 -7.94
N LYS D 105 -40.73 20.18 -7.41
CA LYS D 105 -42.15 20.40 -7.13
C LYS D 105 -42.97 20.39 -8.42
N GLU D 106 -42.46 21.05 -9.47
CA GLU D 106 -43.22 21.12 -10.74
C GLU D 106 -43.45 19.74 -11.34
N CYS D 107 -42.40 18.92 -11.39
CA CYS D 107 -42.53 17.56 -11.90
C CYS D 107 -43.56 16.76 -11.08
N MET D 108 -43.56 16.92 -9.76
CA MET D 108 -44.48 16.16 -8.91
C MET D 108 -45.90 16.66 -9.02
N ASP D 109 -46.07 17.98 -9.22
CA ASP D 109 -47.39 18.57 -9.40
C ASP D 109 -48.00 18.10 -10.72
N MET D 110 -47.19 18.13 -11.78
CA MET D 110 -47.63 17.69 -13.09
C MET D 110 -47.96 16.19 -13.10
N LEU D 111 -47.17 15.39 -12.37
CA LEU D 111 -47.48 13.96 -12.25
C LEU D 111 -48.81 13.73 -11.53
N ARG D 112 -49.03 14.43 -10.42
CA ARG D 112 -50.29 14.26 -9.70
C ARG D 112 -51.47 14.72 -10.55
N LEU D 113 -51.25 15.71 -11.43
CA LEU D 113 -52.35 16.20 -12.26
C LEU D 113 -52.75 15.17 -13.30
N THR D 114 -51.77 14.61 -14.03
CA THR D 114 -52.14 13.65 -15.06
C THR D 114 -52.70 12.36 -14.46
N LEU D 115 -52.43 12.08 -13.18
CA LEU D 115 -53.07 10.94 -12.53
C LEU D 115 -54.52 11.21 -12.17
N GLN D 116 -54.98 12.46 -12.29
CA GLN D 116 -56.39 12.79 -12.19
C GLN D 116 -57.02 12.82 -13.57
N THR D 117 -56.39 13.56 -14.51
CA THR D 117 -56.90 13.76 -15.86
C THR D 117 -56.94 12.46 -16.68
N THR D 118 -56.04 11.51 -16.43
CA THR D 118 -56.06 10.21 -17.11
C THR D 118 -56.01 9.15 -16.00
N SER D 119 -57.17 8.84 -15.43
CA SER D 119 -57.32 7.67 -14.55
C SER D 119 -57.22 6.35 -15.32
N ASP D 120 -57.41 6.40 -16.64
CA ASP D 120 -57.05 5.29 -17.51
C ASP D 120 -55.53 5.16 -17.58
N GLY D 121 -54.92 4.71 -16.48
CA GLY D 121 -53.47 4.59 -16.44
C GLY D 121 -53.07 3.32 -15.73
N VAL D 122 -52.01 3.35 -14.95
CA VAL D 122 -51.27 4.56 -14.66
C VAL D 122 -49.95 4.59 -15.45
N MET D 123 -50.04 4.87 -16.76
CA MET D 123 -48.89 4.69 -17.62
C MET D 123 -48.64 5.89 -18.51
N LEU D 124 -47.37 6.28 -18.64
CA LEU D 124 -46.96 7.48 -19.36
C LEU D 124 -46.11 7.10 -20.58
N ASP D 125 -46.46 7.67 -21.74
CA ASP D 125 -45.68 7.53 -22.97
C ASP D 125 -44.59 8.61 -23.08
N LYS D 126 -43.85 8.61 -24.19
CA LYS D 126 -42.78 9.59 -24.43
C LYS D 126 -43.26 11.04 -24.28
N ASP D 127 -44.47 11.34 -24.74
CA ASP D 127 -44.95 12.73 -24.72
C ASP D 127 -45.49 13.13 -23.36
N LEU D 128 -46.14 12.20 -22.66
CA LEU D 128 -46.65 12.50 -21.33
C LEU D 128 -45.51 12.57 -20.31
N PHE D 129 -44.53 11.67 -20.43
CA PHE D 129 -43.32 11.81 -19.64
C PHE D 129 -42.67 13.16 -19.90
N LYS D 130 -42.61 13.57 -21.17
CA LYS D 130 -42.04 14.88 -21.51
C LYS D 130 -42.80 16.00 -20.83
N LYS D 131 -44.13 15.87 -20.69
CA LYS D 131 -44.93 16.93 -20.05
C LYS D 131 -44.49 17.21 -18.62
N CYS D 132 -44.20 16.16 -17.85
CA CYS D 132 -43.94 16.33 -16.42
C CYS D 132 -42.48 16.71 -16.12
N VAL D 133 -41.51 16.03 -16.74
CA VAL D 133 -40.11 16.21 -16.36
C VAL D 133 -39.44 17.41 -17.02
N GLN D 134 -40.12 18.14 -17.92
CA GLN D 134 -39.47 19.26 -18.60
C GLN D 134 -38.96 20.29 -17.60
N SER D 135 -39.74 20.58 -16.57
CA SER D 135 -39.40 21.68 -15.68
C SER D 135 -38.13 21.40 -14.87
N ASN D 136 -37.94 20.15 -14.42
CA ASN D 136 -36.83 19.78 -13.55
C ASN D 136 -35.93 18.72 -14.20
N ILE D 137 -35.69 18.84 -15.51
CA ILE D 137 -35.02 17.76 -16.24
C ILE D 137 -33.54 17.72 -15.89
N VAL D 138 -32.94 18.88 -15.61
CA VAL D 138 -31.51 18.91 -15.31
C VAL D 138 -31.21 18.17 -14.00
N LEU D 139 -32.01 18.42 -12.97
CA LEU D 139 -31.85 17.71 -11.70
C LEU D 139 -32.17 16.25 -11.83
N LEU D 140 -33.20 15.93 -12.64
CA LEU D 140 -33.57 14.53 -12.83
C LEU D 140 -32.53 13.76 -13.63
N THR D 141 -31.90 14.38 -14.63
CA THR D 141 -30.93 13.63 -15.40
C THR D 141 -29.71 13.31 -14.56
N GLN D 142 -29.13 14.32 -13.91
CA GLN D 142 -27.97 14.07 -13.05
C GLN D 142 -28.27 12.97 -12.04
N ALA D 143 -29.51 12.93 -11.53
CA ALA D 143 -29.90 11.90 -10.56
C ALA D 143 -29.95 10.52 -11.20
N PHE D 144 -30.29 10.44 -12.49
CA PHE D 144 -30.48 9.17 -13.15
C PHE D 144 -29.25 8.68 -13.89
N ARG D 145 -28.38 9.60 -14.31
CA ARG D 145 -27.08 9.31 -14.90
C ARG D 145 -25.98 9.14 -13.84
N ARG D 146 -26.36 8.80 -12.60
CA ARG D 146 -25.42 8.49 -11.50
C ARG D 146 -24.36 9.58 -11.32
N LYS D 147 -24.73 10.82 -11.58
CA LYS D 147 -23.83 11.96 -11.46
C LYS D 147 -23.86 12.63 -10.07
N PHE D 148 -24.60 12.07 -9.12
CA PHE D 148 -24.65 12.64 -7.78
C PHE D 148 -23.37 12.27 -6.99
N VAL D 149 -23.09 13.07 -5.94
CA VAL D 149 -21.82 12.96 -5.23
C VAL D 149 -21.60 11.55 -4.68
N ILE D 150 -22.69 10.88 -4.32
CA ILE D 150 -22.68 9.47 -3.94
C ILE D 150 -23.53 8.71 -4.95
N PRO D 151 -22.90 8.04 -5.93
CA PRO D 151 -23.70 7.45 -7.02
C PRO D 151 -24.58 6.28 -6.58
N ASP D 152 -24.06 5.38 -5.74
CA ASP D 152 -24.84 4.22 -5.27
C ASP D 152 -25.33 4.50 -3.85
N PHE D 153 -26.41 5.26 -3.78
CA PHE D 153 -26.95 5.64 -2.48
C PHE D 153 -27.57 4.45 -1.77
N MET D 154 -28.15 3.51 -2.52
CA MET D 154 -28.82 2.38 -1.87
C MET D 154 -27.84 1.55 -1.06
N SER D 155 -26.63 1.35 -1.59
CA SER D 155 -25.64 0.57 -0.85
C SER D 155 -25.11 1.33 0.34
N PHE D 156 -24.88 2.65 0.18
CA PHE D 156 -24.36 3.48 1.24
C PHE D 156 -25.30 3.52 2.45
N THR D 157 -26.61 3.64 2.20
CA THR D 157 -27.55 3.65 3.32
C THR D 157 -27.58 2.32 4.05
N SER D 158 -27.36 1.21 3.35
CA SER D 158 -27.21 -0.05 4.08
C SER D 158 -26.08 0.06 5.11
N HIS D 159 -24.97 0.70 4.72
CA HIS D 159 -23.86 0.91 5.65
C HIS D 159 -24.23 1.84 6.80
N ILE D 160 -24.91 2.96 6.49
CA ILE D 160 -25.35 3.85 7.55
C ILE D 160 -26.21 3.09 8.56
N ASP D 161 -27.05 2.17 8.04
CA ASP D 161 -27.89 1.34 8.91
C ASP D 161 -27.06 0.42 9.81
N GLU D 162 -26.03 -0.21 9.24
CA GLU D 162 -25.15 -1.05 10.05
C GLU D 162 -24.46 -0.23 11.13
N LEU D 163 -23.92 0.94 10.76
CA LEU D 163 -23.22 1.81 11.71
C LEU D 163 -24.16 2.25 12.83
N TYR D 164 -25.40 2.56 12.46
CA TYR D 164 -26.44 2.92 13.42
C TYR D 164 -26.67 1.77 14.41
N GLU D 165 -26.85 0.56 13.89
CA GLU D 165 -27.13 -0.58 14.77
C GLU D 165 -25.93 -0.89 15.66
N SER D 166 -24.71 -0.68 15.16
CA SER D 166 -23.53 -0.95 15.96
C SER D 166 -23.43 0.02 17.13
N ALA D 167 -23.88 1.27 16.96
CA ALA D 167 -23.90 2.22 18.07
C ALA D 167 -25.10 2.05 18.97
N LYS D 168 -26.21 1.50 18.46
CA LYS D 168 -27.38 1.31 19.32
C LYS D 168 -27.06 0.41 20.49
N LYS D 169 -25.94 -0.31 20.44
CA LYS D 169 -25.52 -1.24 21.49
C LYS D 169 -24.66 -0.58 22.57
N GLN D 170 -24.31 0.70 22.43
CA GLN D 170 -23.52 1.45 23.42
C GLN D 170 -24.45 2.31 24.28
N SER D 171 -24.97 1.73 25.36
CA SER D 171 -26.02 2.38 26.14
C SER D 171 -25.50 3.10 27.38
N GLY D 172 -24.18 3.30 27.51
CA GLY D 172 -23.63 4.09 28.59
C GLY D 172 -23.91 5.59 28.48
N GLY D 173 -23.48 6.34 29.50
CA GLY D 173 -23.64 7.78 29.58
C GLY D 173 -24.76 8.18 30.53
N LYS D 174 -24.78 9.47 30.85
CA LYS D 174 -25.82 10.08 31.67
C LYS D 174 -26.51 11.19 30.90
N VAL D 175 -27.85 11.12 30.83
CA VAL D 175 -28.61 12.20 30.26
C VAL D 175 -28.40 13.47 31.10
N ALA D 176 -28.22 14.59 30.41
CA ALA D 176 -28.02 15.88 31.08
C ALA D 176 -29.27 16.23 31.88
N ASP D 177 -29.11 16.46 33.19
CA ASP D 177 -30.28 16.67 34.05
C ASP D 177 -30.34 18.04 34.72
N TYR D 178 -29.42 18.95 34.42
CA TYR D 178 -29.36 20.22 35.16
C TYR D 178 -30.61 21.09 34.98
N ILE D 179 -31.42 20.84 33.96
CA ILE D 179 -32.74 21.49 33.83
C ILE D 179 -33.75 20.40 33.53
N PRO D 180 -35.01 20.54 33.99
CA PRO D 180 -35.96 19.42 33.89
C PRO D 180 -36.31 18.96 32.48
N GLN D 181 -36.12 19.78 31.44
CA GLN D 181 -36.56 19.40 30.09
C GLN D 181 -35.53 18.59 29.31
N LEU D 182 -34.29 18.51 29.77
CA LEU D 182 -33.33 17.62 29.13
C LEU D 182 -33.24 16.29 29.83
N ALA D 183 -33.55 16.29 31.15
CA ALA D 183 -33.72 15.08 31.92
C ALA D 183 -34.94 14.28 31.50
N LYS D 184 -35.94 14.94 30.91
CA LYS D 184 -37.18 14.24 30.54
C LYS D 184 -36.97 13.30 29.34
N PHE D 185 -35.88 13.45 28.59
CA PHE D 185 -35.64 12.66 27.38
C PHE D 185 -35.11 11.27 27.72
N SER D 186 -35.64 10.27 27.02
CA SER D 186 -35.28 8.90 27.29
C SER D 186 -33.84 8.64 26.85
N PRO D 187 -33.09 7.80 27.59
CA PRO D 187 -31.72 7.44 27.15
C PRO D 187 -31.66 6.54 25.92
N ASP D 188 -32.78 5.97 25.49
CA ASP D 188 -32.81 5.01 24.39
C ASP D 188 -33.14 5.63 23.04
N LEU D 189 -33.43 6.92 23.01
CA LEU D 189 -33.54 7.63 21.74
C LEU D 189 -32.18 7.67 21.06
N TRP D 190 -32.18 7.56 19.73
CA TRP D 190 -30.98 7.53 18.93
C TRP D 190 -31.38 7.68 17.47
N GLY D 191 -30.99 8.76 16.83
CA GLY D 191 -31.31 8.98 15.44
C GLY D 191 -30.14 9.56 14.69
N VAL D 192 -30.10 9.29 13.39
CA VAL D 192 -29.07 9.85 12.51
C VAL D 192 -29.70 10.11 11.14
N SER D 193 -29.49 11.31 10.60
CA SER D 193 -30.02 11.68 9.29
C SER D 193 -28.88 12.14 8.40
N VAL D 194 -28.92 11.71 7.16
CA VAL D 194 -27.91 12.07 6.17
C VAL D 194 -28.54 13.01 5.17
N CYS D 195 -27.73 13.91 4.64
CA CYS D 195 -28.16 14.76 3.53
C CYS D 195 -26.95 15.16 2.71
N THR D 196 -26.88 14.73 1.45
CA THR D 196 -25.69 15.03 0.67
C THR D 196 -25.75 16.44 0.10
N ALA D 197 -24.61 16.88 -0.45
CA ALA D 197 -24.59 18.19 -1.12
C ALA D 197 -25.54 18.24 -2.33
N ASP D 198 -26.14 17.11 -2.74
CA ASP D 198 -27.10 17.04 -3.86
C ASP D 198 -28.55 16.86 -3.41
N GLY D 199 -28.79 16.61 -2.14
CA GLY D 199 -30.14 16.46 -1.64
C GLY D 199 -30.56 15.03 -1.37
N GLN D 200 -29.71 14.05 -1.63
CA GLN D 200 -30.06 12.66 -1.34
C GLN D 200 -30.15 12.47 0.16
N ARG D 201 -31.28 11.94 0.63
CA ARG D 201 -31.58 11.83 2.05
C ARG D 201 -31.64 10.37 2.50
N HIS D 202 -31.33 10.15 3.78
CA HIS D 202 -31.63 8.88 4.45
C HIS D 202 -31.64 9.09 5.95
N SER D 203 -32.61 8.47 6.64
CA SER D 203 -32.70 8.56 8.09
C SER D 203 -32.90 7.17 8.67
N THR D 204 -32.50 7.03 9.93
CA THR D 204 -32.67 5.79 10.68
C THR D 204 -32.90 6.15 12.14
N GLY D 205 -33.89 5.51 12.78
CA GLY D 205 -34.11 5.79 14.19
C GLY D 205 -35.07 6.92 14.50
N ASP D 206 -34.86 7.61 15.63
CA ASP D 206 -35.74 8.70 16.09
C ASP D 206 -35.33 10.05 15.48
N THR D 207 -35.61 10.17 14.19
CA THR D 207 -35.12 11.29 13.42
C THR D 207 -36.13 12.43 13.26
N LYS D 208 -37.35 12.28 13.81
CA LYS D 208 -38.33 13.37 13.77
C LYS D 208 -38.74 13.85 15.17
N VAL D 209 -37.94 13.56 16.19
CA VAL D 209 -38.21 14.00 17.56
C VAL D 209 -37.55 15.36 17.76
N PRO D 210 -38.30 16.41 18.09
CA PRO D 210 -37.66 17.71 18.26
C PRO D 210 -36.80 17.73 19.51
N PHE D 211 -35.65 18.41 19.40
CA PHE D 211 -34.74 18.62 20.50
C PHE D 211 -34.04 19.94 20.27
N CYS D 212 -33.46 20.48 21.35
CA CYS D 212 -32.81 21.79 21.32
C CYS D 212 -31.39 21.69 20.77
N LEU D 213 -30.96 22.72 20.05
CA LEU D 213 -29.59 22.71 19.54
C LEU D 213 -28.59 22.87 20.69
N GLN D 214 -28.85 23.79 21.60
CA GLN D 214 -27.94 24.15 22.70
C GLN D 214 -26.65 24.61 22.02
N SER D 215 -25.49 24.03 22.35
CA SER D 215 -24.21 24.52 21.85
C SER D 215 -24.02 24.22 20.37
N CYS D 216 -24.87 23.39 19.76
CA CYS D 216 -24.87 23.25 18.30
C CYS D 216 -25.18 24.56 17.59
N VAL D 217 -25.78 25.53 18.28
CA VAL D 217 -26.13 26.79 17.63
C VAL D 217 -24.92 27.72 17.48
N LYS D 218 -23.82 27.46 18.19
CA LYS D 218 -22.66 28.36 18.15
C LYS D 218 -22.05 28.48 16.75
N PRO D 219 -21.80 27.40 16.01
CA PRO D 219 -21.25 27.57 14.66
C PRO D 219 -22.21 28.27 13.71
N LEU D 220 -23.51 28.09 13.88
CA LEU D 220 -24.46 28.74 12.98
C LEU D 220 -24.53 30.24 13.22
N LYS D 221 -24.48 30.70 14.48
CA LYS D 221 -24.52 32.14 14.69
C LYS D 221 -23.19 32.78 14.37
N TYR D 222 -22.07 32.10 14.66
CA TYR D 222 -20.81 32.62 14.17
C TYR D 222 -20.85 32.78 12.65
N ALA D 223 -21.41 31.80 11.94
CA ALA D 223 -21.49 31.95 10.49
C ALA D 223 -22.36 33.15 10.12
N ILE D 224 -23.48 33.34 10.82
CA ILE D 224 -24.36 34.48 10.52
C ILE D 224 -23.61 35.79 10.73
N ALA D 225 -22.84 35.87 11.83
CA ALA D 225 -22.13 37.12 12.15
C ALA D 225 -21.09 37.47 11.09
N VAL D 226 -20.27 36.48 10.65
CA VAL D 226 -19.25 36.76 9.63
C VAL D 226 -19.86 36.91 8.25
N ASN D 227 -20.99 36.25 7.98
CA ASN D 227 -21.68 36.45 6.71
C ASN D 227 -22.13 37.90 6.56
N ASP D 228 -22.54 38.53 7.66
CA ASP D 228 -22.99 39.92 7.66
C ASP D 228 -21.87 40.93 7.88
N LEU D 229 -20.77 40.54 8.53
CA LEU D 229 -19.77 41.51 8.95
C LEU D 229 -18.36 41.19 8.48
N GLY D 230 -18.09 39.98 8.02
CA GLY D 230 -16.76 39.64 7.57
C GLY D 230 -15.91 39.14 8.73
N THR D 231 -14.81 38.47 8.37
CA THR D 231 -14.04 37.83 9.44
C THR D 231 -13.31 38.87 10.29
N GLU D 232 -12.64 39.85 9.65
CA GLU D 232 -11.76 40.72 10.43
C GLU D 232 -12.53 41.54 11.43
N TYR D 233 -13.76 41.97 11.09
CA TYR D 233 -14.55 42.69 12.09
C TYR D 233 -14.89 41.77 13.26
N VAL D 234 -15.47 40.59 12.95
CA VAL D 234 -15.89 39.66 14.00
C VAL D 234 -14.72 39.26 14.88
N HIS D 235 -13.56 39.04 14.27
CA HIS D 235 -12.42 38.55 15.04
C HIS D 235 -11.61 39.68 15.70
N ARG D 236 -12.18 40.87 15.80
CA ARG D 236 -11.75 41.84 16.79
C ARG D 236 -12.25 41.48 18.19
N TYR D 237 -13.37 40.76 18.25
CA TYR D 237 -14.04 40.48 19.51
C TYR D 237 -13.87 39.05 19.98
N VAL D 238 -13.36 38.17 19.13
CA VAL D 238 -13.28 36.75 19.44
C VAL D 238 -12.10 36.16 18.69
N GLY D 239 -11.36 35.27 19.35
CA GLY D 239 -10.19 34.66 18.77
C GLY D 239 -10.55 33.57 17.79
N LYS D 240 -9.51 32.89 17.29
CA LYS D 240 -9.66 31.84 16.30
C LYS D 240 -8.90 30.57 16.60
N GLU D 241 -8.36 30.40 17.81
CA GLU D 241 -7.61 29.20 18.18
C GLU D 241 -8.32 28.45 19.29
N PRO D 242 -8.03 27.16 19.47
CA PRO D 242 -8.45 26.48 20.69
C PRO D 242 -7.57 26.93 21.84
N SER D 243 -8.00 26.62 23.06
CA SER D 243 -7.36 27.22 24.24
C SER D 243 -6.20 26.39 24.77
N GLY D 244 -6.39 25.08 24.91
CA GLY D 244 -5.43 24.21 25.58
C GLY D 244 -6.20 23.55 26.71
N LEU D 245 -6.01 22.23 26.86
CA LEU D 245 -6.92 21.39 27.63
C LEU D 245 -7.00 21.72 29.13
N ARG D 246 -6.14 22.58 29.65
CA ARG D 246 -6.38 23.19 30.96
C ARG D 246 -6.16 24.69 30.88
N PHE D 247 -6.70 25.29 29.82
CA PHE D 247 -7.15 26.68 29.80
C PHE D 247 -8.67 26.71 29.61
N ASN D 248 -9.35 25.60 29.97
CA ASN D 248 -10.80 25.42 29.79
C ASN D 248 -11.61 26.34 30.67
N LYS D 249 -11.09 26.67 31.82
CA LYS D 249 -11.86 27.41 32.79
C LYS D 249 -11.71 28.91 32.60
N LEU D 250 -10.72 29.34 31.79
CA LEU D 250 -10.51 30.77 31.52
C LEU D 250 -11.48 31.30 30.46
N PHE D 251 -11.91 32.55 30.63
CA PHE D 251 -12.87 33.09 29.69
C PHE D 251 -12.18 33.75 28.51
N LEU D 252 -11.10 34.49 28.78
CA LEU D 252 -10.42 35.28 27.78
C LEU D 252 -9.00 34.76 27.56
N ASN D 253 -8.53 34.91 26.32
CA ASN D 253 -7.15 34.60 25.99
C ASN D 253 -6.29 35.79 26.46
N GLU D 254 -5.03 35.85 26.03
CA GLU D 254 -4.17 36.89 26.56
C GLU D 254 -4.36 38.25 25.90
N ASP D 255 -5.09 38.33 24.77
CA ASP D 255 -5.44 39.61 24.17
C ASP D 255 -6.78 40.15 24.66
N ASP D 256 -7.34 39.55 25.71
CA ASP D 256 -8.58 39.99 26.32
C ASP D 256 -9.80 39.85 25.41
N LYS D 257 -9.71 38.88 24.38
CA LYS D 257 -10.78 38.33 23.54
C LYS D 257 -11.10 36.92 24.03
N PRO D 258 -12.35 36.44 23.97
CA PRO D 258 -12.58 35.01 24.23
C PRO D 258 -11.79 34.19 23.23
N HIS D 259 -11.47 32.95 23.59
CA HIS D 259 -10.51 32.20 22.79
C HIS D 259 -11.01 31.97 21.37
N ASN D 260 -12.31 31.74 21.19
CA ASN D 260 -12.87 31.34 19.91
C ASN D 260 -14.40 31.24 20.02
N PRO D 261 -15.10 31.23 18.88
CA PRO D 261 -16.58 31.24 18.91
C PRO D 261 -17.27 29.98 19.45
N MET D 262 -16.59 28.85 19.59
CA MET D 262 -17.26 27.64 20.05
C MET D 262 -17.33 27.51 21.57
N VAL D 263 -16.68 28.40 22.32
CA VAL D 263 -16.71 28.37 23.78
C VAL D 263 -17.80 29.33 24.25
N ASN D 264 -18.31 29.08 25.47
CA ASN D 264 -19.48 29.82 25.94
C ASN D 264 -19.19 31.30 25.97
N ALA D 265 -18.01 31.70 26.46
CA ALA D 265 -17.69 33.12 26.52
C ALA D 265 -17.66 33.74 25.14
N GLY D 266 -17.19 33.01 24.13
CA GLY D 266 -17.10 33.57 22.79
C GLY D 266 -18.40 33.52 22.02
N ALA D 267 -19.19 32.47 22.24
CA ALA D 267 -20.54 32.43 21.70
C ALA D 267 -21.37 33.61 22.19
N ILE D 268 -21.25 33.95 23.48
CA ILE D 268 -21.95 35.12 24.03
C ILE D 268 -21.50 36.40 23.34
N VAL D 269 -20.19 36.59 23.16
CA VAL D 269 -19.72 37.80 22.50
C VAL D 269 -20.20 37.86 21.05
N VAL D 270 -20.15 36.74 20.32
CA VAL D 270 -20.63 36.76 18.95
C VAL D 270 -22.11 37.13 18.91
N THR D 271 -22.90 36.58 19.84
CA THR D 271 -24.31 36.93 19.92
C THR D 271 -24.50 38.43 20.00
N SER D 272 -23.55 39.14 20.58
CA SER D 272 -23.67 40.59 20.70
C SER D 272 -23.25 41.34 19.44
N LEU D 273 -22.85 40.65 18.36
CA LEU D 273 -22.53 41.32 17.11
C LEU D 273 -23.63 41.18 16.05
N ILE D 274 -24.48 40.16 16.17
CA ILE D 274 -25.53 39.88 15.20
C ILE D 274 -26.61 40.94 15.32
N LYS D 275 -26.78 41.73 14.27
CA LYS D 275 -27.97 42.58 14.13
C LYS D 275 -28.03 43.65 15.23
N GLN D 276 -26.95 44.41 15.37
CA GLN D 276 -26.89 45.43 16.40
C GLN D 276 -27.88 46.56 16.09
N GLY D 277 -28.34 47.23 17.15
CA GLY D 277 -29.21 48.38 17.04
C GLY D 277 -30.71 48.10 17.06
N VAL D 278 -31.14 46.90 16.67
CA VAL D 278 -32.54 46.49 16.76
C VAL D 278 -32.75 45.69 18.04
N ASN D 279 -34.01 45.52 18.46
CA ASN D 279 -34.32 44.86 19.73
C ASN D 279 -34.39 43.33 19.57
N ASN D 280 -34.58 42.64 20.70
CA ASN D 280 -34.45 41.18 20.80
C ASN D 280 -35.49 40.40 19.99
N ALA D 281 -36.65 40.99 19.66
CA ALA D 281 -37.64 40.24 18.89
C ALA D 281 -37.23 40.12 17.43
N GLU D 282 -36.79 41.23 16.82
CA GLU D 282 -36.37 41.16 15.43
C GLU D 282 -35.05 40.41 15.30
N LYS D 283 -34.14 40.58 16.26
CA LYS D 283 -32.92 39.77 16.27
C LYS D 283 -33.27 38.30 16.20
N PHE D 284 -34.13 37.83 17.10
CA PHE D 284 -34.57 36.44 17.02
C PHE D 284 -35.23 36.12 15.69
N ASP D 285 -36.06 37.03 15.16
CA ASP D 285 -36.65 36.78 13.85
C ASP D 285 -35.60 36.76 12.75
N TYR D 286 -34.66 37.71 12.76
CA TYR D 286 -33.59 37.73 11.77
C TYR D 286 -32.84 36.41 11.75
N VAL D 287 -32.59 35.83 12.92
CA VAL D 287 -31.84 34.58 12.98
C VAL D 287 -32.70 33.38 12.60
N MET D 288 -33.97 33.35 12.99
CA MET D 288 -34.80 32.18 12.67
C MET D 288 -35.02 32.07 11.15
N GLN D 289 -35.41 33.17 10.50
CA GLN D 289 -35.51 33.18 9.06
C GLN D 289 -34.23 32.65 8.42
N PHE D 290 -33.07 33.02 8.98
CA PHE D 290 -31.79 32.55 8.48
C PHE D 290 -31.67 31.03 8.63
N LEU D 291 -32.02 30.52 9.81
CA LEU D 291 -31.95 29.08 10.02
C LEU D 291 -32.93 28.35 9.11
N ASN D 292 -34.03 29.01 8.73
CA ASN D 292 -35.02 28.36 7.88
C ASN D 292 -34.46 28.16 6.48
N LYS D 293 -33.83 29.20 5.93
CA LYS D 293 -33.17 29.04 4.64
C LYS D 293 -32.11 27.94 4.70
N MET D 294 -31.37 27.86 5.80
CA MET D 294 -30.30 26.86 5.90
C MET D 294 -30.85 25.44 5.92
N ALA D 295 -32.04 25.24 6.48
CA ALA D 295 -32.63 23.91 6.57
C ALA D 295 -33.63 23.64 5.44
N GLY D 296 -33.61 24.43 4.37
CA GLY D 296 -34.57 24.25 3.29
C GLY D 296 -36.01 24.20 3.74
N ASN D 297 -36.35 25.01 4.76
CA ASN D 297 -37.69 25.17 5.31
C ASN D 297 -38.21 23.91 6.00
N GLU D 298 -37.33 23.00 6.41
CA GLU D 298 -37.75 21.89 7.25
C GLU D 298 -37.89 22.41 8.69
N TYR D 299 -38.12 21.53 9.65
CA TYR D 299 -38.55 21.95 10.97
C TYR D 299 -37.44 22.68 11.71
N VAL D 300 -37.66 23.96 12.00
CA VAL D 300 -36.87 24.72 12.96
C VAL D 300 -37.87 25.30 13.96
N GLY D 301 -37.72 24.97 15.23
CA GLY D 301 -38.67 25.43 16.22
C GLY D 301 -38.06 26.11 17.42
N PHE D 302 -38.79 26.15 18.53
CA PHE D 302 -38.33 26.90 19.69
C PHE D 302 -39.00 26.36 20.94
N SER D 303 -38.19 26.08 21.95
CA SER D 303 -38.69 25.58 23.21
C SER D 303 -38.74 26.76 24.15
N ASN D 304 -39.93 27.18 24.53
CA ASN D 304 -39.97 28.19 25.57
C ASN D 304 -39.70 27.59 26.94
N ALA D 305 -40.04 26.32 27.14
CA ALA D 305 -39.74 25.67 28.41
C ALA D 305 -38.25 25.69 28.69
N THR D 306 -37.44 25.19 27.74
CA THR D 306 -36.00 25.18 27.91
C THR D 306 -35.44 26.58 28.13
N PHE D 307 -35.98 27.56 27.39
CA PHE D 307 -35.48 28.92 27.56
C PHE D 307 -35.72 29.43 28.97
N GLN D 308 -36.87 29.11 29.57
CA GLN D 308 -37.15 29.61 30.92
C GLN D 308 -36.24 28.94 31.95
N SER D 309 -35.96 27.65 31.80
CA SER D 309 -35.08 26.97 32.75
C SER D 309 -33.62 27.35 32.55
N GLU D 310 -33.19 27.46 31.30
CA GLU D 310 -31.84 27.94 31.02
C GLU D 310 -31.60 29.34 31.59
N ARG D 311 -32.64 30.17 31.61
CA ARG D 311 -32.52 31.55 32.07
C ARG D 311 -32.32 31.63 33.58
N GLU D 312 -33.11 30.89 34.35
CA GLU D 312 -33.04 30.99 35.80
C GLU D 312 -32.00 30.03 36.42
N SER D 313 -31.23 29.33 35.60
CA SER D 313 -30.20 28.44 36.12
C SER D 313 -28.86 28.70 35.47
N GLY D 314 -28.64 29.90 34.97
CA GLY D 314 -27.44 30.20 34.22
C GLY D 314 -26.50 31.14 34.93
N ASP D 315 -26.15 30.79 36.17
CA ASP D 315 -25.29 31.67 36.95
C ASP D 315 -23.88 31.81 36.35
N ARG D 316 -23.33 30.74 35.75
CA ARG D 316 -22.03 30.88 35.09
C ARG D 316 -22.10 31.80 33.88
N ASN D 317 -23.20 31.74 33.10
CA ASN D 317 -23.30 32.64 31.95
C ASN D 317 -23.45 34.09 32.40
N PHE D 318 -24.21 34.34 33.47
CA PHE D 318 -24.23 35.69 34.00
C PHE D 318 -22.86 36.09 34.53
N ALA D 319 -22.14 35.12 35.13
CA ALA D 319 -20.76 35.35 35.51
C ALA D 319 -19.93 35.76 34.30
N ILE D 320 -20.09 35.04 33.19
CA ILE D 320 -19.34 35.40 31.99
C ILE D 320 -19.72 36.80 31.53
N GLY D 321 -21.03 37.11 31.53
CA GLY D 321 -21.47 38.38 31.00
C GLY D 321 -20.85 39.55 31.74
N TYR D 322 -20.84 39.48 33.07
CA TYR D 322 -20.29 40.59 33.83
C TYR D 322 -18.78 40.69 33.63
N TYR D 323 -18.07 39.57 33.61
CA TYR D 323 -16.64 39.64 33.37
C TYR D 323 -16.33 40.26 32.02
N LEU D 324 -17.15 39.93 31.01
CA LEU D 324 -16.95 40.49 29.67
C LEU D 324 -17.33 41.96 29.62
N LYS D 325 -18.34 42.39 30.39
CA LYS D 325 -18.63 43.82 30.49
C LYS D 325 -17.44 44.56 31.10
N GLU D 326 -16.82 43.99 32.13
CA GLU D 326 -15.73 44.70 32.80
C GLU D 326 -14.55 44.91 31.87
N LYS D 327 -14.21 43.88 31.09
CA LYS D 327 -13.03 43.92 30.23
C LYS D 327 -13.33 44.47 28.84
N LYS D 328 -14.52 45.06 28.67
CA LYS D 328 -14.92 45.80 27.46
C LYS D 328 -14.83 44.95 26.19
N CYS D 329 -15.38 43.73 26.28
CA CYS D 329 -15.33 42.76 25.19
C CYS D 329 -16.44 42.97 24.18
N PHE D 330 -17.55 43.57 24.60
CA PHE D 330 -18.69 43.85 23.75
C PHE D 330 -18.50 45.11 22.91
N PRO D 331 -19.32 45.32 21.90
CA PRO D 331 -19.32 46.60 21.17
C PRO D 331 -20.02 47.71 21.96
N GLU D 332 -19.61 48.95 21.67
CA GLU D 332 -20.12 50.08 22.43
C GLU D 332 -21.63 50.11 22.31
N GLY D 333 -22.30 50.35 23.43
CA GLY D 333 -23.75 50.37 23.40
C GLY D 333 -24.39 49.01 23.56
N THR D 334 -23.68 48.02 24.09
CA THR D 334 -24.26 46.69 24.26
C THR D 334 -25.05 46.64 25.55
N ASP D 335 -26.28 46.13 25.48
CA ASP D 335 -27.07 45.84 26.68
C ASP D 335 -26.71 44.42 27.08
N MET D 336 -25.77 44.30 28.02
CA MET D 336 -25.19 43.02 28.38
C MET D 336 -26.24 42.04 28.87
N VAL D 337 -27.13 42.47 29.77
CA VAL D 337 -28.08 41.49 30.27
C VAL D 337 -29.09 41.10 29.18
N GLY D 338 -29.43 42.03 28.28
CA GLY D 338 -30.29 41.67 27.15
C GLY D 338 -29.67 40.67 26.19
N ILE D 339 -28.36 40.82 25.93
CA ILE D 339 -27.61 39.88 25.09
C ILE D 339 -27.58 38.50 25.73
N LEU D 340 -27.61 38.42 27.06
CA LEU D 340 -27.70 37.12 27.70
C LEU D 340 -29.07 36.47 27.48
N ASP D 341 -30.15 37.29 27.44
CA ASP D 341 -31.46 36.75 27.10
C ASP D 341 -31.48 36.21 25.68
N PHE D 342 -31.06 37.04 24.72
CA PHE D 342 -30.95 36.61 23.33
C PHE D 342 -30.10 35.33 23.20
N TYR D 343 -29.02 35.21 24.01
CA TYR D 343 -28.19 34.02 23.98
C TYR D 343 -28.95 32.78 24.47
N PHE D 344 -29.64 32.89 25.60
CA PHE D 344 -30.44 31.76 26.10
C PHE D 344 -31.50 31.33 25.10
N GLN D 345 -32.13 32.30 24.43
CA GLN D 345 -33.11 31.98 23.39
C GLN D 345 -32.50 31.14 22.28
N LEU D 346 -31.40 31.62 21.67
CA LEU D 346 -30.74 30.86 20.59
C LEU D 346 -30.36 29.46 21.01
N CYS D 347 -30.09 29.23 22.30
CA CYS D 347 -29.77 27.88 22.74
C CYS D 347 -31.00 26.98 22.84
N SER D 348 -32.22 27.54 22.83
CA SER D 348 -33.44 26.75 22.96
C SER D 348 -34.20 26.55 21.65
N ILE D 349 -33.63 26.93 20.51
CA ILE D 349 -34.23 26.65 19.21
C ILE D 349 -34.24 25.14 18.95
N GLU D 350 -35.34 24.63 18.40
CA GLU D 350 -35.54 23.20 18.23
C GLU D 350 -35.32 22.76 16.80
N VAL D 351 -34.77 21.55 16.65
CA VAL D 351 -34.66 20.88 15.36
C VAL D 351 -35.04 19.42 15.55
N THR D 352 -35.29 18.72 14.44
CA THR D 352 -35.21 17.28 14.44
C THR D 352 -33.93 16.87 13.76
N CYS D 353 -33.61 15.58 13.81
CA CYS D 353 -32.45 15.09 13.09
C CYS D 353 -32.55 15.44 11.62
N GLU D 354 -33.73 15.23 11.00
CA GLU D 354 -33.83 15.44 9.56
C GLU D 354 -33.55 16.90 9.22
N SER D 355 -34.21 17.82 9.93
CA SER D 355 -34.07 19.23 9.62
C SER D 355 -32.65 19.73 9.92
N ALA D 356 -32.04 19.25 10.99
CA ALA D 356 -30.70 19.71 11.29
C ALA D 356 -29.70 19.18 10.26
N SER D 357 -29.92 17.97 9.73
CA SER D 357 -28.97 17.41 8.76
C SER D 357 -28.93 18.20 7.44
N VAL D 358 -30.01 18.93 7.13
CA VAL D 358 -29.99 19.85 5.99
C VAL D 358 -29.09 21.06 6.29
N MET D 359 -29.16 21.60 7.52
CA MET D 359 -28.24 22.67 7.93
C MET D 359 -26.79 22.26 7.69
N ALA D 360 -26.42 21.09 8.20
CA ALA D 360 -25.04 20.62 8.09
C ALA D 360 -24.59 20.54 6.64
N ALA D 361 -25.46 20.03 5.75
CA ALA D 361 -25.10 19.95 4.34
C ALA D 361 -24.89 21.31 3.70
N THR D 362 -25.62 22.34 4.15
CA THR D 362 -25.40 23.67 3.58
C THR D 362 -23.98 24.14 3.84
N LEU D 363 -23.44 23.84 5.03
CA LEU D 363 -22.03 24.14 5.31
C LEU D 363 -21.11 23.22 4.51
N ALA D 364 -21.49 21.94 4.39
CA ALA D 364 -20.78 21.01 3.52
C ALA D 364 -20.75 21.49 2.07
N ASN D 365 -21.70 22.34 1.67
CA ASN D 365 -21.97 22.67 0.27
C ASN D 365 -21.59 24.12 -0.09
N GLY D 366 -20.59 24.70 0.59
CA GLY D 366 -20.11 26.03 0.24
C GLY D 366 -21.11 27.14 0.47
N GLY D 367 -22.20 26.85 1.19
CA GLY D 367 -23.18 27.83 1.60
C GLY D 367 -24.51 27.72 0.90
N PHE D 368 -24.65 26.84 -0.10
CA PHE D 368 -25.90 26.68 -0.84
C PHE D 368 -26.70 25.53 -0.23
N CYS D 369 -27.92 25.81 0.20
CA CYS D 369 -28.75 24.74 0.74
C CYS D 369 -29.01 23.69 -0.35
N PRO D 370 -28.67 22.43 -0.11
CA PRO D 370 -28.68 21.47 -1.23
C PRO D 370 -30.08 21.08 -1.70
N ILE D 371 -31.14 21.26 -0.89
CA ILE D 371 -32.48 20.88 -1.35
C ILE D 371 -33.31 22.09 -1.81
N THR D 372 -32.76 23.29 -1.79
CA THR D 372 -33.44 24.40 -2.45
C THR D 372 -32.58 25.12 -3.47
N GLY D 373 -31.26 24.87 -3.51
CA GLY D 373 -30.37 25.62 -4.39
C GLY D 373 -30.13 27.06 -3.97
N GLU D 374 -30.72 27.51 -2.86
CA GLU D 374 -30.59 28.89 -2.40
C GLU D 374 -29.22 29.12 -1.78
N ARG D 375 -28.61 30.27 -2.10
CA ARG D 375 -27.36 30.68 -1.46
C ARG D 375 -27.69 31.30 -0.09
N VAL D 376 -27.23 30.66 1.00
CA VAL D 376 -27.60 31.11 2.34
C VAL D 376 -26.44 31.79 3.07
N LEU D 377 -25.21 31.36 2.86
CA LEU D 377 -24.04 31.90 3.52
C LEU D 377 -22.93 32.14 2.51
N SER D 378 -22.13 33.18 2.77
CA SER D 378 -20.97 33.46 1.94
C SER D 378 -19.93 32.34 2.10
N PRO D 379 -19.15 32.06 1.06
CA PRO D 379 -18.10 31.02 1.19
C PRO D 379 -17.06 31.33 2.26
N GLU D 380 -16.86 32.61 2.56
CA GLU D 380 -16.01 33.03 3.66
C GLU D 380 -16.61 32.62 5.02
N ALA D 381 -17.92 32.77 5.18
CA ALA D 381 -18.54 32.39 6.44
C ALA D 381 -18.48 30.89 6.67
N VAL D 382 -18.67 30.10 5.63
CA VAL D 382 -18.69 28.65 5.80
C VAL D 382 -17.30 28.12 6.05
N ARG D 383 -16.31 28.64 5.30
CA ARG D 383 -14.95 28.15 5.50
C ARG D 383 -14.50 28.40 6.94
N ASN D 384 -14.77 29.59 7.47
CA ASN D 384 -14.34 29.89 8.82
C ASN D 384 -15.03 28.98 9.84
N THR D 385 -16.34 28.79 9.68
CA THR D 385 -17.06 27.99 10.66
C THR D 385 -16.57 26.55 10.65
N LEU D 386 -16.31 25.99 9.46
CA LEU D 386 -15.78 24.63 9.42
C LEU D 386 -14.39 24.56 10.06
N SER D 387 -13.56 25.60 9.86
CA SER D 387 -12.22 25.61 10.44
C SER D 387 -12.25 25.49 11.96
N LEU D 388 -13.21 26.18 12.61
CA LEU D 388 -13.28 26.24 14.06
C LEU D 388 -14.02 25.05 14.64
N MET D 389 -15.00 24.51 13.89
CA MET D 389 -15.64 23.27 14.32
C MET D 389 -14.64 22.13 14.32
N HIS D 390 -13.70 22.15 13.36
CA HIS D 390 -12.63 21.16 13.33
C HIS D 390 -11.84 21.12 14.64
N SER D 391 -11.46 22.29 15.18
CA SER D 391 -10.51 22.36 16.29
C SER D 391 -11.12 22.68 17.64
N CYS D 392 -12.34 23.21 17.69
CA CYS D 392 -12.93 23.66 18.95
C CYS D 392 -14.33 23.12 19.18
N GLY D 393 -14.79 22.17 18.39
CA GLY D 393 -16.20 21.87 18.38
C GLY D 393 -16.70 20.86 19.38
N MET D 394 -15.82 20.09 20.00
CA MET D 394 -16.24 18.94 20.78
C MET D 394 -15.73 19.05 22.21
N TYR D 395 -15.70 20.27 22.73
CA TYR D 395 -15.32 20.55 24.12
C TYR D 395 -13.90 19.99 24.33
N ASP D 396 -13.59 19.45 25.50
CA ASP D 396 -12.26 18.93 25.77
C ASP D 396 -11.89 17.73 24.87
N PHE D 397 -12.85 17.17 24.15
CA PHE D 397 -12.55 16.10 23.20
C PHE D 397 -12.07 16.63 21.84
N SER D 398 -12.00 17.95 21.65
CA SER D 398 -11.69 18.51 20.33
C SER D 398 -10.39 17.95 19.74
N GLY D 399 -9.32 17.94 20.53
CA GLY D 399 -8.05 17.50 20.00
C GLY D 399 -8.07 16.05 19.60
N GLN D 400 -8.63 15.20 20.48
CA GLN D 400 -8.77 13.78 20.16
C GLN D 400 -9.68 13.58 18.97
N PHE D 401 -10.78 14.33 18.90
CA PHE D 401 -11.72 14.17 17.80
C PHE D 401 -11.12 14.59 16.47
N ALA D 402 -10.47 15.76 16.42
CA ALA D 402 -9.87 16.19 15.16
C ALA D 402 -8.87 15.16 14.69
N PHE D 403 -8.08 14.60 15.63
CA PHE D 403 -7.06 13.63 15.28
C PHE D 403 -7.67 12.34 14.74
N HIS D 404 -8.64 11.75 15.44
CA HIS D 404 -9.17 10.44 15.05
C HIS D 404 -10.29 10.52 13.99
N VAL D 405 -11.21 11.49 14.08
CA VAL D 405 -12.30 11.62 13.11
C VAL D 405 -11.96 12.63 12.02
N GLY D 406 -11.36 13.76 12.37
CA GLY D 406 -10.96 14.67 11.34
C GLY D 406 -12.09 15.29 10.55
N LEU D 407 -13.20 15.60 11.19
CA LEU D 407 -14.31 16.25 10.52
C LEU D 407 -14.77 17.46 11.31
N PRO D 408 -15.17 18.53 10.62
CA PRO D 408 -15.84 19.63 11.33
C PRO D 408 -17.10 19.11 12.00
N ALA D 409 -17.16 19.23 13.32
CA ALA D 409 -18.30 18.72 14.08
C ALA D 409 -18.61 19.68 15.22
N LYS D 410 -19.83 19.55 15.75
CA LYS D 410 -20.22 20.35 16.90
C LYS D 410 -21.16 19.55 17.77
N SER D 411 -20.94 19.58 19.08
CA SER D 411 -21.75 18.80 20.00
C SER D 411 -22.58 19.74 20.87
N GLY D 412 -23.62 19.16 21.50
CA GLY D 412 -24.52 19.92 22.35
C GLY D 412 -24.99 19.07 23.52
N VAL D 413 -25.56 19.74 24.53
CA VAL D 413 -25.86 19.07 25.79
C VAL D 413 -27.11 18.19 25.71
N ALA D 414 -28.00 18.49 24.76
CA ALA D 414 -29.19 17.68 24.47
C ALA D 414 -28.86 16.34 23.83
N GLY D 415 -27.63 16.15 23.38
CA GLY D 415 -27.22 14.91 22.76
C GLY D 415 -26.99 14.98 21.27
N GLY D 416 -27.11 16.17 20.65
CA GLY D 416 -26.84 16.29 19.23
C GLY D 416 -25.35 16.37 18.91
N ILE D 417 -24.99 15.88 17.72
CA ILE D 417 -23.68 16.12 17.11
C ILE D 417 -23.94 16.52 15.66
N LEU D 418 -23.77 17.79 15.33
CA LEU D 418 -23.94 18.27 13.97
C LEU D 418 -22.61 18.07 13.23
N LEU D 419 -22.62 17.27 12.15
CA LEU D 419 -21.40 16.74 11.55
C LEU D 419 -21.33 17.07 10.05
N VAL D 420 -20.17 17.50 9.58
CA VAL D 420 -20.04 17.96 8.20
C VAL D 420 -18.91 17.19 7.51
N VAL D 421 -19.21 16.56 6.39
CA VAL D 421 -18.14 16.00 5.57
C VAL D 421 -18.04 16.91 4.36
N PRO D 422 -17.07 17.82 4.34
CA PRO D 422 -17.01 18.80 3.25
C PRO D 422 -17.05 18.15 1.88
N ASN D 423 -17.83 18.77 0.98
CA ASN D 423 -17.99 18.41 -0.43
C ASN D 423 -18.77 17.10 -0.64
N VAL D 424 -19.32 16.52 0.43
CA VAL D 424 -20.08 15.27 0.35
C VAL D 424 -21.44 15.34 1.01
N MET D 425 -21.48 15.64 2.31
CA MET D 425 -22.75 15.52 3.03
C MET D 425 -22.64 16.13 4.41
N GLY D 426 -23.82 16.37 5.00
CA GLY D 426 -23.97 16.75 6.38
C GLY D 426 -24.81 15.72 7.10
N MET D 427 -24.74 15.71 8.41
CA MET D 427 -25.34 14.65 9.21
C MET D 427 -25.70 15.22 10.57
N MET D 428 -26.68 14.61 11.23
CA MET D 428 -26.94 14.95 12.63
C MET D 428 -27.22 13.67 13.37
N CYS D 429 -26.45 13.40 14.42
CA CYS D 429 -26.66 12.26 15.31
C CYS D 429 -27.22 12.80 16.60
N TRP D 430 -28.06 11.98 17.25
CA TRP D 430 -28.73 12.47 18.44
C TRP D 430 -29.04 11.30 19.37
N SER D 431 -28.51 11.37 20.58
CA SER D 431 -28.76 10.43 21.66
C SER D 431 -28.51 11.21 22.95
N PRO D 432 -29.50 11.34 23.83
CA PRO D 432 -29.39 12.25 24.98
C PRO D 432 -28.26 11.90 25.94
N PRO D 433 -27.90 10.62 26.15
CA PRO D 433 -26.90 10.33 27.19
C PRO D 433 -25.53 10.89 26.82
N LEU D 434 -24.98 11.76 27.69
CA LEU D 434 -23.66 12.32 27.45
C LEU D 434 -22.62 11.51 28.19
N ASP D 435 -21.39 11.54 27.68
CA ASP D 435 -20.23 10.97 28.36
C ASP D 435 -19.67 12.03 29.31
N LYS D 436 -18.51 11.74 29.93
CA LYS D 436 -18.03 12.65 30.96
C LYS D 436 -17.43 13.95 30.42
N MET D 437 -17.17 14.06 29.11
CA MET D 437 -16.76 15.33 28.54
C MET D 437 -17.92 16.14 27.94
N GLY D 438 -19.12 15.57 27.83
CA GLY D 438 -20.30 16.26 27.34
C GLY D 438 -20.85 15.85 25.98
N ASN D 439 -20.31 14.80 25.35
CA ASN D 439 -20.65 14.43 23.99
C ASN D 439 -21.52 13.17 24.00
N SER D 440 -22.50 13.10 23.07
CA SER D 440 -23.35 11.92 23.01
C SER D 440 -22.51 10.67 22.84
N VAL D 441 -22.75 9.67 23.69
CA VAL D 441 -21.94 8.46 23.59
C VAL D 441 -22.14 7.79 22.24
N LYS D 442 -23.38 7.51 21.88
CA LYS D 442 -23.66 6.87 20.59
C LYS D 442 -23.19 7.75 19.44
N GLY D 443 -23.34 9.07 19.58
CA GLY D 443 -22.93 9.95 18.50
C GLY D 443 -21.44 9.87 18.22
N ILE D 444 -20.64 9.92 19.30
CA ILE D 444 -19.18 9.82 19.17
C ILE D 444 -18.79 8.44 18.64
N HIS D 445 -19.42 7.39 19.15
CA HIS D 445 -19.17 6.03 18.65
C HIS D 445 -19.45 5.95 17.16
N PHE D 446 -20.61 6.46 16.74
CA PHE D 446 -20.98 6.46 15.34
C PHE D 446 -19.97 7.19 14.48
N CYS D 447 -19.42 8.31 14.98
CA CYS D 447 -18.47 9.06 14.18
C CYS D 447 -17.16 8.31 13.96
N HIS D 448 -16.62 7.67 15.00
CA HIS D 448 -15.44 6.84 14.81
C HIS D 448 -15.71 5.74 13.80
N ASP D 449 -16.82 5.02 14.00
CA ASP D 449 -17.15 3.94 13.07
C ASP D 449 -17.26 4.46 11.65
N LEU D 450 -17.93 5.61 11.47
CA LEU D 450 -18.15 6.14 10.13
C LEU D 450 -16.85 6.34 9.39
N VAL D 451 -15.86 6.96 10.05
CA VAL D 451 -14.62 7.30 9.37
C VAL D 451 -13.66 6.10 9.26
N SER D 452 -13.73 5.13 10.18
CA SER D 452 -12.97 3.90 9.97
C SER D 452 -13.46 3.18 8.71
N LEU D 453 -14.74 3.38 8.36
CA LEU D 453 -15.35 2.71 7.21
C LEU D 453 -15.06 3.44 5.88
N CYS D 454 -15.12 4.77 5.87
CA CYS D 454 -15.06 5.58 4.66
C CYS D 454 -13.89 6.57 4.69
N ASN D 455 -13.30 6.83 3.53
CA ASN D 455 -12.14 7.74 3.47
C ASN D 455 -12.52 9.22 3.61
N PHE D 456 -13.42 9.53 4.56
CA PHE D 456 -13.93 10.88 4.77
C PHE D 456 -13.08 11.73 5.71
N HIS D 457 -12.19 11.11 6.50
CA HIS D 457 -11.27 11.86 7.35
C HIS D 457 -10.59 12.95 6.54
N ASN D 458 -10.44 14.10 7.16
CA ASN D 458 -9.92 15.28 6.48
C ASN D 458 -8.62 15.02 5.71
N TYR D 459 -7.75 14.15 6.22
CA TYR D 459 -6.46 13.93 5.59
C TYR D 459 -6.32 12.47 5.15
N ASP D 460 -7.44 11.78 4.94
CA ASP D 460 -7.43 10.56 4.13
C ASP D 460 -7.09 10.93 2.70
N ASN D 461 -6.51 9.98 1.97
CA ASN D 461 -6.19 10.24 0.57
C ASN D 461 -7.37 9.82 -0.30
N LEU D 462 -7.70 10.64 -1.29
CA LEU D 462 -8.80 10.32 -2.20
C LEU D 462 -8.41 9.31 -3.27
N ARG D 463 -7.13 8.92 -3.32
CA ARG D 463 -6.58 7.97 -4.28
C ARG D 463 -5.99 6.71 -3.62
N HIS D 464 -5.21 6.83 -2.53
CA HIS D 464 -4.61 5.66 -1.88
C HIS D 464 -5.09 5.54 -0.43
N PHE D 465 -6.29 4.95 -0.25
CA PHE D 465 -6.99 4.92 1.03
C PHE D 465 -7.11 3.52 1.63
N ALA D 466 -6.19 2.62 1.28
CA ALA D 466 -6.04 1.34 1.99
C ALA D 466 -7.31 0.53 1.79
N LYS D 467 -7.93 -0.01 2.85
CA LYS D 467 -9.11 -0.85 2.73
C LYS D 467 -10.40 -0.10 3.06
N LYS D 468 -10.35 1.23 3.20
CA LYS D 468 -11.58 1.96 3.40
C LYS D 468 -12.40 2.05 2.11
N LEU D 469 -13.72 2.07 2.28
CA LEU D 469 -14.68 2.24 1.18
C LEU D 469 -14.76 3.71 0.77
N ASP D 470 -15.03 3.95 -0.53
CA ASP D 470 -15.21 5.32 -1.02
C ASP D 470 -16.57 5.45 -1.68
N PRO D 471 -17.56 6.03 -0.99
CA PRO D 471 -18.89 6.20 -1.61
C PRO D 471 -18.93 7.23 -2.73
N ARG D 472 -17.83 7.92 -3.00
CA ARG D 472 -17.81 8.83 -4.13
C ARG D 472 -17.48 8.14 -5.45
N ARG D 473 -17.06 6.88 -5.43
CA ARG D 473 -16.76 6.06 -6.61
C ARG D 473 -17.70 4.85 -6.69
N GLU D 474 -17.54 4.06 -7.74
CA GLU D 474 -18.37 2.85 -7.91
C GLU D 474 -17.54 1.57 -7.86
N GLY D 475 -16.95 1.16 -8.98
CA GLY D 475 -16.16 -0.07 -9.03
C GLY D 475 -14.67 0.16 -9.01
C10 Q9V E . -9.79 -19.41 48.71
C13 Q9V E . -8.43 -21.89 48.60
C15 Q9V E . -8.57 -17.21 47.92
C20 Q9V E . -10.68 -12.81 49.03
C21 Q9V E . -11.31 -12.81 47.63
C01 Q9V E . -16.83 -24.27 49.15
C02 Q9V E . -15.36 -23.90 49.28
C04 Q9V E . -13.28 -22.98 48.18
C07 Q9V E . -10.90 -22.23 48.69
C09 Q9V E . -9.87 -20.41 49.83
C11 Q9V E . -8.38 -19.50 48.34
C12 Q9V E . -8.21 -20.76 47.61
C18 Q9V E . -9.46 -15.01 48.86
N03 Q9V E . -14.67 -23.35 48.15
N05 Q9V E . -12.40 -22.96 47.15
N06 Q9V E . -11.14 -22.56 47.42
N08 Q9V E . -9.70 -21.74 49.29
N16 Q9V E . -9.23 -16.40 47.08
N17 Q9V E . -9.68 -15.25 47.57
N19 Q9V E . -9.85 -13.84 49.58
O14 Q9V E . -8.00 -18.45 47.50
O22 Q9V E . -10.93 -11.86 49.74
O25 Q9V E . -14.81 -24.10 50.34
S23 Q9V E . -8.58 -16.38 49.45
S24 Q9V E . -12.37 -22.44 49.55
C10 Q9V F . 8.23 23.54 33.00
C13 Q9V F . 10.94 24.29 33.14
C15 Q9V F . 7.45 21.13 33.60
C20 Q9V F . 3.03 19.34 33.61
C21 Q9V F . 3.98 18.29 34.20
C01 Q9V F . 7.88 32.49 33.00
C02 Q9V F . 8.66 31.17 33.01
C04 Q9V F . 8.72 28.76 33.68
C07 Q9V F . 9.65 26.44 33.17
C09 Q9V F . 8.80 24.52 32.01
C11 Q9V F . 9.29 22.52 33.04
C12 Q9V F . 10.32 23.11 33.88
C18 Q9V F . 4.93 20.83 33.44
N03 Q9V F . 8.05 30.04 33.65
N05 Q9V F . 9.45 28.17 34.65
N06 Q9V F . 9.93 26.93 34.38
N08 Q9V F . 9.97 25.20 32.55
N16 Q9V F . 6.73 21.32 34.72
N17 Q9V F . 5.41 21.17 34.65
N19 Q9V F . 3.54 20.62 33.21
O14 Q9V F . 8.86 21.26 33.53
O22 Q9V F . 1.86 19.11 33.45
O25 Q9V F . 9.78 31.08 32.50
S23 Q9V F . 6.29 20.70 32.37
S24 Q9V F . 8.72 27.65 32.39
#